data_3P83
#
_entry.id   3P83
#
_cell.length_a   149.670
_cell.length_b   152.030
_cell.length_c   90.160
_cell.angle_alpha   90.00
_cell.angle_beta   90.00
_cell.angle_gamma   90.00
#
_symmetry.space_group_name_H-M   'P 21 21 2'
#
loop_
_entity.id
_entity.type
_entity.pdbx_description
1 polymer 'DNA polymerase sliding clamp'
2 polymer 'Ribonuclease HII'
#
loop_
_entity_poly.entity_id
_entity_poly.type
_entity_poly.pdbx_seq_one_letter_code
_entity_poly.pdbx_strand_id
1 'polypeptide(L)'
;MIDVIMTGELLKTVTRAIVALVSEARIHFLEKGLHSRAVDPANVAMVIVDIPKDSFEVYNIDEEKTIGVDMDRIFDISKS
ISTKDLVELIVEDESTLKVKFGSVEYKVALIDPSAIRKEPRIPELELPAKIVMDAGEFKKAIAAADKISDQVIFRSDKEG
FRIEAKGDVDSIVFHMTETELIEFNGGEARSMFSVDYLKEFCKVAGSGDLLTIHLGTNYPVRLVFELVGGRAKVEYILAP
RIESE
;
A,B,C
2 'polypeptide(L)'
;GPLGSPEFPGRLMKAGIDEAGKGCVIGPLVVAGVACSDEDRLRKLGVKDSKKLSQGRREELAEEIRKICRTEVLKVSPEN
LDERMAAKTINEILKECYAEIILRLKPEIAYVDSPDVIPERLSRELEEITGLRVVAEHKADEKYPLVAAASIIAKVERER
EIERLKEKFGDFGSGYASDPRTREVLKEWIASGRIPSCVRMRWKTVSNLRQKTLDDF
;
D,E,F
#
# COMPACT_ATOMS: atom_id res chain seq x y z
N MET A 1 37.34 9.02 23.83
CA MET A 1 37.72 7.63 23.52
C MET A 1 37.71 7.40 22.01
N ILE A 2 36.56 7.74 21.35
CA ILE A 2 36.38 7.57 19.91
C ILE A 2 36.00 8.91 19.30
N ASP A 3 36.77 9.36 18.30
CA ASP A 3 36.46 10.58 17.59
C ASP A 3 36.86 10.46 16.13
N VAL A 4 35.89 10.18 15.28
CA VAL A 4 36.10 10.02 13.84
C VAL A 4 35.29 11.03 13.04
N ILE A 5 35.77 11.35 11.85
CA ILE A 5 35.12 12.27 10.92
C ILE A 5 35.12 11.59 9.56
N MET A 6 33.93 11.37 9.02
CA MET A 6 33.77 10.73 7.72
C MET A 6 32.82 11.54 6.87
N THR A 7 32.73 11.20 5.60
CA THR A 7 31.81 11.87 4.70
C THR A 7 30.42 11.25 4.92
N GLY A 8 29.40 11.98 4.51
CA GLY A 8 28.05 11.49 4.59
C GLY A 8 27.86 10.22 3.79
N GLU A 9 28.40 10.20 2.54
CA GLU A 9 28.36 9.07 1.62
C GLU A 9 28.85 7.79 2.32
N LEU A 10 30.00 7.90 3.01
CA LEU A 10 30.61 6.80 3.71
C LEU A 10 29.71 6.26 4.82
N LEU A 11 29.19 7.16 5.68
CA LEU A 11 28.30 6.77 6.79
C LEU A 11 26.98 6.21 6.29
N LYS A 12 26.38 6.85 5.27
CA LYS A 12 25.11 6.41 4.68
C LYS A 12 25.28 5.02 4.06
N THR A 13 26.50 4.68 3.60
CA THR A 13 26.80 3.38 3.00
C THR A 13 26.80 2.24 4.04
N VAL A 14 27.61 2.40 5.11
CA VAL A 14 27.74 1.45 6.22
C VAL A 14 26.38 1.14 6.88
N THR A 15 25.59 2.18 7.15
CA THR A 15 24.31 2.03 7.83
C THR A 15 23.31 1.29 6.96
N ARG A 16 23.21 1.64 5.68
CA ARG A 16 22.27 0.99 4.76
C ARG A 16 22.61 -0.47 4.62
N ALA A 17 23.89 -0.78 4.37
CA ALA A 17 24.36 -2.14 4.19
C ALA A 17 23.93 -3.02 5.37
N ILE A 18 24.09 -2.51 6.59
CA ILE A 18 23.77 -3.24 7.83
C ILE A 18 22.29 -3.37 8.09
N VAL A 19 21.59 -2.25 8.05
CA VAL A 19 20.15 -2.15 8.29
C VAL A 19 19.34 -3.13 7.41
N ALA A 20 19.92 -3.54 6.27
CA ALA A 20 19.32 -4.50 5.34
C ALA A 20 19.01 -5.84 6.01
N LEU A 21 19.81 -6.24 7.02
CA LEU A 21 19.65 -7.52 7.68
C LEU A 21 19.29 -7.47 9.14
N VAL A 22 19.81 -6.49 9.87
CA VAL A 22 19.59 -6.35 11.32
C VAL A 22 19.18 -4.95 11.71
N SER A 23 18.62 -4.84 12.91
CA SER A 23 18.17 -3.57 13.48
C SER A 23 19.24 -2.98 14.42
N GLU A 24 19.92 -3.83 15.19
CA GLU A 24 20.98 -3.45 16.11
C GLU A 24 22.26 -4.15 15.63
N ALA A 25 23.41 -3.57 15.94
CA ALA A 25 24.67 -4.18 15.55
C ALA A 25 25.85 -3.73 16.40
N ARG A 26 26.90 -4.54 16.40
CA ARG A 26 28.11 -4.16 17.10
C ARG A 26 28.99 -3.51 16.05
N ILE A 27 29.48 -2.31 16.37
CA ILE A 27 30.41 -1.58 15.51
C ILE A 27 31.77 -1.61 16.19
N HIS A 28 32.79 -2.11 15.48
CA HIS A 28 34.16 -2.22 15.97
C HIS A 28 35.04 -1.14 15.39
N PHE A 29 35.70 -0.40 16.28
CA PHE A 29 36.65 0.65 15.91
C PHE A 29 37.99 0.06 16.16
N LEU A 30 38.61 -0.43 15.11
CA LEU A 30 39.90 -1.08 15.20
C LEU A 30 41.03 -0.15 14.77
N GLU A 31 42.29 -0.56 14.97
CA GLU A 31 43.40 0.24 14.52
C GLU A 31 43.25 0.41 12.99
N LYS A 32 43.04 -0.74 12.31
CA LYS A 32 42.76 -1.00 10.89
C LYS A 32 41.76 0.03 10.32
N GLY A 33 40.67 0.26 11.09
CA GLY A 33 39.53 1.10 10.74
C GLY A 33 38.24 0.55 11.32
N LEU A 34 37.09 0.99 10.77
CA LEU A 34 35.72 0.60 11.13
C LEU A 34 35.48 -0.82 10.66
N HIS A 35 34.77 -1.61 11.47
CA HIS A 35 34.37 -2.96 11.12
C HIS A 35 33.05 -3.30 11.78
N SER A 36 32.18 -3.97 11.06
CA SER A 36 30.89 -4.36 11.58
C SER A 36 30.35 -5.51 10.79
N ARG A 37 29.82 -6.52 11.50
CA ARG A 37 29.22 -7.69 10.89
C ARG A 37 27.93 -8.07 11.59
N ALA A 38 27.01 -8.69 10.84
CA ALA A 38 25.73 -9.12 11.35
C ALA A 38 25.13 -10.23 10.53
N VAL A 39 24.28 -11.03 11.15
CA VAL A 39 23.54 -12.10 10.47
C VAL A 39 22.08 -11.76 10.66
N ASP A 40 21.24 -11.89 9.63
CA ASP A 40 19.82 -11.63 9.79
C ASP A 40 19.22 -12.70 10.75
N PRO A 41 18.08 -12.43 11.42
CA PRO A 41 17.52 -13.45 12.32
C PRO A 41 17.33 -14.84 11.72
N ALA A 42 17.02 -14.90 10.41
CA ALA A 42 16.83 -16.15 9.67
C ALA A 42 18.10 -17.05 9.62
N ASN A 43 19.27 -16.42 9.82
CA ASN A 43 20.60 -16.97 9.73
C ASN A 43 20.94 -17.37 8.26
N VAL A 44 20.25 -16.74 7.29
CA VAL A 44 20.40 -17.00 5.86
C VAL A 44 21.44 -16.09 5.21
N ALA A 45 21.47 -14.82 5.64
CA ALA A 45 22.41 -13.85 5.09
C ALA A 45 23.27 -13.20 6.14
N MET A 46 24.48 -12.82 5.72
CA MET A 46 25.46 -12.15 6.57
C MET A 46 26.01 -10.93 5.83
N VAL A 47 26.27 -9.86 6.57
CA VAL A 47 26.88 -8.65 6.00
C VAL A 47 28.16 -8.33 6.78
N ILE A 48 29.23 -7.97 6.08
CA ILE A 48 30.51 -7.61 6.68
C ILE A 48 30.93 -6.26 6.09
N VAL A 49 30.99 -5.23 6.93
CA VAL A 49 31.38 -3.89 6.52
C VAL A 49 32.76 -3.55 7.03
N ASP A 50 33.59 -3.01 6.14
CA ASP A 50 34.93 -2.60 6.45
C ASP A 50 35.24 -1.26 5.83
N ILE A 51 35.50 -0.25 6.67
CA ILE A 51 35.88 1.09 6.23
C ILE A 51 37.28 1.35 6.77
N PRO A 52 38.34 1.18 5.95
CA PRO A 52 39.71 1.39 6.45
C PRO A 52 39.97 2.81 6.89
N LYS A 53 40.79 2.98 7.94
CA LYS A 53 41.09 4.29 8.50
C LYS A 53 41.44 5.38 7.50
N ASP A 54 42.16 5.05 6.39
CA ASP A 54 42.55 6.06 5.38
C ASP A 54 41.37 6.65 4.61
N SER A 55 40.17 6.03 4.74
CA SER A 55 38.93 6.49 4.14
C SER A 55 38.36 7.65 4.98
N PHE A 56 38.58 7.61 6.30
CA PHE A 56 38.16 8.65 7.23
C PHE A 56 39.01 9.89 7.04
N GLU A 57 38.42 11.06 7.25
CA GLU A 57 39.17 12.33 7.18
C GLU A 57 39.98 12.42 8.45
N VAL A 58 39.34 11.99 9.55
CA VAL A 58 39.92 11.94 10.89
C VAL A 58 39.50 10.61 11.48
N TYR A 59 40.42 9.93 12.17
CA TYR A 59 40.15 8.65 12.79
C TYR A 59 40.98 8.52 14.07
N ASN A 60 40.44 9.00 15.20
CA ASN A 60 41.17 8.95 16.47
C ASN A 60 40.53 8.09 17.50
N ILE A 61 41.29 7.12 17.97
CA ILE A 61 40.87 6.20 19.02
C ILE A 61 42.00 6.05 20.02
N ASP A 62 41.61 5.80 21.27
CA ASP A 62 42.54 5.64 22.37
C ASP A 62 42.86 4.15 22.52
N GLU A 63 41.84 3.33 22.28
CA GLU A 63 41.92 1.87 22.36
C GLU A 63 40.94 1.32 21.33
N GLU A 64 41.02 0.03 21.04
CA GLU A 64 40.05 -0.57 20.12
C GLU A 64 38.80 -0.83 20.95
N LYS A 65 37.70 -0.20 20.56
CA LYS A 65 36.44 -0.25 21.29
C LYS A 65 35.37 -0.87 20.42
N THR A 66 34.35 -1.47 21.06
CA THR A 66 33.18 -2.03 20.40
C THR A 66 31.97 -1.37 21.04
N ILE A 67 30.98 -1.01 20.23
CA ILE A 67 29.77 -0.35 20.72
C ILE A 67 28.53 -1.02 20.17
N GLY A 68 27.45 -0.95 20.94
CA GLY A 68 26.17 -1.47 20.52
C GLY A 68 25.37 -0.34 19.93
N VAL A 69 25.03 -0.44 18.64
CA VAL A 69 24.31 0.65 17.95
C VAL A 69 22.93 0.26 17.46
N ASP A 70 21.97 1.18 17.60
CA ASP A 70 20.64 1.01 17.02
C ASP A 70 20.78 1.50 15.57
N MET A 71 20.97 0.57 14.64
CA MET A 71 21.15 0.86 13.22
C MET A 71 19.94 1.51 12.55
N ASP A 72 18.73 1.17 13.00
CA ASP A 72 17.53 1.78 12.46
C ASP A 72 17.55 3.28 12.73
N ARG A 73 17.94 3.70 13.96
CA ARG A 73 18.03 5.12 14.35
C ARG A 73 19.18 5.84 13.66
N ILE A 74 20.34 5.16 13.47
CA ILE A 74 21.48 5.78 12.77
C ILE A 74 21.16 5.94 11.29
N PHE A 75 20.51 4.93 10.69
CA PHE A 75 20.11 4.97 9.30
C PHE A 75 19.17 6.14 9.09
N ASP A 76 18.11 6.19 9.92
CA ASP A 76 17.11 7.24 9.85
C ASP A 76 17.74 8.62 9.93
N ILE A 77 18.74 8.79 10.80
CA ILE A 77 19.46 10.04 10.97
C ILE A 77 20.35 10.39 9.80
N SER A 78 21.06 9.41 9.24
CA SER A 78 21.97 9.62 8.11
C SER A 78 21.29 10.14 6.83
N LYS A 79 19.95 10.02 6.75
CA LYS A 79 19.20 10.52 5.61
C LYS A 79 19.24 12.06 5.60
N SER A 80 19.44 12.66 6.79
CA SER A 80 19.54 14.11 6.98
C SER A 80 20.94 14.62 6.64
N ILE A 81 21.91 13.70 6.57
CA ILE A 81 23.29 14.03 6.26
C ILE A 81 23.47 14.02 4.74
N SER A 82 24.15 15.05 4.20
CA SER A 82 24.40 15.16 2.77
C SER A 82 25.58 14.28 2.37
N THR A 83 25.62 13.85 1.10
CA THR A 83 26.68 13.00 0.52
C THR A 83 28.05 13.62 0.72
N LYS A 84 28.18 14.90 0.36
CA LYS A 84 29.45 15.63 0.43
C LYS A 84 29.66 16.26 1.81
N ASP A 85 28.66 16.18 2.69
CA ASP A 85 28.69 16.71 4.05
C ASP A 85 29.63 15.87 4.88
N LEU A 86 30.28 16.49 5.88
CA LEU A 86 31.16 15.76 6.79
C LEU A 86 30.47 15.52 8.11
N VAL A 87 30.51 14.27 8.57
CA VAL A 87 29.89 13.87 9.83
C VAL A 87 30.92 13.38 10.84
N GLU A 88 30.79 13.86 12.10
CA GLU A 88 31.66 13.48 13.20
C GLU A 88 30.96 12.54 14.17
N LEU A 89 31.56 11.38 14.41
CA LEU A 89 31.04 10.42 15.37
C LEU A 89 31.91 10.50 16.61
N ILE A 90 31.29 10.69 17.77
CA ILE A 90 32.04 10.83 19.03
C ILE A 90 31.48 9.94 20.13
N VAL A 91 32.37 9.24 20.84
CA VAL A 91 32.01 8.40 21.98
C VAL A 91 32.92 8.77 23.14
N GLU A 92 32.43 9.68 24.01
CA GLU A 92 33.19 10.12 25.18
C GLU A 92 32.89 9.19 26.34
N ASP A 93 31.63 9.16 26.80
CA ASP A 93 31.17 8.29 27.89
C ASP A 93 30.83 6.92 27.30
N GLU A 94 30.51 5.93 28.15
CA GLU A 94 30.17 4.57 27.70
C GLU A 94 28.66 4.29 27.55
N SER A 95 27.86 5.33 27.28
CA SER A 95 26.43 5.12 27.14
C SER A 95 25.76 5.89 26.01
N THR A 96 26.45 6.89 25.43
CA THR A 96 25.87 7.68 24.35
C THR A 96 26.82 7.91 23.17
N LEU A 97 26.25 7.90 21.97
CA LEU A 97 26.96 8.15 20.73
C LEU A 97 26.54 9.54 20.19
N LYS A 98 27.53 10.38 19.89
CA LYS A 98 27.29 11.71 19.35
C LYS A 98 27.55 11.73 17.86
N VAL A 99 26.57 12.23 17.09
CA VAL A 99 26.66 12.33 15.64
C VAL A 99 26.54 13.81 15.25
N LYS A 100 27.65 14.42 14.80
CA LYS A 100 27.67 15.82 14.42
C LYS A 100 27.79 16.03 12.93
N PHE A 101 27.00 16.96 12.40
CA PHE A 101 27.04 17.37 11.00
C PHE A 101 26.30 18.67 10.91
N GLY A 102 26.89 19.64 10.24
CA GLY A 102 26.32 20.97 10.16
C GLY A 102 26.16 21.58 11.54
N SER A 103 25.03 22.29 11.76
CA SER A 103 24.74 22.90 13.06
C SER A 103 23.91 21.97 13.95
N VAL A 104 23.85 20.67 13.61
CA VAL A 104 23.07 19.63 14.30
C VAL A 104 23.92 18.64 15.08
N GLU A 105 23.55 18.40 16.35
CA GLU A 105 24.20 17.40 17.19
C GLU A 105 23.13 16.41 17.62
N TYR A 106 23.33 15.16 17.24
CA TYR A 106 22.42 14.09 17.57
C TYR A 106 23.09 13.15 18.58
N LYS A 107 22.39 12.88 19.68
CA LYS A 107 22.89 12.01 20.74
C LYS A 107 21.98 10.78 20.84
N VAL A 108 22.58 9.59 20.98
CA VAL A 108 21.82 8.36 21.06
C VAL A 108 22.41 7.41 22.06
N ALA A 109 21.53 6.80 22.85
CA ALA A 109 21.91 5.82 23.86
C ALA A 109 22.49 4.61 23.16
N LEU A 110 23.66 4.16 23.65
CA LEU A 110 24.34 3.00 23.11
C LEU A 110 23.68 1.78 23.70
N ILE A 111 23.83 0.64 23.01
CA ILE A 111 23.30 -0.63 23.50
C ILE A 111 24.47 -1.37 24.12
N ASP A 112 24.23 -2.07 25.23
CA ASP A 112 25.26 -2.88 25.87
C ASP A 112 25.58 -3.96 24.85
N PRO A 113 26.80 -3.96 24.26
CA PRO A 113 27.12 -4.97 23.23
C PRO A 113 26.74 -6.41 23.56
N SER A 114 26.87 -6.85 24.85
CA SER A 114 26.50 -8.19 25.29
C SER A 114 24.99 -8.45 25.17
N ALA A 115 24.20 -7.37 25.02
CA ALA A 115 22.75 -7.47 24.87
C ALA A 115 22.37 -7.75 23.41
N ILE A 116 23.28 -7.48 22.46
CA ILE A 116 23.07 -7.73 21.02
C ILE A 116 23.43 -9.18 20.74
N ARG A 117 22.66 -9.80 19.84
CA ARG A 117 22.86 -11.17 19.40
C ARG A 117 24.32 -11.43 19.05
N LYS A 118 24.86 -12.52 19.62
CA LYS A 118 26.23 -12.98 19.45
C LYS A 118 26.75 -12.71 18.08
N GLU A 119 27.89 -12.02 18.01
CA GLU A 119 28.58 -11.66 16.78
C GLU A 119 28.82 -12.91 15.94
N PRO A 120 28.45 -12.88 14.64
CA PRO A 120 28.71 -14.04 13.80
C PRO A 120 30.20 -14.26 13.55
N ARG A 121 30.57 -15.51 13.28
CA ARG A 121 31.92 -15.87 12.90
C ARG A 121 31.93 -15.71 11.36
N ILE A 122 33.03 -15.20 10.77
CA ILE A 122 33.16 -15.13 9.30
C ILE A 122 33.32 -16.57 8.85
N PRO A 123 32.38 -17.07 8.02
CA PRO A 123 32.44 -18.48 7.62
C PRO A 123 33.65 -18.82 6.78
N GLU A 124 34.10 -20.08 6.91
CA GLU A 124 35.24 -20.63 6.18
C GLU A 124 34.66 -21.33 4.98
N LEU A 125 34.74 -20.66 3.83
CA LEU A 125 34.16 -21.15 2.59
C LEU A 125 35.22 -21.32 1.53
N GLU A 126 35.38 -22.57 1.04
CA GLU A 126 36.33 -22.87 -0.02
C GLU A 126 35.50 -22.82 -1.31
N LEU A 127 35.71 -21.74 -2.11
CA LEU A 127 34.91 -21.55 -3.30
C LEU A 127 35.70 -21.48 -4.61
N PRO A 128 35.49 -22.48 -5.49
CA PRO A 128 36.23 -22.58 -6.78
C PRO A 128 36.22 -21.37 -7.71
N ALA A 129 35.03 -20.93 -8.15
CA ALA A 129 34.85 -19.80 -9.05
C ALA A 129 35.08 -18.45 -8.36
N LYS A 130 35.77 -17.54 -9.08
CA LYS A 130 36.07 -16.18 -8.64
C LYS A 130 35.71 -15.25 -9.81
N ILE A 131 34.68 -14.41 -9.63
CA ILE A 131 34.21 -13.52 -10.71
C ILE A 131 34.26 -12.07 -10.27
N VAL A 132 34.85 -11.22 -11.11
CA VAL A 132 34.93 -9.78 -10.84
C VAL A 132 34.23 -9.02 -11.98
N MET A 133 33.18 -8.28 -11.63
CA MET A 133 32.42 -7.52 -12.61
C MET A 133 31.93 -6.19 -12.05
N ASP A 134 31.22 -5.41 -12.89
CA ASP A 134 30.64 -4.15 -12.45
C ASP A 134 29.38 -4.44 -11.67
N ALA A 135 29.29 -3.90 -10.44
CA ALA A 135 28.11 -4.11 -9.58
C ALA A 135 26.83 -3.65 -10.25
N GLY A 136 26.93 -2.60 -11.07
CA GLY A 136 25.79 -2.08 -11.82
C GLY A 136 25.21 -3.12 -12.76
N GLU A 137 26.07 -3.82 -13.49
CA GLU A 137 25.65 -4.87 -14.40
C GLU A 137 24.92 -5.96 -13.63
N PHE A 138 25.55 -6.43 -12.54
CA PHE A 138 24.98 -7.44 -11.66
C PHE A 138 23.60 -7.02 -11.18
N LYS A 139 23.48 -5.77 -10.71
CA LYS A 139 22.23 -5.20 -10.24
C LYS A 139 21.14 -5.32 -11.32
N LYS A 140 21.47 -4.97 -12.58
CA LYS A 140 20.54 -5.05 -13.70
C LYS A 140 20.14 -6.50 -13.98
N ALA A 141 21.10 -7.45 -13.86
CA ALA A 141 20.85 -8.87 -14.11
C ALA A 141 19.85 -9.40 -13.10
N ILE A 142 20.04 -9.05 -11.80
CA ILE A 142 19.13 -9.48 -10.73
C ILE A 142 17.73 -8.91 -10.94
N ALA A 143 17.63 -7.63 -11.33
CA ALA A 143 16.37 -6.97 -11.60
C ALA A 143 15.63 -7.66 -12.73
N ALA A 144 16.35 -8.02 -13.81
CA ALA A 144 15.79 -8.70 -14.95
C ALA A 144 15.27 -10.06 -14.47
N ALA A 145 16.12 -10.83 -13.79
CA ALA A 145 15.77 -12.13 -13.24
C ALA A 145 14.54 -12.05 -12.34
N ASP A 146 14.46 -11.00 -11.52
CA ASP A 146 13.35 -10.76 -10.61
C ASP A 146 11.96 -10.73 -11.30
N LYS A 147 11.93 -10.42 -12.59
CA LYS A 147 10.70 -10.37 -13.36
C LYS A 147 10.26 -11.76 -13.79
N ILE A 148 11.11 -12.77 -13.59
CA ILE A 148 10.87 -14.15 -14.01
C ILE A 148 10.64 -15.10 -12.84
N SER A 149 11.56 -15.13 -11.87
CA SER A 149 11.48 -16.04 -10.74
C SER A 149 11.75 -15.40 -9.39
N ASP A 150 11.60 -16.22 -8.34
CA ASP A 150 11.85 -15.88 -6.95
C ASP A 150 13.25 -16.40 -6.56
N GLN A 151 13.88 -17.11 -7.51
CA GLN A 151 15.22 -17.68 -7.39
C GLN A 151 15.99 -17.70 -8.71
N VAL A 152 17.34 -17.63 -8.60
CA VAL A 152 18.26 -17.69 -9.74
C VAL A 152 19.37 -18.68 -9.50
N ILE A 153 20.00 -19.13 -10.59
CA ILE A 153 21.18 -20.00 -10.55
C ILE A 153 22.39 -19.18 -10.93
N PHE A 154 23.48 -19.33 -10.15
CA PHE A 154 24.74 -18.71 -10.44
C PHE A 154 25.58 -19.86 -10.96
N ARG A 155 25.92 -19.81 -12.25
CA ARG A 155 26.67 -20.85 -12.95
C ARG A 155 28.00 -20.32 -13.37
N SER A 156 29.01 -21.18 -13.28
CA SER A 156 30.36 -20.82 -13.68
C SER A 156 31.17 -22.03 -14.15
N ASP A 157 31.90 -21.84 -15.24
CA ASP A 157 32.79 -22.82 -15.85
C ASP A 157 33.75 -22.07 -16.78
N LYS A 158 34.49 -22.81 -17.62
CA LYS A 158 35.44 -22.21 -18.57
C LYS A 158 34.80 -21.24 -19.58
N GLU A 159 33.50 -21.45 -19.91
CA GLU A 159 32.77 -20.60 -20.86
C GLU A 159 32.57 -19.21 -20.28
N GLY A 160 32.30 -19.13 -18.98
CA GLY A 160 32.07 -17.87 -18.32
C GLY A 160 31.13 -17.95 -17.14
N PHE A 161 30.55 -16.81 -16.79
CA PHE A 161 29.64 -16.70 -15.67
C PHE A 161 28.21 -16.47 -16.16
N ARG A 162 27.24 -17.14 -15.51
CA ARG A 162 25.83 -17.07 -15.87
C ARG A 162 24.92 -16.91 -14.68
N ILE A 163 23.89 -16.08 -14.84
CA ILE A 163 22.80 -15.88 -13.88
C ILE A 163 21.57 -16.27 -14.69
N GLU A 164 20.85 -17.30 -14.24
CA GLU A 164 19.67 -17.76 -14.97
C GLU A 164 18.46 -17.92 -14.10
N ALA A 165 17.28 -17.59 -14.67
CA ALA A 165 16.01 -17.66 -13.96
C ALA A 165 15.00 -18.30 -14.90
N LYS A 166 14.11 -19.15 -14.37
CA LYS A 166 13.10 -19.84 -15.18
C LYS A 166 11.70 -19.63 -14.63
N GLY A 167 10.78 -19.33 -15.52
CA GLY A 167 9.38 -19.19 -15.21
C GLY A 167 8.66 -20.35 -15.87
N ASP A 168 7.34 -20.37 -15.79
CA ASP A 168 6.59 -21.48 -16.39
C ASP A 168 6.45 -21.30 -17.87
N VAL A 169 6.50 -20.03 -18.32
CA VAL A 169 6.30 -19.67 -19.72
C VAL A 169 7.47 -18.90 -20.36
N ASP A 170 8.43 -18.45 -19.53
CA ASP A 170 9.56 -17.69 -20.03
C ASP A 170 10.80 -17.94 -19.20
N SER A 171 11.95 -17.46 -19.67
CA SER A 171 13.21 -17.59 -18.95
C SER A 171 14.15 -16.48 -19.32
N ILE A 172 15.17 -16.27 -18.50
CA ILE A 172 16.14 -15.22 -18.74
C ILE A 172 17.52 -15.73 -18.40
N VAL A 173 18.51 -15.33 -19.22
CA VAL A 173 19.89 -15.72 -18.99
C VAL A 173 20.82 -14.55 -19.17
N PHE A 174 21.59 -14.26 -18.12
CA PHE A 174 22.62 -13.27 -18.15
C PHE A 174 23.91 -14.06 -18.34
N HIS A 175 24.73 -13.70 -19.34
CA HIS A 175 25.98 -14.41 -19.63
C HIS A 175 27.11 -13.48 -20.00
N MET A 176 28.25 -13.68 -19.38
CA MET A 176 29.49 -12.95 -19.65
C MET A 176 30.65 -13.95 -19.67
N THR A 177 31.52 -13.79 -20.67
CA THR A 177 32.68 -14.66 -20.86
C THR A 177 33.86 -14.04 -20.13
N GLU A 178 34.99 -14.78 -20.08
CA GLU A 178 36.20 -14.29 -19.43
C GLU A 178 36.64 -12.95 -20.03
N THR A 179 36.45 -12.80 -21.36
CA THR A 179 36.80 -11.59 -22.10
C THR A 179 36.08 -10.38 -21.50
N GLU A 180 34.76 -10.53 -21.25
CA GLU A 180 33.89 -9.48 -20.75
C GLU A 180 34.03 -9.20 -19.27
N LEU A 181 34.34 -10.22 -18.47
CA LEU A 181 34.51 -10.02 -17.03
C LEU A 181 35.83 -9.31 -16.76
N ILE A 182 35.91 -8.58 -15.64
CA ILE A 182 37.13 -7.85 -15.26
C ILE A 182 38.20 -8.89 -14.90
N GLU A 183 37.81 -9.92 -14.15
CA GLU A 183 38.68 -11.01 -13.72
C GLU A 183 37.83 -12.27 -13.67
N PHE A 184 38.40 -13.41 -14.05
CA PHE A 184 37.70 -14.67 -14.08
C PHE A 184 38.64 -15.88 -14.06
N ASN A 185 38.49 -16.75 -13.05
CA ASN A 185 39.33 -17.94 -12.92
C ASN A 185 38.80 -19.20 -13.62
N GLY A 186 37.62 -19.09 -14.24
CA GLY A 186 36.98 -20.20 -14.92
C GLY A 186 36.68 -21.39 -14.05
N GLY A 187 36.51 -21.16 -12.74
CA GLY A 187 36.19 -22.22 -11.81
C GLY A 187 34.83 -22.80 -12.10
N GLU A 188 34.61 -24.08 -11.80
CA GLU A 188 33.29 -24.68 -12.00
C GLU A 188 32.47 -24.57 -10.72
N ALA A 189 31.28 -23.99 -10.82
CA ALA A 189 30.41 -23.86 -9.68
C ALA A 189 28.95 -23.68 -10.10
N ARG A 190 28.01 -24.14 -9.26
CA ARG A 190 26.58 -24.00 -9.49
C ARG A 190 25.83 -24.02 -8.18
N SER A 191 25.18 -22.88 -7.89
CA SER A 191 24.37 -22.70 -6.68
C SER A 191 23.12 -21.89 -7.05
N MET A 192 22.05 -22.08 -6.27
CA MET A 192 20.78 -21.39 -6.48
C MET A 192 20.52 -20.46 -5.30
N PHE A 193 20.01 -19.24 -5.58
CA PHE A 193 19.75 -18.27 -4.52
C PHE A 193 18.42 -17.57 -4.63
N SER A 194 17.94 -17.01 -3.52
CA SER A 194 16.69 -16.24 -3.52
C SER A 194 16.93 -14.85 -4.10
N VAL A 195 16.15 -14.49 -5.11
CA VAL A 195 16.22 -13.18 -5.79
C VAL A 195 15.98 -12.00 -4.83
N ASP A 196 15.13 -12.20 -3.82
CA ASP A 196 14.80 -11.14 -2.85
C ASP A 196 15.96 -10.66 -2.02
N TYR A 197 16.83 -11.58 -1.60
CA TYR A 197 18.01 -11.19 -0.83
C TYR A 197 18.95 -10.45 -1.74
N LEU A 198 19.15 -10.95 -2.97
CA LEU A 198 20.06 -10.34 -3.95
C LEU A 198 19.69 -8.91 -4.30
N LYS A 199 18.38 -8.62 -4.47
CA LYS A 199 17.89 -7.26 -4.76
C LYS A 199 18.26 -6.33 -3.61
N GLU A 200 18.01 -6.80 -2.38
CA GLU A 200 18.29 -6.05 -1.16
C GLU A 200 19.76 -5.75 -1.05
N PHE A 201 20.59 -6.71 -1.46
CA PHE A 201 22.04 -6.54 -1.42
C PHE A 201 22.46 -5.44 -2.37
N CYS A 202 21.94 -5.48 -3.58
CA CYS A 202 22.22 -4.54 -4.65
C CYS A 202 21.85 -3.08 -4.36
N LYS A 203 20.99 -2.84 -3.36
CA LYS A 203 20.56 -1.48 -3.02
C LYS A 203 21.71 -0.58 -2.57
N VAL A 204 22.85 -1.18 -2.17
CA VAL A 204 23.99 -0.43 -1.67
C VAL A 204 25.06 -0.18 -2.76
N ALA A 205 24.80 -0.66 -3.99
CA ALA A 205 25.74 -0.56 -5.11
C ALA A 205 25.14 -0.02 -6.38
N GLY A 206 26.01 0.45 -7.26
CA GLY A 206 25.61 0.99 -8.56
C GLY A 206 26.71 0.88 -9.57
N SER A 207 26.47 1.38 -10.79
CA SER A 207 27.48 1.35 -11.86
C SER A 207 28.72 2.07 -11.42
N GLY A 208 29.87 1.49 -11.73
CA GLY A 208 31.15 2.05 -11.37
C GLY A 208 31.75 1.36 -10.18
N ASP A 209 30.89 0.72 -9.36
CA ASP A 209 31.35 -0.02 -8.20
C ASP A 209 31.76 -1.43 -8.62
N LEU A 210 32.81 -1.94 -7.99
CA LEU A 210 33.36 -3.24 -8.30
C LEU A 210 32.71 -4.32 -7.45
N LEU A 211 32.38 -5.46 -8.09
CA LEU A 211 31.82 -6.61 -7.39
C LEU A 211 32.66 -7.86 -7.63
N THR A 212 33.01 -8.54 -6.54
CA THR A 212 33.75 -9.79 -6.62
C THR A 212 32.85 -10.90 -6.12
N ILE A 213 32.67 -11.94 -6.96
CA ILE A 213 31.85 -13.08 -6.62
C ILE A 213 32.68 -14.32 -6.35
N HIS A 214 32.44 -14.93 -5.19
CA HIS A 214 33.08 -16.19 -4.81
C HIS A 214 31.98 -17.23 -4.82
N LEU A 215 32.04 -18.14 -5.77
CA LEU A 215 30.96 -19.10 -5.96
C LEU A 215 31.44 -20.56 -5.90
N GLY A 216 30.57 -21.40 -5.30
CA GLY A 216 30.80 -22.82 -5.17
C GLY A 216 29.59 -23.61 -5.63
N THR A 217 29.58 -24.89 -5.34
CA THR A 217 28.47 -25.75 -5.71
C THR A 217 27.63 -26.13 -4.49
N ASN A 218 26.38 -25.62 -4.47
CA ASN A 218 25.43 -25.83 -3.37
C ASN A 218 26.04 -25.35 -2.06
N TYR A 219 26.71 -24.20 -2.15
CA TYR A 219 27.39 -23.55 -1.05
C TYR A 219 26.99 -22.09 -1.03
N PRO A 220 27.18 -21.39 0.09
CA PRO A 220 26.87 -19.94 0.13
C PRO A 220 27.66 -19.17 -0.90
N VAL A 221 27.19 -17.98 -1.28
CA VAL A 221 27.90 -17.14 -2.25
C VAL A 221 28.47 -15.96 -1.50
N ARG A 222 29.65 -15.51 -1.90
CA ARG A 222 30.26 -14.34 -1.31
C ARG A 222 30.17 -13.20 -2.31
N LEU A 223 29.49 -12.13 -1.95
CA LEU A 223 29.34 -10.96 -2.82
C LEU A 223 30.07 -9.79 -2.22
N VAL A 224 31.30 -9.55 -2.68
CA VAL A 224 32.16 -8.49 -2.15
C VAL A 224 32.05 -7.19 -2.96
N PHE A 225 31.32 -6.21 -2.43
CA PHE A 225 31.15 -4.91 -3.07
C PHE A 225 32.20 -3.91 -2.60
N GLU A 226 32.82 -3.21 -3.55
CA GLU A 226 33.79 -2.16 -3.27
C GLU A 226 33.15 -0.84 -3.68
N LEU A 227 32.71 -0.08 -2.69
CA LEU A 227 31.95 1.13 -2.89
C LEU A 227 32.65 2.44 -2.51
N VAL A 228 31.96 3.57 -2.81
CA VAL A 228 32.45 4.93 -2.52
C VAL A 228 33.86 5.08 -3.08
N GLY A 229 34.07 4.66 -4.33
CA GLY A 229 35.36 4.75 -5.00
C GLY A 229 36.48 3.97 -4.33
N GLY A 230 36.15 2.78 -3.84
CA GLY A 230 37.10 1.91 -3.17
C GLY A 230 37.39 2.25 -1.73
N ARG A 231 36.62 3.23 -1.18
CA ARG A 231 36.83 3.67 0.19
C ARG A 231 36.07 2.81 1.22
N ALA A 232 35.08 2.03 0.76
CA ALA A 232 34.30 1.13 1.62
C ALA A 232 34.17 -0.24 1.00
N LYS A 233 34.09 -1.26 1.84
CA LYS A 233 33.97 -2.64 1.41
C LYS A 233 32.74 -3.25 2.09
N VAL A 234 31.78 -3.67 1.30
CA VAL A 234 30.57 -4.29 1.84
C VAL A 234 30.46 -5.71 1.31
N GLU A 235 30.55 -6.70 2.21
CA GLU A 235 30.44 -8.09 1.81
C GLU A 235 29.18 -8.72 2.32
N TYR A 236 28.45 -9.37 1.40
CA TYR A 236 27.25 -10.11 1.72
C TYR A 236 27.49 -11.59 1.42
N ILE A 237 27.12 -12.44 2.37
CA ILE A 237 27.24 -13.89 2.25
C ILE A 237 25.82 -14.45 2.31
N LEU A 238 25.41 -15.18 1.27
CA LEU A 238 24.06 -15.73 1.22
C LEU A 238 24.02 -17.24 1.11
N ALA A 239 23.24 -17.87 2.01
CA ALA A 239 23.08 -19.31 2.02
C ALA A 239 22.30 -19.76 0.77
N PRO A 240 22.66 -20.94 0.23
CA PRO A 240 22.01 -21.39 -0.99
C PRO A 240 20.69 -22.07 -0.74
N ARG A 241 19.89 -22.24 -1.77
CA ARG A 241 18.66 -23.01 -1.62
C ARG A 241 18.74 -24.31 -2.50
N ILE A 242 18.37 -25.47 -1.93
CA ILE A 242 18.40 -26.82 -2.52
C ILE A 242 17.66 -26.84 -3.86
N GLU A 243 18.27 -27.41 -4.91
CA GLU A 243 17.65 -27.48 -6.22
C GLU A 243 17.40 -28.91 -6.64
N SER A 244 16.30 -29.16 -7.39
CA SER A 244 15.89 -30.45 -7.99
C SER A 244 15.42 -31.38 -6.92
N MET B 1 -12.29 45.02 -13.76
CA MET B 1 -12.17 45.44 -12.36
C MET B 1 -10.79 45.10 -11.81
N ILE B 2 -10.39 43.82 -11.91
CA ILE B 2 -9.09 43.30 -11.44
C ILE B 2 -8.36 42.66 -12.62
N ASP B 3 -7.15 43.15 -12.90
CA ASP B 3 -6.32 42.58 -13.95
C ASP B 3 -4.87 42.66 -13.54
N VAL B 4 -4.35 41.53 -13.05
CA VAL B 4 -2.97 41.44 -12.58
C VAL B 4 -2.22 40.35 -13.36
N ILE B 5 -0.91 40.54 -13.47
CA ILE B 5 0.00 39.59 -14.11
C ILE B 5 1.16 39.37 -13.16
N MET B 6 1.34 38.12 -12.78
CA MET B 6 2.41 37.73 -11.89
C MET B 6 3.15 36.53 -12.44
N THR B 7 4.29 36.22 -11.86
CA THR B 7 5.06 35.04 -12.28
C THR B 7 4.40 33.82 -11.64
N GLY B 8 4.70 32.65 -12.20
CA GLY B 8 4.21 31.39 -11.67
C GLY B 8 4.69 31.19 -10.25
N GLU B 9 5.99 31.45 -10.00
CA GLU B 9 6.65 31.35 -8.70
C GLU B 9 5.87 32.12 -7.65
N LEU B 10 5.49 33.36 -7.96
CA LEU B 10 4.73 34.23 -7.08
C LEU B 10 3.35 33.65 -6.75
N LEU B 11 2.59 33.21 -7.76
CA LEU B 11 1.27 32.63 -7.57
C LEU B 11 1.31 31.30 -6.85
N LYS B 12 2.27 30.44 -7.22
CA LYS B 12 2.47 29.12 -6.59
C LYS B 12 2.83 29.30 -5.11
N THR B 13 3.48 30.43 -4.75
CA THR B 13 3.85 30.77 -3.38
C THR B 13 2.62 31.08 -2.53
N VAL B 14 1.81 32.06 -2.95
CA VAL B 14 0.59 32.51 -2.25
C VAL B 14 -0.41 31.37 -2.02
N THR B 15 -0.65 30.56 -3.06
CA THR B 15 -1.61 29.46 -3.01
C THR B 15 -1.14 28.37 -2.07
N ARG B 16 0.14 27.97 -2.16
CA ARG B 16 0.69 26.94 -1.29
C ARG B 16 0.64 27.34 0.15
N ALA B 17 1.08 28.57 0.44
CA ALA B 17 1.07 29.12 1.79
C ALA B 17 -0.32 29.01 2.45
N ILE B 18 -1.36 29.38 1.71
CA ILE B 18 -2.72 29.39 2.20
C ILE B 18 -3.32 28.01 2.34
N VAL B 19 -3.21 27.20 1.28
CA VAL B 19 -3.74 25.85 1.19
C VAL B 19 -3.29 24.96 2.34
N ALA B 20 -2.14 25.30 2.95
CA ALA B 20 -1.57 24.59 4.09
C ALA B 20 -2.53 24.55 5.29
N LEU B 21 -3.39 25.57 5.45
CA LEU B 21 -4.31 25.66 6.60
C LEU B 21 -5.79 25.62 6.27
N VAL B 22 -6.16 26.26 5.16
CA VAL B 22 -7.55 26.41 4.76
C VAL B 22 -7.78 25.96 3.34
N SER B 23 -9.06 25.70 3.03
CA SER B 23 -9.48 25.27 1.70
C SER B 23 -9.99 26.47 0.90
N GLU B 24 -10.72 27.39 1.57
CA GLU B 24 -11.25 28.61 0.95
C GLU B 24 -10.60 29.78 1.66
N ALA B 25 -10.49 30.93 0.96
CA ALA B 25 -9.91 32.12 1.58
C ALA B 25 -10.36 33.41 0.89
N ARG B 26 -10.26 34.52 1.64
CA ARG B 26 -10.57 35.82 1.06
C ARG B 26 -9.25 36.39 0.59
N ILE B 27 -9.22 36.80 -0.69
CA ILE B 27 -8.04 37.43 -1.28
C ILE B 27 -8.36 38.91 -1.47
N HIS B 28 -7.54 39.78 -0.88
CA HIS B 28 -7.70 41.23 -0.95
C HIS B 28 -6.74 41.84 -1.93
N PHE B 29 -7.29 42.61 -2.87
CA PHE B 29 -6.52 43.34 -3.86
C PHE B 29 -6.57 44.78 -3.41
N LEU B 30 -5.53 45.19 -2.73
CA LEU B 30 -5.46 46.54 -2.18
C LEU B 30 -4.60 47.44 -3.05
N GLU B 31 -4.59 48.75 -2.74
CA GLU B 31 -3.76 49.72 -3.47
C GLU B 31 -2.31 49.27 -3.24
N LYS B 32 -2.01 48.93 -1.97
CA LYS B 32 -0.77 48.38 -1.42
C LYS B 32 -0.22 47.16 -2.23
N GLY B 33 -1.13 46.27 -2.66
CA GLY B 33 -0.90 45.01 -3.37
C GLY B 33 -1.85 43.91 -2.87
N LEU B 34 -1.48 42.63 -3.12
CA LEU B 34 -2.22 41.42 -2.74
C LEU B 34 -2.09 41.22 -1.22
N HIS B 35 -3.17 40.77 -0.58
CA HIS B 35 -3.19 40.43 0.84
C HIS B 35 -4.19 39.32 1.09
N SER B 36 -3.84 38.37 1.93
CA SER B 36 -4.72 37.27 2.28
C SER B 36 -4.31 36.68 3.61
N ARG B 37 -5.28 36.49 4.52
CA ARG B 37 -5.03 35.89 5.84
C ARG B 37 -6.10 34.87 6.23
N ALA B 38 -5.69 33.78 6.92
CA ALA B 38 -6.58 32.68 7.30
C ALA B 38 -6.12 31.99 8.57
N VAL B 39 -7.06 31.36 9.28
CA VAL B 39 -6.78 30.55 10.47
C VAL B 39 -7.29 29.17 10.13
N ASP B 40 -6.55 28.10 10.49
CA ASP B 40 -7.06 26.74 10.24
C ASP B 40 -8.30 26.50 11.14
N PRO B 41 -9.23 25.58 10.78
CA PRO B 41 -10.41 25.37 11.64
C PRO B 41 -10.08 25.12 13.13
N ALA B 42 -8.96 24.42 13.41
CA ALA B 42 -8.46 24.10 14.76
C ALA B 42 -8.21 25.34 15.63
N ASN B 43 -7.99 26.49 14.97
CA ASN B 43 -7.60 27.77 15.56
C ASN B 43 -6.17 27.72 16.16
N VAL B 44 -5.32 26.81 15.65
CA VAL B 44 -3.96 26.59 16.14
C VAL B 44 -2.93 27.38 15.33
N ALA B 45 -3.14 27.47 14.02
CA ALA B 45 -2.23 28.19 13.15
C ALA B 45 -2.92 29.26 12.30
N MET B 46 -2.16 30.30 11.98
CA MET B 46 -2.60 31.41 11.15
C MET B 46 -1.56 31.69 10.05
N VAL B 47 -2.02 32.09 8.87
CA VAL B 47 -1.15 32.45 7.76
C VAL B 47 -1.51 33.86 7.27
N ILE B 48 -0.50 34.70 6.99
CA ILE B 48 -0.68 36.06 6.49
C ILE B 48 0.20 36.24 5.25
N VAL B 49 -0.43 36.41 4.08
CA VAL B 49 0.28 36.56 2.82
C VAL B 49 0.20 37.99 2.33
N ASP B 50 1.36 38.54 1.91
CA ASP B 50 1.45 39.90 1.39
C ASP B 50 2.36 39.95 0.19
N ILE B 51 1.81 40.31 -0.98
CA ILE B 51 2.55 40.46 -2.23
C ILE B 51 2.40 41.90 -2.67
N PRO B 52 3.40 42.78 -2.39
CA PRO B 52 3.26 44.20 -2.79
C PRO B 52 3.16 44.42 -4.29
N LYS B 53 2.40 45.43 -4.71
CA LYS B 53 2.19 45.71 -6.12
C LYS B 53 3.41 45.72 -7.03
N ASP B 54 4.54 46.16 -6.51
CA ASP B 54 5.77 46.28 -7.29
C ASP B 54 6.37 44.92 -7.66
N SER B 55 5.87 43.84 -7.02
CA SER B 55 6.25 42.46 -7.31
C SER B 55 5.54 41.96 -8.57
N PHE B 56 4.34 42.49 -8.83
CA PHE B 56 3.55 42.15 -10.01
C PHE B 56 4.15 42.79 -11.23
N GLU B 57 4.02 42.13 -12.40
CA GLU B 57 4.51 42.69 -13.66
C GLU B 57 3.50 43.76 -14.05
N VAL B 58 2.22 43.43 -13.84
CA VAL B 58 1.06 44.29 -14.07
C VAL B 58 0.17 44.16 -12.86
N TYR B 59 -0.36 45.28 -12.37
CA TYR B 59 -1.26 45.30 -11.23
C TYR B 59 -2.29 46.42 -11.40
N ASN B 60 -3.40 46.10 -12.09
CA ASN B 60 -4.44 47.08 -12.37
C ASN B 60 -5.73 46.76 -11.68
N ILE B 61 -6.16 47.69 -10.84
CA ILE B 61 -7.42 47.61 -10.13
C ILE B 61 -8.13 48.95 -10.24
N ASP B 62 -9.45 48.88 -10.28
CA ASP B 62 -10.31 50.05 -10.40
C ASP B 62 -10.67 50.53 -9.00
N GLU B 63 -10.88 49.56 -8.09
CA GLU B 63 -11.22 49.77 -6.68
C GLU B 63 -10.55 48.66 -5.89
N GLU B 64 -10.49 48.81 -4.56
CA GLU B 64 -9.96 47.73 -3.73
C GLU B 64 -11.09 46.71 -3.63
N LYS B 65 -10.85 45.49 -4.11
CA LYS B 65 -11.84 44.43 -4.13
C LYS B 65 -11.38 43.25 -3.28
N THR B 66 -12.35 42.48 -2.76
CA THR B 66 -12.12 41.25 -2.00
C THR B 66 -12.88 40.17 -2.71
N ILE B 67 -12.27 39.00 -2.84
CA ILE B 67 -12.89 37.87 -3.53
C ILE B 67 -12.80 36.60 -2.68
N GLY B 68 -13.78 35.74 -2.84
CA GLY B 68 -13.80 34.45 -2.17
C GLY B 68 -13.24 33.42 -3.12
N VAL B 69 -12.12 32.79 -2.74
CA VAL B 69 -11.45 31.82 -3.63
C VAL B 69 -11.40 30.41 -3.06
N ASP B 70 -11.58 29.42 -3.94
CA ASP B 70 -11.39 28.01 -3.59
C ASP B 70 -9.89 27.77 -3.81
N MET B 71 -9.12 27.83 -2.72
CA MET B 71 -7.67 27.65 -2.73
C MET B 71 -7.20 26.29 -3.16
N ASP B 72 -7.97 25.24 -2.85
CA ASP B 72 -7.65 23.89 -3.27
C ASP B 72 -7.63 23.80 -4.81
N ARG B 73 -8.64 24.41 -5.49
CA ARG B 73 -8.73 24.44 -6.96
C ARG B 73 -7.68 25.32 -7.59
N ILE B 74 -7.33 26.48 -6.96
CA ILE B 74 -6.29 27.37 -7.49
C ILE B 74 -4.92 26.72 -7.33
N PHE B 75 -4.69 26.07 -6.19
CA PHE B 75 -3.44 25.38 -5.92
C PHE B 75 -3.25 24.29 -6.95
N ASP B 76 -4.28 23.44 -7.12
CA ASP B 76 -4.26 22.33 -8.06
C ASP B 76 -3.94 22.80 -9.48
N ILE B 77 -4.50 23.95 -9.87
CA ILE B 77 -4.26 24.56 -11.17
C ILE B 77 -2.84 25.13 -11.30
N SER B 78 -2.33 25.81 -10.26
CA SER B 78 -0.98 26.42 -10.25
C SER B 78 0.17 25.44 -10.43
N LYS B 79 -0.10 24.13 -10.25
CA LYS B 79 0.88 23.07 -10.46
C LYS B 79 1.22 22.96 -11.95
N SER B 80 0.24 23.34 -12.82
CA SER B 80 0.37 23.35 -14.27
C SER B 80 1.14 24.59 -14.75
N ILE B 81 1.26 25.61 -13.89
CA ILE B 81 1.97 26.85 -14.19
C ILE B 81 3.46 26.68 -13.88
N SER B 82 4.33 27.10 -14.82
CA SER B 82 5.77 27.03 -14.63
C SER B 82 6.25 28.20 -13.75
N THR B 83 7.39 28.01 -13.05
CA THR B 83 8.02 29.00 -12.17
C THR B 83 8.28 30.31 -12.92
N LYS B 84 8.91 30.21 -14.09
CA LYS B 84 9.30 31.34 -14.94
C LYS B 84 8.15 31.81 -15.83
N ASP B 85 7.06 31.03 -15.90
CA ASP B 85 5.86 31.33 -16.69
C ASP B 85 5.13 32.54 -16.09
N LEU B 86 4.43 33.30 -16.93
CA LEU B 86 3.65 34.43 -16.47
C LEU B 86 2.17 34.08 -16.47
N VAL B 87 1.50 34.36 -15.36
CA VAL B 87 0.08 34.10 -15.19
C VAL B 87 -0.72 35.38 -14.98
N GLU B 88 -1.86 35.48 -15.71
CA GLU B 88 -2.76 36.62 -15.64
C GLU B 88 -4.02 36.26 -14.89
N LEU B 89 -4.33 37.03 -13.84
CA LEU B 89 -5.55 36.83 -13.07
C LEU B 89 -6.50 37.95 -13.44
N ILE B 90 -7.73 37.61 -13.84
CA ILE B 90 -8.72 38.61 -14.26
C ILE B 90 -10.06 38.40 -13.58
N VAL B 91 -10.65 39.49 -13.09
CA VAL B 91 -11.98 39.49 -12.49
C VAL B 91 -12.79 40.60 -13.15
N GLU B 92 -13.58 40.24 -14.18
CA GLU B 92 -14.41 41.20 -14.91
C GLU B 92 -15.77 41.30 -14.22
N ASP B 93 -16.53 40.17 -14.19
CA ASP B 93 -17.84 40.08 -13.53
C ASP B 93 -17.60 39.75 -12.04
N GLU B 94 -18.68 39.73 -11.24
CA GLU B 94 -18.57 39.44 -9.80
C GLU B 94 -18.82 37.98 -9.39
N SER B 95 -18.58 37.03 -10.31
CA SER B 95 -18.83 35.62 -10.00
C SER B 95 -17.78 34.65 -10.49
N THR B 96 -16.89 35.07 -11.42
CA THR B 96 -15.86 34.18 -11.94
C THR B 96 -14.47 34.80 -11.97
N LEU B 97 -13.46 33.96 -11.70
CA LEU B 97 -12.06 34.34 -11.75
C LEU B 97 -11.41 33.67 -12.98
N LYS B 98 -10.73 34.47 -13.80
CA LYS B 98 -10.02 33.99 -14.98
C LYS B 98 -8.53 33.89 -14.72
N VAL B 99 -7.95 32.72 -14.99
CA VAL B 99 -6.53 32.44 -14.78
C VAL B 99 -5.92 32.08 -16.13
N LYS B 100 -5.09 32.98 -16.69
CA LYS B 100 -4.45 32.76 -17.99
C LYS B 100 -2.97 32.53 -17.87
N PHE B 101 -2.47 31.55 -18.60
CA PHE B 101 -1.05 31.21 -18.69
C PHE B 101 -0.91 30.31 -19.90
N GLY B 102 0.05 30.65 -20.75
CA GLY B 102 0.25 29.92 -21.99
C GLY B 102 -1.00 29.93 -22.85
N SER B 103 -1.32 28.78 -23.47
CA SER B 103 -2.50 28.63 -24.32
C SER B 103 -3.73 28.13 -23.55
N VAL B 104 -3.67 28.24 -22.21
CA VAL B 104 -4.72 27.78 -21.28
C VAL B 104 -5.45 28.92 -20.55
N GLU B 105 -6.79 28.93 -20.61
CA GLU B 105 -7.64 29.87 -19.88
C GLU B 105 -8.52 29.05 -18.95
N TYR B 106 -8.35 29.30 -17.67
CA TYR B 106 -9.09 28.61 -16.64
C TYR B 106 -10.06 29.57 -15.97
N LYS B 107 -11.33 29.20 -15.90
CA LYS B 107 -12.39 30.00 -15.30
C LYS B 107 -12.93 29.28 -14.07
N VAL B 108 -13.11 30.00 -12.97
CA VAL B 108 -13.60 29.41 -11.73
C VAL B 108 -14.59 30.31 -11.03
N ALA B 109 -15.69 29.70 -10.55
CA ALA B 109 -16.71 30.43 -9.80
C ALA B 109 -16.12 30.94 -8.49
N LEU B 110 -16.37 32.21 -8.21
CA LEU B 110 -15.92 32.87 -6.99
C LEU B 110 -16.87 32.49 -5.87
N ILE B 111 -16.38 32.57 -4.62
CA ILE B 111 -17.19 32.29 -3.45
C ILE B 111 -17.64 33.64 -2.89
N ASP B 112 -18.88 33.71 -2.38
CA ASP B 112 -19.38 34.92 -1.74
C ASP B 112 -18.49 35.12 -0.50
N PRO B 113 -17.67 36.19 -0.45
CA PRO B 113 -16.78 36.37 0.71
C PRO B 113 -17.44 36.23 2.10
N SER B 114 -18.70 36.67 2.26
CA SER B 114 -19.44 36.54 3.52
C SER B 114 -19.75 35.08 3.88
N ALA B 115 -19.62 34.16 2.91
CA ALA B 115 -19.83 32.73 3.10
C ALA B 115 -18.57 32.07 3.67
N ILE B 116 -17.41 32.72 3.54
CA ILE B 116 -16.13 32.21 4.06
C ILE B 116 -16.03 32.63 5.52
N ARG B 117 -15.42 31.75 6.35
CA ARG B 117 -15.22 31.98 7.77
C ARG B 117 -14.57 33.33 8.03
N LYS B 118 -15.17 34.10 8.95
CA LYS B 118 -14.76 35.45 9.35
C LYS B 118 -13.27 35.59 9.38
N GLU B 119 -12.79 36.62 8.65
CA GLU B 119 -11.38 36.96 8.51
C GLU B 119 -10.75 37.12 9.91
N PRO B 120 -9.62 36.43 10.17
CA PRO B 120 -9.00 36.54 11.50
C PRO B 120 -8.39 37.90 11.81
N ARG B 121 -8.20 38.14 13.11
CA ARG B 121 -7.57 39.35 13.59
C ARG B 121 -6.12 38.98 13.79
N ILE B 122 -5.21 39.89 13.42
CA ILE B 122 -3.77 39.68 13.60
C ILE B 122 -3.47 39.79 15.11
N PRO B 123 -2.95 38.72 15.73
CA PRO B 123 -2.73 38.76 17.19
C PRO B 123 -1.65 39.74 17.61
N GLU B 124 -1.84 40.29 18.82
CA GLU B 124 -0.91 41.23 19.46
C GLU B 124 -0.08 40.37 20.40
N LEU B 125 1.17 40.11 19.99
CA LEU B 125 2.05 39.23 20.75
C LEU B 125 3.31 39.96 21.16
N GLU B 126 3.59 39.96 22.49
CA GLU B 126 4.81 40.58 23.03
C GLU B 126 5.85 39.47 23.09
N LEU B 127 6.83 39.48 22.17
CA LEU B 127 7.80 38.41 22.09
C LEU B 127 9.25 38.85 22.21
N PRO B 128 9.91 38.46 23.33
CA PRO B 128 11.30 38.87 23.61
C PRO B 128 12.38 38.59 22.58
N ALA B 129 12.56 37.31 22.21
CA ALA B 129 13.55 36.86 21.24
C ALA B 129 13.16 37.21 19.80
N LYS B 130 14.15 37.64 19.02
CA LYS B 130 14.04 37.98 17.61
C LYS B 130 15.20 37.29 16.90
N ILE B 131 14.90 36.30 16.05
CA ILE B 131 15.94 35.53 15.37
C ILE B 131 15.77 35.64 13.87
N VAL B 132 16.85 35.95 13.16
CA VAL B 132 16.84 36.03 11.70
C VAL B 132 17.86 35.04 11.15
N MET B 133 17.39 34.07 10.36
CA MET B 133 18.24 33.05 9.77
C MET B 133 17.78 32.67 8.36
N ASP B 134 18.54 31.76 7.72
CA ASP B 134 18.20 31.24 6.40
C ASP B 134 17.09 30.23 6.56
N ALA B 135 15.99 30.42 5.83
CA ALA B 135 14.84 29.53 5.88
C ALA B 135 15.23 28.08 5.54
N GLY B 136 16.20 27.92 4.64
CA GLY B 136 16.71 26.61 4.25
C GLY B 136 17.30 25.86 5.43
N GLU B 137 18.12 26.54 6.25
CA GLU B 137 18.72 25.96 7.44
C GLU B 137 17.64 25.51 8.40
N PHE B 138 16.65 26.40 8.66
CA PHE B 138 15.51 26.12 9.50
C PHE B 138 14.77 24.88 9.03
N LYS B 139 14.48 24.81 7.73
CA LYS B 139 13.82 23.67 7.08
C LYS B 139 14.56 22.36 7.39
N LYS B 140 15.90 22.36 7.26
CA LYS B 140 16.75 21.20 7.54
C LYS B 140 16.69 20.80 9.02
N ALA B 141 16.62 21.81 9.93
CA ALA B 141 16.57 21.58 11.37
C ALA B 141 15.28 20.87 11.74
N ILE B 142 14.15 21.35 11.18
CA ILE B 142 12.82 20.75 11.42
C ILE B 142 12.78 19.31 10.92
N ALA B 143 13.36 19.06 9.74
CA ALA B 143 13.41 17.73 9.13
C ALA B 143 14.19 16.77 10.00
N ALA B 144 15.32 17.22 10.56
CA ALA B 144 16.16 16.43 11.46
C ALA B 144 15.37 16.10 12.70
N ALA B 145 14.78 17.14 13.32
CA ALA B 145 13.95 17.02 14.51
C ALA B 145 12.79 16.04 14.29
N ASP B 146 12.16 16.08 13.10
CA ASP B 146 11.06 15.20 12.71
C ASP B 146 11.38 13.70 12.83
N LYS B 147 12.66 13.36 12.76
CA LYS B 147 13.13 11.98 12.90
C LYS B 147 13.15 11.53 14.36
N ILE B 148 12.98 12.47 15.30
CA ILE B 148 13.06 12.20 16.73
C ILE B 148 11.72 12.35 17.44
N SER B 149 11.02 13.47 17.25
CA SER B 149 9.76 13.71 17.92
C SER B 149 8.66 14.30 17.03
N ASP B 150 7.45 14.48 17.62
CA ASP B 150 6.26 15.08 16.99
C ASP B 150 6.21 16.53 17.37
N GLN B 151 7.13 16.92 18.29
CA GLN B 151 7.26 18.27 18.84
C GLN B 151 8.72 18.66 19.11
N VAL B 152 8.99 19.97 19.02
CA VAL B 152 10.29 20.60 19.26
C VAL B 152 10.21 21.77 20.20
N ILE B 153 11.33 22.13 20.82
CA ILE B 153 11.47 23.29 21.67
C ILE B 153 12.29 24.33 20.91
N PHE B 154 11.81 25.56 20.92
CA PHE B 154 12.51 26.70 20.36
C PHE B 154 13.05 27.42 21.59
N ARG B 155 14.38 27.40 21.76
CA ARG B 155 15.06 27.98 22.90
C ARG B 155 15.89 29.15 22.45
N SER B 156 15.94 30.17 23.28
CA SER B 156 16.69 31.36 22.99
C SER B 156 17.15 32.03 24.27
N ASP B 157 18.40 32.47 24.26
CA ASP B 157 19.07 33.21 25.34
C ASP B 157 20.31 33.88 24.76
N LYS B 158 21.17 34.43 25.62
CA LYS B 158 22.41 35.09 25.20
C LYS B 158 23.38 34.19 24.42
N GLU B 159 23.37 32.87 24.67
CA GLU B 159 24.21 31.88 23.97
C GLU B 159 23.83 31.78 22.49
N GLY B 160 22.53 31.80 22.21
CA GLY B 160 22.04 31.72 20.85
C GLY B 160 20.67 31.11 20.75
N PHE B 161 20.36 30.59 19.57
CA PHE B 161 19.09 29.97 19.27
C PHE B 161 19.23 28.46 19.14
N ARG B 162 18.26 27.73 19.69
CA ARG B 162 18.24 26.27 19.67
C ARG B 162 16.90 25.70 19.30
N ILE B 163 16.92 24.63 18.51
CA ILE B 163 15.76 23.83 18.15
C ILE B 163 16.14 22.44 18.67
N GLU B 164 15.36 21.94 19.63
CA GLU B 164 15.67 20.65 20.21
C GLU B 164 14.49 19.71 20.24
N ALA B 165 14.76 18.43 20.03
CA ALA B 165 13.75 17.38 20.04
C ALA B 165 14.25 16.23 20.86
N LYS B 166 13.36 15.59 21.65
CA LYS B 166 13.74 14.45 22.48
C LYS B 166 12.87 13.23 22.21
N GLY B 167 13.53 12.10 22.13
CA GLY B 167 12.90 10.80 21.96
C GLY B 167 13.06 10.03 23.25
N ASP B 168 12.68 8.75 23.27
CA ASP B 168 12.81 7.97 24.51
C ASP B 168 14.25 7.54 24.71
N VAL B 169 14.97 7.35 23.60
CA VAL B 169 16.33 6.84 23.59
C VAL B 169 17.38 7.79 22.92
N ASP B 170 16.91 8.82 22.24
CA ASP B 170 17.80 9.71 21.52
C ASP B 170 17.28 11.13 21.53
N SER B 171 18.11 12.09 21.07
CA SER B 171 17.74 13.49 21.01
C SER B 171 18.52 14.20 19.92
N ILE B 172 18.06 15.36 19.51
CA ILE B 172 18.71 16.16 18.50
C ILE B 172 18.68 17.62 18.89
N VAL B 173 19.78 18.33 18.62
CA VAL B 173 19.89 19.74 18.94
C VAL B 173 20.52 20.49 17.80
N PHE B 174 19.76 21.48 17.29
CA PHE B 174 20.21 22.42 16.30
C PHE B 174 20.59 23.65 17.13
N HIS B 175 21.82 24.18 16.92
CA HIS B 175 22.32 25.33 17.66
C HIS B 175 23.10 26.28 16.79
N MET B 176 22.76 27.57 16.90
CA MET B 176 23.42 28.68 16.23
C MET B 176 23.58 29.83 17.20
N THR B 177 24.78 30.43 17.23
CA THR B 177 25.12 31.53 18.10
C THR B 177 24.80 32.84 17.39
N GLU B 178 24.90 33.98 18.11
CA GLU B 178 24.65 35.30 17.54
C GLU B 178 25.55 35.53 16.29
N THR B 179 26.81 35.03 16.36
CA THR B 179 27.79 35.12 15.27
C THR B 179 27.23 34.51 13.98
N GLU B 180 26.65 33.30 14.10
CA GLU B 180 26.12 32.53 12.98
C GLU B 180 24.78 33.04 12.47
N LEU B 181 23.93 33.58 13.34
CA LEU B 181 22.62 34.09 12.92
C LEU B 181 22.80 35.40 12.18
N ILE B 182 21.86 35.71 11.25
CA ILE B 182 21.90 36.97 10.49
C ILE B 182 21.67 38.15 11.43
N GLU B 183 20.69 38.01 12.33
CA GLU B 183 20.34 39.00 13.34
C GLU B 183 19.88 38.23 14.57
N PHE B 184 20.21 38.73 15.76
CA PHE B 184 19.86 38.09 17.02
C PHE B 184 19.90 39.05 18.19
N ASN B 185 18.77 39.17 18.92
CA ASN B 185 18.67 40.08 20.06
C ASN B 185 19.02 39.46 21.42
N GLY B 186 19.33 38.17 21.42
CA GLY B 186 19.66 37.44 22.63
C GLY B 186 18.56 37.38 23.66
N GLY B 187 17.31 37.53 23.21
CA GLY B 187 16.15 37.49 24.09
C GLY B 187 15.98 36.12 24.70
N GLU B 188 15.45 36.04 25.92
CA GLU B 188 15.21 34.74 26.55
C GLU B 188 13.82 34.29 26.23
N ALA B 189 13.68 33.09 25.67
CA ALA B 189 12.38 32.54 25.32
C ALA B 189 12.44 31.03 25.17
N ARG B 190 11.34 30.35 25.53
CA ARG B 190 11.23 28.90 25.44
C ARG B 190 9.80 28.51 25.23
N SER B 191 9.53 27.93 24.06
CA SER B 191 8.21 27.45 23.69
C SER B 191 8.35 26.13 22.94
N MET B 192 7.29 25.30 23.01
CA MET B 192 7.26 23.99 22.36
C MET B 192 6.22 24.01 21.27
N PHE B 193 6.54 23.42 20.09
CA PHE B 193 5.62 23.40 18.96
C PHE B 193 5.51 22.08 18.29
N SER B 194 4.41 21.87 17.56
CA SER B 194 4.21 20.63 16.81
C SER B 194 5.05 20.64 15.53
N VAL B 195 5.89 19.62 15.35
CA VAL B 195 6.76 19.44 14.18
C VAL B 195 5.94 19.38 12.87
N ASP B 196 4.73 18.81 12.92
CA ASP B 196 3.90 18.67 11.73
C ASP B 196 3.45 19.96 11.11
N TYR B 197 3.10 20.96 11.92
CA TYR B 197 2.74 22.28 11.41
C TYR B 197 3.97 22.92 10.82
N LEU B 198 5.13 22.83 11.52
CA LEU B 198 6.38 23.45 11.08
C LEU B 198 6.86 22.93 9.76
N LYS B 199 6.75 21.61 9.52
CA LYS B 199 7.15 20.99 8.25
C LYS B 199 6.33 21.59 7.12
N GLU B 200 5.00 21.68 7.36
CA GLU B 200 4.04 22.20 6.41
C GLU B 200 4.33 23.65 6.08
N PHE B 201 4.75 24.42 7.10
CA PHE B 201 5.11 25.83 6.94
C PHE B 201 6.31 25.97 6.04
N CYS B 202 7.35 25.17 6.29
CA CYS B 202 8.61 25.15 5.54
C CYS B 202 8.47 24.84 4.06
N LYS B 203 7.35 24.21 3.66
CA LYS B 203 7.12 23.82 2.25
C LYS B 203 7.11 25.03 1.31
N VAL B 204 6.95 26.24 1.85
CA VAL B 204 6.87 27.46 1.07
C VAL B 204 8.23 28.20 0.98
N ALA B 205 9.26 27.64 1.62
CA ALA B 205 10.57 28.27 1.68
C ALA B 205 11.72 27.33 1.32
N GLY B 206 12.85 27.92 1.00
CA GLY B 206 14.07 27.20 0.67
C GLY B 206 15.30 28.00 1.00
N SER B 207 16.48 27.44 0.69
CA SER B 207 17.76 28.12 0.91
C SER B 207 17.79 29.41 0.13
N GLY B 208 18.30 30.46 0.76
CA GLY B 208 18.39 31.78 0.16
C GLY B 208 17.29 32.69 0.63
N ASP B 209 16.17 32.10 1.11
CA ASP B 209 15.06 32.88 1.64
C ASP B 209 15.32 33.21 3.09
N LEU B 210 14.91 34.42 3.49
CA LEU B 210 15.10 34.91 4.85
C LEU B 210 13.94 34.54 5.76
N LEU B 211 14.26 34.09 6.99
CA LEU B 211 13.28 33.75 8.00
C LEU B 211 13.50 34.55 9.28
N THR B 212 12.43 35.20 9.78
CA THR B 212 12.48 35.97 11.01
C THR B 212 11.62 35.29 12.02
N ILE B 213 12.21 34.95 13.18
CA ILE B 213 11.51 34.27 14.25
C ILE B 213 11.26 35.23 15.42
N HIS B 214 10.00 35.31 15.84
CA HIS B 214 9.60 36.09 17.01
C HIS B 214 9.17 35.07 18.03
N LEU B 215 9.97 34.90 19.07
CA LEU B 215 9.73 33.87 20.06
C LEU B 215 9.54 34.39 21.48
N GLY B 216 8.64 33.73 22.22
CA GLY B 216 8.36 34.04 23.61
C GLY B 216 8.37 32.79 24.46
N THR B 217 7.89 32.91 25.70
CA THR B 217 7.84 31.76 26.62
C THR B 217 6.42 31.24 26.77
N ASN B 218 6.17 30.00 26.26
CA ASN B 218 4.87 29.33 26.26
C ASN B 218 3.82 30.23 25.59
N TYR B 219 4.24 30.86 24.48
CA TYR B 219 3.46 31.77 23.68
C TYR B 219 3.56 31.35 22.23
N PRO B 220 2.63 31.80 21.36
CA PRO B 220 2.75 31.47 19.93
C PRO B 220 4.07 31.95 19.31
N VAL B 221 4.47 31.36 18.18
CA VAL B 221 5.70 31.76 17.50
C VAL B 221 5.29 32.47 16.21
N ARG B 222 6.05 33.50 15.82
CA ARG B 222 5.81 34.19 14.58
C ARG B 222 6.94 33.79 13.65
N LEU B 223 6.57 33.18 12.51
CA LEU B 223 7.55 32.77 11.51
C LEU B 223 7.33 33.57 10.26
N VAL B 224 8.15 34.60 10.09
CA VAL B 224 8.04 35.52 8.95
C VAL B 224 9.01 35.15 7.81
N PHE B 225 8.46 34.55 6.75
CA PHE B 225 9.24 34.18 5.57
C PHE B 225 9.24 35.29 4.50
N GLU B 226 10.43 35.64 3.99
CA GLU B 226 10.61 36.61 2.91
C GLU B 226 11.07 35.83 1.70
N LEU B 227 10.14 35.59 0.77
CA LEU B 227 10.35 34.71 -0.36
C LEU B 227 10.39 35.39 -1.72
N VAL B 228 10.72 34.58 -2.75
CA VAL B 228 10.81 34.96 -4.15
C VAL B 228 11.71 36.22 -4.26
N GLY B 229 12.87 36.19 -3.60
CA GLY B 229 13.84 37.28 -3.58
C GLY B 229 13.30 38.58 -3.00
N GLY B 230 12.53 38.47 -1.92
CA GLY B 230 11.94 39.62 -1.23
C GLY B 230 10.69 40.18 -1.91
N ARG B 231 10.17 39.45 -2.92
CA ARG B 231 8.98 39.89 -3.65
C ARG B 231 7.66 39.43 -2.97
N ALA B 232 7.75 38.48 -2.03
CA ALA B 232 6.59 37.99 -1.29
C ALA B 232 6.92 37.82 0.21
N LYS B 233 5.92 38.00 1.05
CA LYS B 233 6.04 37.84 2.50
C LYS B 233 4.97 36.86 2.99
N VAL B 234 5.41 35.77 3.62
CA VAL B 234 4.49 34.77 4.16
C VAL B 234 4.74 34.62 5.64
N GLU B 235 3.74 34.98 6.45
CA GLU B 235 3.85 34.86 7.90
C GLU B 235 2.95 33.79 8.45
N TYR B 236 3.52 32.90 9.26
CA TYR B 236 2.82 31.84 9.97
C TYR B 236 2.92 32.07 11.45
N ILE B 237 1.79 31.98 12.14
CA ILE B 237 1.70 32.12 13.59
C ILE B 237 1.21 30.80 14.13
N LEU B 238 1.99 30.19 15.04
CA LEU B 238 1.63 28.88 15.58
C LEU B 238 1.49 28.87 17.09
N ALA B 239 0.33 28.41 17.57
CA ALA B 239 0.07 28.29 19.00
C ALA B 239 1.01 27.21 19.64
N PRO B 240 1.43 27.35 20.90
CA PRO B 240 2.38 26.37 21.44
C PRO B 240 1.72 25.16 22.04
N ARG B 241 2.54 24.15 22.30
CA ARG B 241 2.15 22.90 22.94
C ARG B 241 2.73 22.92 24.39
N ILE B 242 1.90 22.59 25.38
CA ILE B 242 2.29 22.55 26.78
C ILE B 242 3.21 21.35 26.97
N GLU B 243 4.41 21.54 27.52
CA GLU B 243 5.35 20.45 27.83
C GLU B 243 4.78 19.59 28.99
N SER B 244 5.03 18.25 28.99
CA SER B 244 4.51 17.34 30.01
C SER B 244 5.04 17.60 31.43
N MET C 1 14.01 -17.51 -39.13
CA MET C 1 12.82 -16.97 -39.81
C MET C 1 12.74 -15.46 -39.65
N ILE C 2 12.80 -14.97 -38.39
CA ILE C 2 12.75 -13.54 -38.06
C ILE C 2 13.98 -13.17 -37.25
N ASP C 3 14.74 -12.18 -37.74
CA ASP C 3 15.90 -11.67 -37.02
C ASP C 3 16.03 -10.17 -37.24
N VAL C 4 15.57 -9.39 -36.27
CA VAL C 4 15.60 -7.93 -36.32
C VAL C 4 16.40 -7.35 -35.15
N ILE C 5 16.96 -6.17 -35.37
CA ILE C 5 17.72 -5.43 -34.37
C ILE C 5 17.19 -4.00 -34.37
N MET C 6 16.71 -3.55 -33.22
CA MET C 6 16.18 -2.20 -33.06
C MET C 6 16.76 -1.56 -31.81
N THR C 7 16.54 -0.26 -31.64
CA THR C 7 16.99 0.44 -30.44
C THR C 7 15.99 0.14 -29.32
N GLY C 8 16.42 0.35 -28.09
CA GLY C 8 15.56 0.18 -26.93
C GLY C 8 14.37 1.10 -26.99
N GLU C 9 14.63 2.39 -27.33
CA GLU C 9 13.63 3.45 -27.47
C GLU C 9 12.50 2.99 -28.38
N LEU C 10 12.86 2.42 -29.54
CA LEU C 10 11.93 1.90 -30.53
C LEU C 10 11.06 0.79 -29.96
N LEU C 11 11.68 -0.23 -29.34
CA LEU C 11 10.94 -1.36 -28.75
C LEU C 11 10.07 -0.95 -27.57
N LYS C 12 10.60 -0.10 -26.69
CA LYS C 12 9.88 0.41 -25.52
C LYS C 12 8.66 1.22 -25.96
N THR C 13 8.74 1.87 -27.14
CA THR C 13 7.64 2.66 -27.72
C THR C 13 6.47 1.74 -28.15
N VAL C 14 6.75 0.76 -29.04
CA VAL C 14 5.77 -0.20 -29.56
C VAL C 14 5.02 -0.95 -28.44
N THR C 15 5.76 -1.44 -27.45
CA THR C 15 5.19 -2.21 -26.34
C THR C 15 4.29 -1.36 -25.47
N ARG C 16 4.73 -0.15 -25.10
CA ARG C 16 3.94 0.74 -24.25
C ARG C 16 2.63 1.12 -24.92
N ALA C 17 2.74 1.50 -26.21
CA ALA C 17 1.59 1.89 -27.02
C ALA C 17 0.51 0.83 -27.01
N ILE C 18 0.91 -0.41 -27.20
CA ILE C 18 -0.02 -1.54 -27.27
C ILE C 18 -0.62 -1.93 -25.94
N VAL C 19 0.25 -2.10 -24.94
CA VAL C 19 -0.11 -2.48 -23.57
C VAL C 19 -1.21 -1.58 -22.98
N ALA C 20 -1.31 -0.34 -23.48
CA ALA C 20 -2.32 0.62 -23.09
C ALA C 20 -3.76 0.13 -23.31
N LEU C 21 -3.99 -0.72 -24.32
CA LEU C 21 -5.34 -1.22 -24.60
C LEU C 21 -5.53 -2.71 -24.44
N VAL C 22 -4.51 -3.50 -24.79
CA VAL C 22 -4.58 -4.95 -24.76
C VAL C 22 -3.41 -5.58 -24.00
N SER C 23 -3.58 -6.83 -23.58
CA SER C 23 -2.58 -7.60 -22.87
C SER C 23 -1.78 -8.48 -23.85
N GLU C 24 -2.47 -9.06 -24.85
CA GLU C 24 -1.88 -9.89 -25.90
C GLU C 24 -2.12 -9.19 -27.22
N ALA C 25 -1.25 -9.44 -28.20
CA ALA C 25 -1.41 -8.84 -29.52
C ALA C 25 -0.71 -9.62 -30.63
N ARG C 26 -1.17 -9.42 -31.86
CA ARG C 26 -0.51 -10.02 -33.00
C ARG C 26 0.49 -9.00 -33.51
N ILE C 27 1.73 -9.42 -33.67
CA ILE C 27 2.79 -8.58 -34.24
C ILE C 27 3.10 -9.11 -35.64
N HIS C 28 3.01 -8.22 -36.63
CA HIS C 28 3.24 -8.55 -38.03
C HIS C 28 4.57 -8.03 -38.49
N PHE C 29 5.38 -8.94 -39.04
CA PHE C 29 6.68 -8.64 -39.62
C PHE C 29 6.48 -8.68 -41.11
N LEU C 30 6.27 -7.51 -41.69
CA LEU C 30 5.99 -7.41 -43.12
C LEU C 30 7.23 -7.00 -43.87
N GLU C 31 7.22 -7.09 -45.21
CA GLU C 31 8.34 -6.65 -46.05
C GLU C 31 8.62 -5.17 -45.70
N LYS C 32 7.53 -4.38 -45.59
CA LYS C 32 7.40 -2.94 -45.25
C LYS C 32 8.04 -2.59 -43.89
N GLY C 33 7.89 -3.49 -42.92
CA GLY C 33 8.39 -3.34 -41.57
C GLY C 33 7.44 -3.95 -40.54
N LEU C 34 7.60 -3.55 -39.26
CA LEU C 34 6.80 -3.99 -38.10
C LEU C 34 5.42 -3.35 -38.18
N HIS C 35 4.39 -4.11 -37.83
CA HIS C 35 3.02 -3.63 -37.78
C HIS C 35 2.24 -4.38 -36.72
N SER C 36 1.44 -3.67 -35.95
CA SER C 36 0.63 -4.27 -34.91
C SER C 36 -0.53 -3.37 -34.62
N ARG C 37 -1.72 -3.98 -34.57
CA ARG C 37 -2.95 -3.28 -34.23
C ARG C 37 -3.81 -4.05 -33.25
N ALA C 38 -4.55 -3.32 -32.42
CA ALA C 38 -5.40 -3.91 -31.42
C ALA C 38 -6.54 -2.98 -31.04
N VAL C 39 -7.62 -3.56 -30.56
CA VAL C 39 -8.78 -2.83 -30.06
C VAL C 39 -8.93 -3.26 -28.61
N ASP C 40 -9.22 -2.32 -27.70
CA ASP C 40 -9.43 -2.70 -26.30
C ASP C 40 -10.72 -3.56 -26.20
N PRO C 41 -10.89 -4.40 -25.14
CA PRO C 41 -12.11 -5.22 -25.07
C PRO C 41 -13.43 -4.46 -25.21
N ALA C 42 -13.48 -3.21 -24.73
CA ALA C 42 -14.65 -2.31 -24.81
C ALA C 42 -15.07 -1.98 -26.26
N ASN C 43 -14.10 -2.08 -27.20
CA ASN C 43 -14.18 -1.72 -28.62
C ASN C 43 -14.44 -0.20 -28.78
N VAL C 44 -13.87 0.58 -27.84
CA VAL C 44 -13.96 2.04 -27.82
C VAL C 44 -12.69 2.67 -28.43
N ALA C 45 -11.53 2.07 -28.16
CA ALA C 45 -10.25 2.57 -28.66
C ALA C 45 -9.47 1.54 -29.43
N MET C 46 -8.69 2.03 -30.38
CA MET C 46 -7.86 1.23 -31.25
C MET C 46 -6.44 1.83 -31.28
N VAL C 47 -5.44 0.96 -31.38
CA VAL C 47 -4.04 1.39 -31.51
C VAL C 47 -3.45 0.75 -32.76
N ILE C 48 -2.71 1.53 -33.54
CA ILE C 48 -2.05 1.05 -34.76
C ILE C 48 -0.57 1.44 -34.69
N VAL C 49 0.31 0.45 -34.58
CA VAL C 49 1.74 0.70 -34.51
C VAL C 49 2.40 0.31 -35.81
N ASP C 50 3.25 1.21 -36.33
CA ASP C 50 4.00 0.99 -37.56
C ASP C 50 5.41 1.46 -37.40
N ILE C 51 6.36 0.50 -37.50
CA ILE C 51 7.79 0.78 -37.45
C ILE C 51 8.37 0.35 -38.80
N PRO C 52 8.60 1.29 -39.75
CA PRO C 52 9.12 0.90 -41.07
C PRO C 52 10.51 0.29 -41.01
N LYS C 53 10.79 -0.68 -41.89
CA LYS C 53 12.09 -1.38 -41.92
C LYS C 53 13.35 -0.50 -41.83
N ASP C 54 13.33 0.72 -42.46
CA ASP C 54 14.41 1.72 -42.40
C ASP C 54 14.85 2.06 -40.98
N SER C 55 13.87 2.05 -40.04
CA SER C 55 14.02 2.40 -38.62
C SER C 55 14.87 1.35 -37.90
N PHE C 56 14.78 0.08 -38.35
CA PHE C 56 15.54 -1.03 -37.79
C PHE C 56 16.98 -0.94 -38.23
N GLU C 57 17.91 -1.36 -37.35
CA GLU C 57 19.33 -1.38 -37.69
C GLU C 57 19.53 -2.57 -38.61
N VAL C 58 18.83 -3.66 -38.28
CA VAL C 58 18.82 -4.91 -39.03
C VAL C 58 17.36 -5.35 -39.09
N TYR C 59 16.93 -5.83 -40.25
CA TYR C 59 15.56 -6.30 -40.45
C TYR C 59 15.55 -7.45 -41.44
N ASN C 60 15.77 -8.69 -40.96
CA ASN C 60 15.81 -9.87 -41.80
C ASN C 60 14.70 -10.84 -41.56
N ILE C 61 13.92 -11.06 -42.59
CA ILE C 61 12.81 -12.01 -42.60
C ILE C 61 12.89 -12.87 -43.84
N ASP C 62 12.44 -14.11 -43.70
CA ASP C 62 12.44 -15.08 -44.80
C ASP C 62 11.11 -14.97 -45.55
N GLU C 63 10.03 -14.78 -44.77
CA GLU C 63 8.65 -14.64 -45.23
C GLU C 63 7.97 -13.63 -44.30
N GLU C 64 6.78 -13.15 -44.68
CA GLU C 64 6.05 -12.26 -43.79
C GLU C 64 5.39 -13.18 -42.77
N LYS C 65 5.74 -13.00 -41.49
CA LYS C 65 5.26 -13.82 -40.38
C LYS C 65 4.43 -12.99 -39.39
N THR C 66 3.50 -13.64 -38.70
CA THR C 66 2.68 -13.06 -37.67
C THR C 66 2.89 -13.90 -36.42
N ILE C 67 3.04 -13.24 -35.27
CA ILE C 67 3.26 -13.93 -34.00
C ILE C 67 2.31 -13.44 -32.93
N GLY C 68 1.96 -14.32 -32.01
CA GLY C 68 1.12 -13.98 -30.87
C GLY C 68 2.01 -13.62 -29.70
N VAL C 69 1.94 -12.37 -29.23
CA VAL C 69 2.83 -11.91 -28.15
C VAL C 69 2.09 -11.52 -26.87
N ASP C 70 2.67 -11.89 -25.71
CA ASP C 70 2.18 -11.46 -24.40
C ASP C 70 2.85 -10.08 -24.20
N MET C 71 2.10 -9.01 -24.50
CA MET C 71 2.57 -7.63 -24.39
C MET C 71 2.89 -7.19 -22.98
N ASP C 72 2.17 -7.72 -21.99
CA ASP C 72 2.44 -7.43 -20.59
C ASP C 72 3.87 -7.89 -20.22
N ARG C 73 4.27 -9.11 -20.66
CA ARG C 73 5.62 -9.67 -20.41
C ARG C 73 6.70 -8.97 -21.22
N ILE C 74 6.42 -8.56 -22.47
CA ILE C 74 7.40 -7.85 -23.31
C ILE C 74 7.60 -6.45 -22.76
N PHE C 75 6.51 -5.81 -22.33
CA PHE C 75 6.57 -4.48 -21.75
C PHE C 75 7.43 -4.52 -20.51
N ASP C 76 7.10 -5.45 -19.59
CA ASP C 76 7.83 -5.61 -18.35
C ASP C 76 9.33 -5.81 -18.57
N ILE C 77 9.68 -6.58 -19.61
CA ILE C 77 11.06 -6.83 -19.99
C ILE C 77 11.75 -5.62 -20.58
N SER C 78 11.06 -4.85 -21.45
CA SER C 78 11.62 -3.67 -22.12
C SER C 78 12.03 -2.54 -21.16
N LYS C 79 11.55 -2.59 -19.92
CA LYS C 79 11.91 -1.62 -18.89
C LYS C 79 13.39 -1.80 -18.51
N SER C 80 13.92 -3.03 -18.67
CA SER C 80 15.32 -3.40 -18.41
C SER C 80 16.24 -2.98 -19.56
N ILE C 81 15.65 -2.67 -20.74
CA ILE C 81 16.38 -2.25 -21.92
C ILE C 81 16.59 -0.74 -21.86
N SER C 82 17.83 -0.28 -22.14
CA SER C 82 18.13 1.14 -22.16
C SER C 82 17.68 1.77 -23.48
N THR C 83 17.40 3.07 -23.47
CA THR C 83 16.95 3.86 -24.62
C THR C 83 17.94 3.73 -25.79
N LYS C 84 19.22 3.95 -25.50
CA LYS C 84 20.30 3.92 -26.49
C LYS C 84 20.82 2.50 -26.75
N ASP C 85 20.40 1.53 -25.93
CA ASP C 85 20.78 0.12 -26.02
C ASP C 85 20.17 -0.49 -27.29
N LEU C 86 20.83 -1.50 -27.87
CA LEU C 86 20.31 -2.20 -29.04
C LEU C 86 19.76 -3.54 -28.64
N VAL C 87 18.53 -3.83 -29.09
CA VAL C 87 17.83 -5.08 -28.81
C VAL C 87 17.58 -5.92 -30.06
N GLU C 88 17.88 -7.22 -29.98
CA GLU C 88 17.68 -8.19 -31.05
C GLU C 88 16.50 -9.09 -30.78
N LEU C 89 15.56 -9.12 -31.71
CA LEU C 89 14.40 -10.00 -31.59
C LEU C 89 14.60 -11.15 -32.58
N ILE C 90 14.50 -12.40 -32.09
CA ILE C 90 14.71 -13.58 -32.93
C ILE C 90 13.59 -14.59 -32.78
N VAL C 91 13.12 -15.11 -33.92
CA VAL C 91 12.10 -16.15 -33.95
C VAL C 91 12.61 -17.27 -34.88
N GLU C 92 13.22 -18.31 -34.30
CA GLU C 92 13.75 -19.44 -35.06
C GLU C 92 12.66 -20.50 -35.21
N ASP C 93 12.18 -21.05 -34.07
CA ASP C 93 11.10 -22.04 -34.02
C ASP C 93 9.74 -21.28 -33.98
N GLU C 94 8.63 -22.01 -34.05
CA GLU C 94 7.29 -21.41 -34.02
C GLU C 94 6.62 -21.38 -32.65
N SER C 95 7.40 -21.34 -31.56
CA SER C 95 6.82 -21.32 -30.22
C SER C 95 7.49 -20.38 -29.24
N THR C 96 8.70 -19.90 -29.53
CA THR C 96 9.42 -19.00 -28.62
C THR C 96 10.02 -17.78 -29.30
N LEU C 97 9.99 -16.65 -28.58
CA LEU C 97 10.57 -15.39 -29.01
C LEU C 97 11.82 -15.09 -28.17
N LYS C 98 12.94 -14.82 -28.85
CA LYS C 98 14.20 -14.49 -28.19
C LYS C 98 14.43 -12.99 -28.24
N VAL C 99 14.69 -12.38 -27.07
CA VAL C 99 14.93 -10.95 -26.93
C VAL C 99 16.34 -10.77 -26.35
N LYS C 100 17.27 -10.29 -27.17
CA LYS C 100 18.67 -10.09 -26.75
C LYS C 100 19.02 -8.64 -26.62
N PHE C 101 19.70 -8.29 -25.54
CA PHE C 101 20.20 -6.94 -25.26
C PHE C 101 21.23 -7.07 -24.20
N GLY C 102 22.39 -6.48 -24.45
CA GLY C 102 23.51 -6.57 -23.53
C GLY C 102 23.90 -8.01 -23.33
N SER C 103 24.21 -8.37 -22.07
CA SER C 103 24.61 -9.72 -21.71
C SER C 103 23.41 -10.60 -21.32
N VAL C 104 22.18 -10.13 -21.62
CA VAL C 104 20.91 -10.79 -21.28
C VAL C 104 20.13 -11.38 -22.46
N GLU C 105 19.73 -12.65 -22.37
CA GLU C 105 18.89 -13.30 -23.39
C GLU C 105 17.62 -13.73 -22.70
N TYR C 106 16.52 -13.20 -23.18
CA TYR C 106 15.20 -13.50 -22.65
C TYR C 106 14.41 -14.32 -23.68
N LYS C 107 13.87 -15.45 -23.23
CA LYS C 107 13.08 -16.36 -24.08
C LYS C 107 11.64 -16.39 -23.57
N VAL C 108 10.68 -16.28 -24.47
CA VAL C 108 9.27 -16.27 -24.10
C VAL C 108 8.43 -17.07 -25.06
N ALA C 109 7.50 -17.87 -24.49
CA ALA C 109 6.57 -18.67 -25.26
C ALA C 109 5.65 -17.73 -26.04
N LEU C 110 5.48 -18.03 -27.33
CA LEU C 110 4.62 -17.27 -28.21
C LEU C 110 3.19 -17.76 -27.99
N ILE C 111 2.21 -16.93 -28.33
CA ILE C 111 0.80 -17.30 -28.26
C ILE C 111 0.36 -17.70 -29.65
N ASP C 112 -0.53 -18.71 -29.75
CA ASP C 112 -1.09 -19.13 -31.03
C ASP C 112 -1.90 -17.93 -31.54
N PRO C 113 -1.48 -17.27 -32.65
CA PRO C 113 -2.21 -16.07 -33.10
C PRO C 113 -3.74 -16.22 -33.21
N SER C 114 -4.24 -17.42 -33.59
CA SER C 114 -5.69 -17.70 -33.69
C SER C 114 -6.38 -17.68 -32.33
N ALA C 115 -5.60 -17.77 -31.23
CA ALA C 115 -6.09 -17.72 -29.86
C ALA C 115 -6.33 -16.27 -29.41
N ILE C 116 -5.68 -15.30 -30.08
CA ILE C 116 -5.82 -13.87 -29.78
C ILE C 116 -7.04 -13.34 -30.51
N ARG C 117 -7.76 -12.41 -29.86
CA ARG C 117 -8.97 -11.79 -30.40
C ARG C 117 -8.72 -11.26 -31.81
N LYS C 118 -9.63 -11.62 -32.74
CA LYS C 118 -9.61 -11.25 -34.15
C LYS C 118 -9.09 -9.85 -34.36
N GLU C 119 -8.08 -9.76 -35.22
CA GLU C 119 -7.40 -8.54 -35.62
C GLU C 119 -8.46 -7.50 -36.11
N PRO C 120 -8.41 -6.26 -35.58
CA PRO C 120 -9.41 -5.24 -35.99
C PRO C 120 -9.27 -4.76 -37.43
N ARG C 121 -10.36 -4.14 -37.95
CA ARG C 121 -10.40 -3.55 -39.29
C ARG C 121 -10.11 -2.04 -39.13
N ILE C 122 -9.10 -1.47 -39.87
CA ILE C 122 -8.78 -0.02 -39.80
C ILE C 122 -10.01 0.74 -40.30
N PRO C 123 -10.64 1.56 -39.44
CA PRO C 123 -11.86 2.26 -39.88
C PRO C 123 -11.62 3.30 -40.96
N GLU C 124 -12.61 3.45 -41.84
CA GLU C 124 -12.61 4.45 -42.90
C GLU C 124 -13.36 5.64 -42.35
N LEU C 125 -12.61 6.68 -41.99
CA LEU C 125 -13.18 7.86 -41.38
C LEU C 125 -12.91 9.10 -42.25
N GLU C 126 -13.99 9.80 -42.65
CA GLU C 126 -13.89 11.04 -43.43
C GLU C 126 -13.93 12.15 -42.41
N LEU C 127 -12.77 12.78 -42.14
CA LEU C 127 -12.68 13.81 -41.10
C LEU C 127 -12.22 15.18 -41.58
N PRO C 128 -13.13 16.19 -41.49
CA PRO C 128 -12.84 17.57 -41.98
C PRO C 128 -11.59 18.27 -41.45
N ALA C 129 -11.48 18.44 -40.12
CA ALA C 129 -10.37 19.10 -39.46
C ALA C 129 -9.11 18.25 -39.44
N LYS C 130 -7.96 18.90 -39.66
CA LYS C 130 -6.63 18.28 -39.65
C LYS C 130 -5.73 19.22 -38.82
N ILE C 131 -5.28 18.76 -37.65
CA ILE C 131 -4.48 19.59 -36.76
C ILE C 131 -3.14 18.95 -36.48
N VAL C 132 -2.04 19.70 -36.65
CA VAL C 132 -0.69 19.20 -36.37
C VAL C 132 -0.07 20.09 -35.29
N MET C 133 0.29 19.49 -34.16
CA MET C 133 0.87 20.20 -33.03
C MET C 133 1.91 19.36 -32.30
N ASP C 134 2.53 19.96 -31.25
CA ASP C 134 3.50 19.26 -30.43
C ASP C 134 2.73 18.36 -29.47
N ALA C 135 3.07 17.07 -29.46
CA ALA C 135 2.43 16.09 -28.58
C ALA C 135 2.53 16.49 -27.11
N GLY C 136 3.65 17.12 -26.74
CA GLY C 136 3.89 17.60 -25.38
C GLY C 136 2.85 18.61 -24.94
N GLU C 137 2.53 19.57 -25.82
CA GLU C 137 1.52 20.58 -25.55
C GLU C 137 0.17 19.92 -25.32
N PHE C 138 -0.21 19.02 -26.24
CA PHE C 138 -1.44 18.26 -26.18
C PHE C 138 -1.54 17.51 -24.82
N LYS C 139 -0.44 16.81 -24.44
CA LYS C 139 -0.34 16.08 -23.18
C LYS C 139 -0.67 17.01 -21.98
N LYS C 140 -0.09 18.22 -21.97
CA LYS C 140 -0.31 19.22 -20.91
C LYS C 140 -1.78 19.70 -20.89
N ALA C 141 -2.39 19.85 -22.09
CA ALA C 141 -3.78 20.28 -22.22
C ALA C 141 -4.72 19.25 -21.60
N ILE C 142 -4.49 17.95 -21.91
CA ILE C 142 -5.29 16.85 -21.38
C ILE C 142 -5.17 16.76 -19.86
N ALA C 143 -3.94 16.94 -19.34
CA ALA C 143 -3.67 16.91 -17.90
C ALA C 143 -4.44 18.02 -17.19
N ALA C 144 -4.44 19.23 -17.78
CA ALA C 144 -5.16 20.38 -17.23
C ALA C 144 -6.65 20.06 -17.20
N ALA C 145 -7.18 19.62 -18.36
CA ALA C 145 -8.57 19.24 -18.51
C ALA C 145 -8.99 18.17 -17.50
N ASP C 146 -8.10 17.20 -17.26
CA ASP C 146 -8.33 16.10 -16.31
C ASP C 146 -8.68 16.57 -14.89
N LYS C 147 -8.25 17.79 -14.53
CA LYS C 147 -8.53 18.39 -13.22
C LYS C 147 -9.96 18.94 -13.15
N ILE C 148 -10.65 19.00 -14.29
CA ILE C 148 -11.99 19.57 -14.37
C ILE C 148 -13.07 18.52 -14.65
N SER C 149 -12.88 17.72 -15.72
CA SER C 149 -13.88 16.72 -16.11
C SER C 149 -13.31 15.35 -16.46
N ASP C 150 -14.22 14.39 -16.73
CA ASP C 150 -13.94 13.03 -17.16
C ASP C 150 -13.91 13.02 -18.69
N GLN C 151 -14.44 14.11 -19.31
CA GLN C 151 -14.57 14.30 -20.75
C GLN C 151 -14.24 15.72 -21.23
N VAL C 152 -13.77 15.81 -22.48
CA VAL C 152 -13.40 17.06 -23.16
C VAL C 152 -14.01 17.16 -24.54
N ILE C 153 -14.14 18.39 -25.05
CA ILE C 153 -14.62 18.68 -26.40
C ILE C 153 -13.41 19.09 -27.23
N PHE C 154 -13.30 18.50 -28.43
CA PHE C 154 -12.28 18.87 -29.39
C PHE C 154 -13.05 19.70 -30.41
N ARG C 155 -12.75 21.00 -30.44
CA ARG C 155 -13.42 21.97 -31.32
C ARG C 155 -12.46 22.48 -32.34
N SER C 156 -12.95 22.66 -33.55
CA SER C 156 -12.15 23.16 -34.64
C SER C 156 -13.00 23.95 -35.63
N ASP C 157 -12.46 25.08 -36.08
CA ASP C 157 -13.04 25.98 -37.07
C ASP C 157 -11.93 26.89 -37.60
N LYS C 158 -12.28 27.94 -38.35
CA LYS C 158 -11.32 28.91 -38.90
C LYS C 158 -10.48 29.64 -37.84
N GLU C 159 -11.05 29.85 -36.62
CA GLU C 159 -10.36 30.51 -35.50
C GLU C 159 -9.17 29.67 -35.02
N GLY C 160 -9.35 28.37 -34.96
CA GLY C 160 -8.30 27.46 -34.52
C GLY C 160 -8.81 26.20 -33.90
N PHE C 161 -7.96 25.58 -33.09
CA PHE C 161 -8.27 24.34 -32.39
C PHE C 161 -8.45 24.58 -30.90
N ARG C 162 -9.44 23.92 -30.32
CA ARG C 162 -9.77 24.06 -28.90
C ARG C 162 -10.03 22.73 -28.23
N ILE C 163 -9.56 22.61 -26.98
CA ILE C 163 -9.83 21.48 -26.09
C ILE C 163 -10.48 22.15 -24.90
N GLU C 164 -11.73 21.80 -24.62
CA GLU C 164 -12.46 22.39 -23.52
C GLU C 164 -13.09 21.39 -22.60
N ALA C 165 -13.07 21.69 -21.29
CA ALA C 165 -13.64 20.83 -20.25
C ALA C 165 -14.48 21.68 -19.34
N LYS C 166 -15.64 21.15 -18.88
CA LYS C 166 -16.52 21.87 -17.97
C LYS C 166 -16.82 21.07 -16.71
N GLY C 167 -16.76 21.78 -15.59
CA GLY C 167 -17.08 21.24 -14.28
C GLY C 167 -18.37 21.85 -13.80
N ASP C 168 -18.73 21.57 -12.56
CA ASP C 168 -19.98 22.08 -12.00
C ASP C 168 -19.84 23.57 -11.63
N VAL C 169 -18.61 23.99 -11.28
CA VAL C 169 -18.28 25.31 -10.80
C VAL C 169 -17.17 26.01 -11.60
N ASP C 170 -16.45 25.26 -12.45
CA ASP C 170 -15.32 25.82 -13.19
C ASP C 170 -15.19 25.21 -14.58
N SER C 171 -14.30 25.76 -15.41
CA SER C 171 -14.04 25.25 -16.75
C SER C 171 -12.64 25.59 -17.19
N ILE C 172 -12.16 24.89 -18.22
CA ILE C 172 -10.83 25.10 -18.76
C ILE C 172 -10.87 25.06 -20.29
N VAL C 173 -10.11 25.95 -20.94
CA VAL C 173 -10.05 26.01 -22.39
C VAL C 173 -8.62 26.14 -22.85
N PHE C 174 -8.21 25.18 -23.68
CA PHE C 174 -6.93 25.19 -24.36
C PHE C 174 -7.26 25.70 -25.76
N HIS C 175 -6.53 26.73 -26.24
CA HIS C 175 -6.79 27.31 -27.55
C HIS C 175 -5.51 27.69 -28.28
N MET C 176 -5.43 27.27 -29.56
CA MET C 176 -4.32 27.57 -30.46
C MET C 176 -4.89 27.93 -31.82
N THR C 177 -4.36 29.00 -32.42
CA THR C 177 -4.81 29.49 -33.72
C THR C 177 -3.95 28.82 -34.80
N GLU C 178 -4.30 29.04 -36.08
CA GLU C 178 -3.54 28.52 -37.23
C GLU C 178 -2.07 28.94 -37.14
N THR C 179 -1.82 30.18 -36.70
CA THR C 179 -0.49 30.76 -36.52
C THR C 179 0.36 29.88 -35.60
N GLU C 180 -0.21 29.48 -34.44
CA GLU C 180 0.45 28.69 -33.41
C GLU C 180 0.59 27.22 -33.75
N LEU C 181 -0.37 26.65 -34.49
CA LEU C 181 -0.30 25.23 -34.87
C LEU C 181 0.74 25.03 -35.97
N ILE C 182 1.34 23.82 -36.04
CA ILE C 182 2.33 23.49 -37.07
C ILE C 182 1.65 23.47 -38.44
N GLU C 183 0.48 22.85 -38.52
CA GLU C 183 -0.33 22.74 -39.72
C GLU C 183 -1.80 22.78 -39.26
N PHE C 184 -2.65 23.44 -40.05
CA PHE C 184 -4.06 23.57 -39.73
C PHE C 184 -4.90 23.88 -40.97
N ASN C 185 -5.90 23.04 -41.25
CA ASN C 185 -6.76 23.21 -42.41
C ASN C 185 -8.03 24.04 -42.14
N GLY C 186 -8.22 24.46 -40.89
CA GLY C 186 -9.38 25.23 -40.48
C GLY C 186 -10.72 24.54 -40.69
N GLY C 187 -10.70 23.21 -40.70
CA GLY C 187 -11.91 22.42 -40.86
C GLY C 187 -12.83 22.60 -39.68
N GLU C 188 -14.15 22.50 -39.90
CA GLU C 188 -15.10 22.61 -38.80
C GLU C 188 -15.40 21.22 -38.27
N ALA C 189 -15.21 21.04 -36.95
CA ALA C 189 -15.46 19.76 -36.31
C ALA C 189 -15.67 19.92 -34.81
N ARG C 190 -16.53 19.07 -34.23
CA ARG C 190 -16.82 19.08 -32.80
C ARG C 190 -17.22 17.70 -32.36
N SER C 191 -16.38 17.12 -31.49
CA SER C 191 -16.60 15.81 -30.89
C SER C 191 -16.18 15.85 -29.42
N MET C 192 -16.77 14.96 -28.61
CA MET C 192 -16.48 14.85 -27.20
C MET C 192 -15.82 13.52 -26.91
N PHE C 193 -14.78 13.52 -26.05
CA PHE C 193 -14.04 12.29 -25.73
C PHE C 193 -13.76 12.10 -24.26
N SER C 194 -13.53 10.84 -23.84
CA SER C 194 -13.19 10.56 -22.45
C SER C 194 -11.73 10.92 -22.16
N VAL C 195 -11.51 11.75 -21.12
CA VAL C 195 -10.19 12.20 -20.67
C VAL C 195 -9.28 11.02 -20.27
N ASP C 196 -9.85 9.96 -19.71
CA ASP C 196 -9.09 8.79 -19.28
C ASP C 196 -8.37 8.05 -20.37
N TYR C 197 -9.00 7.90 -21.55
CA TYR C 197 -8.37 7.26 -22.69
C TYR C 197 -7.26 8.16 -23.19
N LEU C 198 -7.53 9.49 -23.29
CA LEU C 198 -6.57 10.46 -23.79
C LEU C 198 -5.30 10.52 -22.98
N LYS C 199 -5.42 10.47 -21.63
CA LYS C 199 -4.25 10.47 -20.73
C LYS C 199 -3.37 9.27 -21.02
N GLU C 200 -4.02 8.09 -21.15
CA GLU C 200 -3.37 6.83 -21.44
C GLU C 200 -2.65 6.86 -22.77
N PHE C 201 -3.26 7.53 -23.76
CA PHE C 201 -2.67 7.68 -25.09
C PHE C 201 -1.39 8.49 -25.02
N CYS C 202 -1.46 9.62 -24.32
CA CYS C 202 -0.36 10.55 -24.13
C CYS C 202 0.87 9.98 -23.46
N LYS C 203 0.74 8.85 -22.75
CA LYS C 203 1.85 8.22 -22.05
C LYS C 203 2.99 7.80 -23.00
N VAL C 204 2.71 7.65 -24.29
CA VAL C 204 3.70 7.23 -25.28
C VAL C 204 4.39 8.41 -26.01
N ALA C 205 3.99 9.64 -25.65
CA ALA C 205 4.52 10.84 -26.29
C ALA C 205 5.00 11.88 -25.32
N GLY C 206 5.84 12.76 -25.83
CA GLY C 206 6.39 13.87 -25.05
C GLY C 206 6.70 15.04 -25.93
N SER C 207 7.25 16.11 -25.33
CA SER C 207 7.64 17.30 -26.06
C SER C 207 8.66 16.93 -27.12
N GLY C 208 8.50 17.52 -28.29
CA GLY C 208 9.37 17.28 -29.43
C GLY C 208 8.75 16.31 -30.41
N ASP C 209 7.81 15.48 -29.94
CA ASP C 209 7.12 14.54 -30.82
C ASP C 209 5.95 15.22 -31.48
N LEU C 210 5.70 14.83 -32.73
CA LEU C 210 4.66 15.42 -33.58
C LEU C 210 3.35 14.68 -33.40
N LEU C 211 2.26 15.45 -33.29
CA LEU C 211 0.92 14.89 -33.19
C LEU C 211 0.02 15.43 -34.29
N THR C 212 -0.65 14.52 -35.01
CA THR C 212 -1.58 14.89 -36.05
C THR C 212 -2.97 14.48 -35.62
N ILE C 213 -3.89 15.44 -35.58
CA ILE C 213 -5.27 15.19 -35.18
C ILE C 213 -6.20 15.25 -36.40
N HIS C 214 -6.99 14.19 -36.57
CA HIS C 214 -8.02 14.11 -37.60
C HIS C 214 -9.32 14.13 -36.85
N LEU C 215 -10.06 15.24 -36.97
CA LEU C 215 -11.28 15.43 -36.21
C LEU C 215 -12.51 15.66 -37.08
N GLY C 216 -13.63 15.11 -36.62
CA GLY C 216 -14.93 15.25 -37.27
C GLY C 216 -15.99 15.68 -36.27
N THR C 217 -17.25 15.62 -36.69
CA THR C 217 -18.36 15.98 -35.82
C THR C 217 -19.10 14.73 -35.35
N ASN C 218 -19.02 14.45 -34.02
CA ASN C 218 -19.62 13.29 -33.37
C ASN C 218 -19.13 12.00 -34.04
N TYR C 219 -17.84 11.99 -34.36
CA TYR C 219 -17.14 10.89 -35.00
C TYR C 219 -15.88 10.58 -34.22
N PRO C 220 -15.30 9.38 -34.39
CA PRO C 220 -14.04 9.07 -33.70
C PRO C 220 -12.93 10.06 -34.05
N VAL C 221 -11.91 10.15 -33.19
CA VAL C 221 -10.77 11.04 -33.43
C VAL C 221 -9.57 10.18 -33.78
N ARG C 222 -8.74 10.66 -34.70
CA ARG C 222 -7.51 9.97 -35.06
C ARG C 222 -6.38 10.75 -34.47
N LEU C 223 -5.61 10.12 -33.58
CA LEU C 223 -4.46 10.76 -32.94
C LEU C 223 -3.22 10.07 -33.43
N VAL C 224 -2.56 10.67 -34.43
CA VAL C 224 -1.36 10.09 -35.04
C VAL C 224 -0.08 10.67 -34.44
N PHE C 225 0.58 9.87 -33.59
CA PHE C 225 1.82 10.26 -32.96
C PHE C 225 3.02 9.79 -33.79
N GLU C 226 3.95 10.72 -34.04
CA GLU C 226 5.19 10.41 -34.74
C GLU C 226 6.28 10.52 -33.71
N LEU C 227 6.76 9.36 -33.27
CA LEU C 227 7.74 9.30 -32.21
C LEU C 227 9.11 8.83 -32.66
N VAL C 228 10.06 8.90 -31.70
CA VAL C 228 11.44 8.47 -31.89
C VAL C 228 12.02 9.16 -33.14
N GLY C 229 11.80 10.46 -33.24
CA GLY C 229 12.27 11.29 -34.35
C GLY C 229 11.76 10.85 -35.71
N GLY C 230 10.49 10.47 -35.76
CA GLY C 230 9.83 10.03 -36.99
C GLY C 230 10.12 8.60 -37.39
N ARG C 231 10.78 7.84 -36.51
CA ARG C 231 11.13 6.46 -36.81
C ARG C 231 10.00 5.47 -36.45
N ALA C 232 9.03 5.92 -35.61
CA ALA C 232 7.87 5.12 -35.22
C ALA C 232 6.60 5.93 -35.31
N LYS C 233 5.52 5.26 -35.70
CA LYS C 233 4.22 5.87 -35.85
C LYS C 233 3.23 5.15 -34.98
N VAL C 234 2.63 5.87 -34.04
CA VAL C 234 1.63 5.28 -33.14
C VAL C 234 0.33 6.01 -33.33
N GLU C 235 -0.67 5.30 -33.82
CA GLU C 235 -1.98 5.90 -34.04
C GLU C 235 -3.01 5.34 -33.10
N TYR C 236 -3.75 6.24 -32.45
CA TYR C 236 -4.84 5.90 -31.56
C TYR C 236 -6.13 6.45 -32.15
N ILE C 237 -7.16 5.61 -32.20
CA ILE C 237 -8.48 5.99 -32.69
C ILE C 237 -9.43 5.84 -31.52
N LEU C 238 -10.14 6.91 -31.18
CA LEU C 238 -11.05 6.90 -30.06
C LEU C 238 -12.47 7.25 -30.43
N ALA C 239 -13.42 6.36 -30.07
CA ALA C 239 -14.84 6.57 -30.33
C ALA C 239 -15.35 7.75 -29.49
N PRO C 240 -16.31 8.54 -30.02
CA PRO C 240 -16.77 9.71 -29.26
C PRO C 240 -17.93 9.42 -28.30
N ARG C 241 -18.38 10.46 -27.57
CA ARG C 241 -19.55 10.47 -26.70
C ARG C 241 -20.64 11.33 -27.44
N ILE C 242 -21.90 10.85 -27.47
CA ILE C 242 -23.01 11.51 -28.19
C ILE C 242 -24.21 11.87 -27.26
N GLU C 243 -25.43 11.99 -27.84
CA GLU C 243 -26.71 12.31 -27.16
C GLU C 243 -26.66 13.59 -26.29
N SER D 5 -23.34 -40.47 -19.32
CA SER D 5 -24.51 -40.65 -18.45
C SER D 5 -25.81 -39.95 -18.99
N PRO D 6 -27.00 -40.63 -19.06
CA PRO D 6 -28.21 -39.94 -19.55
C PRO D 6 -28.80 -38.93 -18.55
N GLU D 7 -29.60 -37.96 -19.06
CA GLU D 7 -30.21 -36.86 -18.29
C GLU D 7 -30.94 -37.31 -17.05
N PHE D 8 -31.70 -38.42 -17.16
CA PHE D 8 -32.54 -39.05 -16.13
C PHE D 8 -32.08 -40.46 -15.73
N PRO D 9 -32.25 -40.86 -14.46
CA PRO D 9 -32.92 -40.14 -13.37
C PRO D 9 -32.10 -39.09 -12.62
N GLY D 10 -30.93 -38.78 -13.16
CA GLY D 10 -29.99 -37.82 -12.60
C GLY D 10 -30.56 -36.45 -12.34
N ARG D 11 -31.28 -35.90 -13.34
CA ARG D 11 -31.87 -34.58 -13.24
C ARG D 11 -33.03 -34.42 -12.26
N LEU D 12 -33.49 -35.51 -11.67
CA LEU D 12 -34.59 -35.49 -10.71
C LEU D 12 -34.21 -35.03 -9.32
N MET D 13 -32.97 -35.26 -8.97
CA MET D 13 -32.40 -35.18 -7.64
C MET D 13 -31.55 -33.99 -7.30
N LYS D 14 -31.31 -33.77 -6.01
CA LYS D 14 -30.40 -32.72 -5.54
C LYS D 14 -29.06 -33.40 -5.29
N ALA D 15 -27.97 -32.63 -5.28
CA ALA D 15 -26.65 -33.19 -5.02
C ALA D 15 -25.82 -32.30 -4.11
N GLY D 16 -24.95 -32.94 -3.35
CA GLY D 16 -24.03 -32.27 -2.43
C GLY D 16 -22.61 -32.51 -2.86
N ILE D 17 -21.79 -31.47 -2.87
CA ILE D 17 -20.41 -31.54 -3.30
C ILE D 17 -19.48 -31.00 -2.23
N ASP D 18 -18.39 -31.70 -1.96
CA ASP D 18 -17.37 -31.24 -1.01
C ASP D 18 -15.99 -31.78 -1.39
N GLU D 19 -14.97 -31.44 -0.59
CA GLU D 19 -13.60 -31.83 -0.84
C GLU D 19 -12.87 -32.29 0.40
N ALA D 20 -11.67 -32.83 0.21
CA ALA D 20 -10.75 -33.23 1.25
C ALA D 20 -9.33 -33.04 0.69
N GLY D 21 -8.47 -32.38 1.46
CA GLY D 21 -7.05 -32.16 1.13
C GLY D 21 -6.71 -30.95 0.30
N LYS D 22 -7.61 -29.97 0.23
CA LYS D 22 -7.35 -28.73 -0.53
C LYS D 22 -6.08 -28.04 -0.05
N GLY D 23 -5.91 -27.96 1.27
CA GLY D 23 -4.79 -27.25 1.87
C GLY D 23 -3.56 -28.05 2.25
N CYS D 24 -3.49 -29.28 1.80
CA CYS D 24 -2.40 -30.22 1.99
C CYS D 24 -1.14 -29.87 1.20
N VAL D 25 0.02 -30.36 1.67
CA VAL D 25 1.31 -30.24 0.98
C VAL D 25 1.58 -31.58 0.33
N ILE D 26 1.17 -32.66 1.02
CA ILE D 26 1.32 -34.02 0.54
C ILE D 26 -0.06 -34.61 0.26
N GLY D 27 -0.14 -35.33 -0.85
CA GLY D 27 -1.36 -36.03 -1.19
C GLY D 27 -2.24 -35.32 -2.19
N PRO D 28 -3.29 -36.03 -2.65
CA PRO D 28 -4.16 -35.44 -3.66
C PRO D 28 -5.25 -34.55 -3.09
N LEU D 29 -5.95 -33.88 -4.00
CA LEU D 29 -7.14 -33.12 -3.71
C LEU D 29 -8.27 -34.08 -4.12
N VAL D 30 -9.19 -34.37 -3.19
CA VAL D 30 -10.30 -35.30 -3.45
C VAL D 30 -11.59 -34.50 -3.42
N VAL D 31 -12.37 -34.61 -4.50
CA VAL D 31 -13.66 -33.92 -4.62
C VAL D 31 -14.67 -35.02 -4.85
N ALA D 32 -15.75 -35.01 -4.05
CA ALA D 32 -16.80 -36.00 -4.18
C ALA D 32 -18.19 -35.37 -4.23
N GLY D 33 -19.09 -36.01 -4.97
CA GLY D 33 -20.47 -35.59 -5.11
C GLY D 33 -21.40 -36.70 -4.75
N VAL D 34 -22.51 -36.38 -4.06
CA VAL D 34 -23.51 -37.35 -3.63
C VAL D 34 -24.88 -36.85 -4.06
N ALA D 35 -25.66 -37.73 -4.71
CA ALA D 35 -27.03 -37.43 -5.13
C ALA D 35 -27.90 -38.58 -4.66
N CYS D 36 -28.99 -38.28 -3.93
CA CYS D 36 -29.88 -39.32 -3.39
C CYS D 36 -31.29 -39.17 -3.85
N SER D 37 -31.97 -40.32 -4.00
CA SER D 37 -33.39 -40.36 -4.33
C SER D 37 -34.22 -40.18 -3.05
N ASP D 38 -33.64 -40.57 -1.90
CA ASP D 38 -34.27 -40.45 -0.59
C ASP D 38 -33.36 -39.69 0.37
N GLU D 39 -33.60 -38.37 0.47
CA GLU D 39 -32.82 -37.50 1.34
C GLU D 39 -33.10 -37.77 2.81
N ASP D 40 -34.36 -38.04 3.15
CA ASP D 40 -34.78 -38.28 4.52
C ASP D 40 -34.02 -39.48 5.09
N ARG D 41 -33.82 -40.53 4.25
CA ARG D 41 -33.11 -41.74 4.64
C ARG D 41 -31.67 -41.42 4.87
N LEU D 42 -31.14 -40.45 4.13
CA LEU D 42 -29.76 -40.03 4.28
C LEU D 42 -29.54 -39.34 5.63
N ARG D 43 -30.48 -38.45 6.02
CA ARG D 43 -30.39 -37.73 7.28
C ARG D 43 -30.45 -38.67 8.50
N LYS D 44 -31.27 -39.74 8.44
CA LYS D 44 -31.41 -40.78 9.46
C LYS D 44 -30.08 -41.56 9.70
N LEU D 45 -29.17 -41.63 8.70
CA LEU D 45 -27.86 -42.27 8.85
C LEU D 45 -26.99 -41.49 9.85
N GLY D 46 -27.28 -40.21 10.06
CA GLY D 46 -26.54 -39.35 10.99
C GLY D 46 -25.30 -38.71 10.42
N VAL D 47 -25.37 -38.33 9.15
CA VAL D 47 -24.29 -37.69 8.41
C VAL D 47 -23.94 -36.31 8.97
N LYS D 48 -24.95 -35.57 9.46
CA LYS D 48 -24.79 -34.22 9.99
C LYS D 48 -23.69 -34.12 11.05
N ASP D 49 -23.70 -35.02 12.04
CA ASP D 49 -22.72 -35.03 13.13
C ASP D 49 -21.69 -36.16 12.98
N SER D 50 -21.04 -36.25 11.82
CA SER D 50 -20.09 -37.33 11.53
C SER D 50 -18.62 -37.02 11.85
N LYS D 51 -18.28 -35.73 12.06
CA LYS D 51 -16.91 -35.33 12.35
C LYS D 51 -16.34 -35.99 13.59
N LYS D 52 -17.18 -36.19 14.61
CA LYS D 52 -16.82 -36.82 15.89
C LYS D 52 -16.49 -38.32 15.78
N LEU D 53 -16.97 -38.95 14.69
CA LEU D 53 -16.77 -40.38 14.44
C LEU D 53 -15.33 -40.78 14.24
N SER D 54 -15.04 -42.03 14.56
CA SER D 54 -13.71 -42.59 14.37
C SER D 54 -13.50 -42.87 12.88
N GLN D 55 -12.25 -43.16 12.49
CA GLN D 55 -11.89 -43.53 11.13
C GLN D 55 -12.67 -44.78 10.73
N GLY D 56 -12.80 -45.73 11.68
CA GLY D 56 -13.53 -46.97 11.48
C GLY D 56 -15.02 -46.77 11.26
N ARG D 57 -15.64 -45.90 12.07
CA ARG D 57 -17.06 -45.60 11.96
C ARG D 57 -17.35 -44.77 10.70
N ARG D 58 -16.41 -43.87 10.31
CA ARG D 58 -16.58 -43.06 9.09
C ARG D 58 -16.60 -43.96 7.86
N GLU D 59 -15.75 -45.00 7.84
CA GLU D 59 -15.65 -45.94 6.73
C GLU D 59 -16.97 -46.67 6.55
N GLU D 60 -17.58 -47.10 7.68
CA GLU D 60 -18.86 -47.81 7.70
C GLU D 60 -19.96 -46.92 7.16
N LEU D 61 -19.99 -45.67 7.61
CA LEU D 61 -20.97 -44.69 7.19
C LEU D 61 -20.86 -44.41 5.68
N ALA D 62 -19.64 -44.31 5.14
CA ALA D 62 -19.41 -44.10 3.71
C ALA D 62 -20.02 -45.25 2.90
N GLU D 63 -19.87 -46.51 3.37
CA GLU D 63 -20.46 -47.69 2.69
C GLU D 63 -21.98 -47.59 2.68
N GLU D 64 -22.59 -47.08 3.76
CA GLU D 64 -24.05 -46.90 3.85
C GLU D 64 -24.50 -45.83 2.85
N ILE D 65 -23.73 -44.75 2.74
CA ILE D 65 -24.03 -43.68 1.79
C ILE D 65 -24.05 -44.28 0.39
N ARG D 66 -22.96 -44.99 0.01
CA ARG D 66 -22.79 -45.58 -1.31
C ARG D 66 -23.92 -46.52 -1.72
N LYS D 67 -24.54 -47.22 -0.74
CA LYS D 67 -25.63 -48.17 -0.96
C LYS D 67 -26.91 -47.50 -1.43
N ILE D 68 -27.22 -46.29 -0.90
CA ILE D 68 -28.47 -45.60 -1.19
C ILE D 68 -28.34 -44.36 -2.10
N CYS D 69 -27.10 -43.94 -2.41
CA CYS D 69 -26.86 -42.74 -3.21
C CYS D 69 -25.90 -42.99 -4.34
N ARG D 70 -26.00 -42.14 -5.36
CA ARG D 70 -25.04 -42.16 -6.44
C ARG D 70 -23.89 -41.32 -5.95
N THR D 71 -22.66 -41.80 -6.11
CA THR D 71 -21.48 -41.08 -5.69
C THR D 71 -20.52 -40.96 -6.85
N GLU D 72 -19.86 -39.81 -6.93
CA GLU D 72 -18.85 -39.52 -7.95
C GLU D 72 -17.62 -38.95 -7.29
N VAL D 73 -16.46 -39.57 -7.52
CA VAL D 73 -15.22 -39.12 -6.90
C VAL D 73 -14.21 -38.71 -7.95
N LEU D 74 -13.48 -37.67 -7.66
CA LEU D 74 -12.46 -37.11 -8.52
C LEU D 74 -11.23 -36.88 -7.64
N LYS D 75 -10.06 -37.31 -8.13
CA LYS D 75 -8.82 -37.12 -7.41
C LYS D 75 -7.83 -36.39 -8.31
N VAL D 76 -7.26 -35.29 -7.81
CA VAL D 76 -6.25 -34.51 -8.53
C VAL D 76 -4.93 -34.76 -7.84
N SER D 77 -4.00 -35.39 -8.57
CA SER D 77 -2.70 -35.75 -8.03
C SER D 77 -1.86 -34.52 -7.72
N PRO D 78 -0.91 -34.63 -6.76
CA PRO D 78 0.00 -33.51 -6.49
C PRO D 78 0.68 -32.98 -7.77
N GLU D 79 1.13 -33.89 -8.65
CA GLU D 79 1.75 -33.57 -9.95
C GLU D 79 0.84 -32.67 -10.81
N ASN D 80 -0.44 -33.06 -10.95
CA ASN D 80 -1.44 -32.31 -11.71
C ASN D 80 -1.84 -31.01 -11.03
N LEU D 81 -1.81 -30.98 -9.71
CA LEU D 81 -2.13 -29.75 -8.98
C LEU D 81 -1.03 -28.73 -9.25
N ASP D 82 0.25 -29.16 -9.19
CA ASP D 82 1.42 -28.32 -9.43
C ASP D 82 1.36 -27.70 -10.81
N GLU D 83 0.91 -28.50 -11.79
CA GLU D 83 0.78 -28.08 -13.18
C GLU D 83 -0.28 -26.99 -13.29
N ARG D 84 -1.46 -27.26 -12.72
CA ARG D 84 -2.61 -26.36 -12.78
C ARG D 84 -2.47 -25.09 -11.97
N MET D 85 -1.72 -25.14 -10.88
CA MET D 85 -1.51 -24.00 -9.99
C MET D 85 -0.63 -22.90 -10.57
N ALA D 86 -0.06 -23.14 -11.73
CA ALA D 86 0.77 -22.16 -12.42
C ALA D 86 -0.13 -21.00 -12.83
N ALA D 87 -1.33 -21.32 -13.35
CA ALA D 87 -2.29 -20.32 -13.82
C ALA D 87 -3.47 -20.10 -12.91
N LYS D 88 -3.71 -21.01 -11.97
CA LYS D 88 -4.87 -20.92 -11.07
C LYS D 88 -4.57 -21.13 -9.59
N THR D 89 -5.41 -20.53 -8.74
CA THR D 89 -5.28 -20.68 -7.31
C THR D 89 -5.89 -22.04 -6.95
N ILE D 90 -5.63 -22.55 -5.74
CA ILE D 90 -6.22 -23.82 -5.33
C ILE D 90 -7.77 -23.78 -5.39
N ASN D 91 -8.37 -22.67 -4.96
CA ASN D 91 -9.81 -22.49 -4.95
C ASN D 91 -10.41 -22.46 -6.35
N GLU D 92 -9.68 -21.93 -7.35
CA GLU D 92 -10.14 -21.92 -8.73
C GLU D 92 -10.13 -23.36 -9.26
N ILE D 93 -9.07 -24.13 -8.95
CA ILE D 93 -8.96 -25.55 -9.33
C ILE D 93 -10.11 -26.28 -8.67
N LEU D 94 -10.37 -25.98 -7.37
CA LEU D 94 -11.47 -26.57 -6.65
C LEU D 94 -12.83 -26.30 -7.37
N LYS D 95 -13.04 -25.06 -7.87
CA LYS D 95 -14.23 -24.66 -8.61
C LYS D 95 -14.36 -25.50 -9.89
N GLU D 96 -13.24 -25.72 -10.58
CA GLU D 96 -13.22 -26.51 -11.81
C GLU D 96 -13.62 -27.96 -11.52
N CYS D 97 -13.14 -28.51 -10.37
CA CYS D 97 -13.46 -29.87 -9.91
C CYS D 97 -14.90 -29.98 -9.57
N TYR D 98 -15.44 -28.98 -8.90
CA TYR D 98 -16.85 -28.92 -8.52
C TYR D 98 -17.73 -29.01 -9.75
N ALA D 99 -17.40 -28.24 -10.80
CA ALA D 99 -18.16 -28.25 -12.04
C ALA D 99 -18.12 -29.62 -12.70
N GLU D 100 -16.94 -30.28 -12.72
CA GLU D 100 -16.77 -31.60 -13.32
C GLU D 100 -17.71 -32.63 -12.66
N ILE D 101 -17.74 -32.62 -11.32
CA ILE D 101 -18.58 -33.51 -10.54
C ILE D 101 -20.07 -33.21 -10.77
N ILE D 102 -20.44 -31.92 -10.78
CA ILE D 102 -21.82 -31.51 -11.01
C ILE D 102 -22.28 -32.01 -12.38
N LEU D 103 -21.42 -31.88 -13.39
CA LEU D 103 -21.74 -32.30 -14.74
C LEU D 103 -21.84 -33.80 -14.89
N ARG D 104 -21.16 -34.56 -14.03
CA ARG D 104 -21.25 -36.03 -14.07
C ARG D 104 -22.59 -36.48 -13.52
N LEU D 105 -23.01 -35.83 -12.43
CA LEU D 105 -24.25 -36.15 -11.73
C LEU D 105 -25.51 -35.58 -12.35
N LYS D 106 -25.38 -34.44 -13.06
CA LYS D 106 -26.47 -33.71 -13.69
C LYS D 106 -27.69 -33.52 -12.72
N PRO D 107 -27.50 -32.96 -11.49
CA PRO D 107 -28.63 -32.82 -10.58
C PRO D 107 -29.54 -31.66 -10.94
N GLU D 108 -30.68 -31.56 -10.27
CA GLU D 108 -31.63 -30.48 -10.46
C GLU D 108 -31.01 -29.20 -9.86
N ILE D 109 -30.40 -29.37 -8.68
CA ILE D 109 -29.75 -28.31 -7.93
C ILE D 109 -28.56 -28.93 -7.18
N ALA D 110 -27.43 -28.20 -7.11
CA ALA D 110 -26.24 -28.69 -6.43
C ALA D 110 -25.82 -27.80 -5.29
N TYR D 111 -25.58 -28.39 -4.12
CA TYR D 111 -25.15 -27.67 -2.93
C TYR D 111 -23.66 -27.93 -2.75
N VAL D 112 -22.87 -26.85 -2.71
CA VAL D 112 -21.42 -26.92 -2.64
C VAL D 112 -20.93 -26.19 -1.40
N ASP D 113 -19.85 -26.70 -0.80
CA ASP D 113 -19.19 -26.07 0.34
C ASP D 113 -18.16 -25.14 -0.22
N SER D 114 -18.31 -23.86 0.08
CA SER D 114 -17.42 -22.82 -0.43
C SER D 114 -16.14 -22.66 0.41
N PRO D 115 -14.96 -22.61 -0.24
CA PRO D 115 -13.73 -22.30 0.51
C PRO D 115 -13.72 -20.79 0.89
N ASP D 116 -12.59 -20.24 1.46
CA ASP D 116 -12.61 -18.81 1.84
C ASP D 116 -12.47 -17.91 0.63
N VAL D 117 -13.61 -17.79 -0.05
CA VAL D 117 -13.87 -17.18 -1.33
C VAL D 117 -15.37 -16.72 -1.28
N ILE D 118 -15.75 -15.57 -1.91
CA ILE D 118 -17.15 -15.04 -1.88
C ILE D 118 -18.14 -16.18 -2.29
N PRO D 119 -19.02 -16.79 -1.42
CA PRO D 119 -19.83 -17.90 -1.95
C PRO D 119 -20.75 -17.51 -3.09
N GLU D 120 -21.41 -16.36 -3.00
CA GLU D 120 -22.33 -15.85 -4.03
C GLU D 120 -21.71 -15.85 -5.43
N ARG D 121 -20.43 -15.42 -5.53
CA ARG D 121 -19.66 -15.37 -6.78
C ARG D 121 -19.44 -16.78 -7.30
N LEU D 122 -19.13 -17.73 -6.41
CA LEU D 122 -18.88 -19.12 -6.79
C LEU D 122 -20.14 -19.73 -7.35
N SER D 123 -21.32 -19.47 -6.74
CA SER D 123 -22.62 -19.96 -7.21
C SER D 123 -22.80 -19.50 -8.64
N ARG D 124 -22.55 -18.19 -8.91
CA ARG D 124 -22.68 -17.48 -10.19
C ARG D 124 -21.86 -18.15 -11.28
N GLU D 125 -20.56 -18.34 -11.00
CA GLU D 125 -19.58 -18.95 -11.91
C GLU D 125 -19.88 -20.41 -12.18
N LEU D 126 -20.30 -21.18 -11.17
CA LEU D 126 -20.63 -22.58 -11.32
C LEU D 126 -21.90 -22.78 -12.15
N GLU D 127 -22.94 -21.95 -11.90
CA GLU D 127 -24.20 -21.98 -12.65
C GLU D 127 -23.93 -21.67 -14.11
N GLU D 128 -22.91 -20.84 -14.39
CA GLU D 128 -22.53 -20.47 -15.75
C GLU D 128 -21.82 -21.63 -16.45
N ILE D 129 -20.91 -22.30 -15.74
CA ILE D 129 -20.13 -23.40 -16.28
C ILE D 129 -21.03 -24.61 -16.56
N THR D 130 -21.88 -24.95 -15.59
CA THR D 130 -22.74 -26.12 -15.64
C THR D 130 -24.04 -25.91 -16.36
N GLY D 131 -24.66 -24.75 -16.17
CA GLY D 131 -25.98 -24.46 -16.74
C GLY D 131 -27.06 -24.98 -15.84
N LEU D 132 -26.68 -25.39 -14.62
CA LEU D 132 -27.56 -25.94 -13.60
C LEU D 132 -27.62 -24.97 -12.43
N ARG D 133 -28.60 -25.14 -11.56
CA ARG D 133 -28.77 -24.33 -10.37
C ARG D 133 -27.74 -24.77 -9.33
N VAL D 134 -26.96 -23.82 -8.80
CA VAL D 134 -25.92 -24.14 -7.82
C VAL D 134 -26.01 -23.23 -6.59
N VAL D 135 -25.89 -23.82 -5.39
CA VAL D 135 -25.93 -23.11 -4.11
C VAL D 135 -24.63 -23.37 -3.34
N ALA D 136 -23.73 -22.39 -3.31
CA ALA D 136 -22.47 -22.51 -2.60
C ALA D 136 -22.55 -21.72 -1.34
N GLU D 137 -22.20 -22.33 -0.22
CA GLU D 137 -22.27 -21.67 1.09
C GLU D 137 -21.05 -22.01 1.96
N HIS D 138 -20.61 -21.07 2.81
CA HIS D 138 -19.50 -21.36 3.70
C HIS D 138 -20.01 -22.36 4.73
N LYS D 139 -19.20 -23.37 5.05
CA LYS D 139 -19.50 -24.47 5.97
C LYS D 139 -20.83 -25.19 5.60
N ALA D 140 -21.06 -25.45 4.31
CA ALA D 140 -22.30 -26.14 3.89
C ALA D 140 -22.41 -27.60 4.38
N ASP D 141 -21.28 -28.20 4.80
CA ASP D 141 -21.22 -29.58 5.31
C ASP D 141 -22.01 -29.74 6.61
N GLU D 142 -22.25 -28.60 7.32
CA GLU D 142 -22.99 -28.61 8.56
C GLU D 142 -24.34 -27.93 8.46
N LYS D 143 -24.96 -27.97 7.26
CA LYS D 143 -26.26 -27.38 7.00
C LYS D 143 -27.06 -28.31 6.10
N TYR D 144 -26.38 -28.95 5.12
CA TYR D 144 -27.01 -29.85 4.17
C TYR D 144 -26.51 -31.26 4.33
N PRO D 145 -27.42 -32.22 4.62
CA PRO D 145 -27.00 -33.62 4.75
C PRO D 145 -26.24 -34.13 3.53
N LEU D 146 -26.65 -33.70 2.34
CA LEU D 146 -26.03 -34.07 1.08
C LEU D 146 -24.55 -33.69 1.04
N VAL D 147 -24.22 -32.47 1.52
CA VAL D 147 -22.84 -31.98 1.55
C VAL D 147 -22.04 -32.73 2.60
N ALA D 148 -22.63 -32.96 3.77
CA ALA D 148 -21.98 -33.70 4.85
C ALA D 148 -21.60 -35.10 4.34
N ALA D 149 -22.51 -35.73 3.57
CA ALA D 149 -22.29 -37.04 2.99
C ALA D 149 -21.12 -36.99 2.01
N ALA D 150 -21.08 -35.94 1.19
CA ALA D 150 -20.02 -35.73 0.23
C ALA D 150 -18.69 -35.62 0.95
N SER D 151 -18.67 -34.90 2.09
CA SER D 151 -17.50 -34.71 2.92
C SER D 151 -16.97 -36.05 3.41
N ILE D 152 -17.87 -36.93 3.89
CA ILE D 152 -17.51 -38.26 4.40
C ILE D 152 -16.82 -39.06 3.30
N ILE D 153 -17.43 -39.10 2.10
CA ILE D 153 -16.87 -39.82 0.95
C ILE D 153 -15.47 -39.30 0.60
N ALA D 154 -15.30 -37.96 0.47
CA ALA D 154 -14.03 -37.37 0.12
C ALA D 154 -12.95 -37.69 1.15
N LYS D 155 -13.25 -37.52 2.46
CA LYS D 155 -12.29 -37.83 3.54
C LYS D 155 -11.84 -39.30 3.50
N VAL D 156 -12.78 -40.24 3.39
CA VAL D 156 -12.49 -41.67 3.35
C VAL D 156 -11.57 -42.02 2.16
N GLU D 157 -11.86 -41.46 0.98
CA GLU D 157 -11.05 -41.70 -0.23
C GLU D 157 -9.64 -41.18 -0.07
N ARG D 158 -9.52 -39.95 0.47
CA ARG D 158 -8.22 -39.32 0.67
C ARG D 158 -7.42 -40.11 1.67
N GLU D 159 -8.04 -40.42 2.82
CA GLU D 159 -7.42 -41.17 3.88
C GLU D 159 -6.85 -42.50 3.40
N ARG D 160 -7.54 -43.21 2.47
CA ARG D 160 -7.07 -44.49 1.90
C ARG D 160 -5.83 -44.24 1.11
N GLU D 161 -5.83 -43.14 0.34
CA GLU D 161 -4.71 -42.71 -0.48
C GLU D 161 -3.49 -42.39 0.41
N ILE D 162 -3.71 -41.67 1.53
CA ILE D 162 -2.67 -41.30 2.52
C ILE D 162 -2.06 -42.53 3.17
N GLU D 163 -2.91 -43.50 3.54
CA GLU D 163 -2.45 -44.73 4.17
C GLU D 163 -1.54 -45.52 3.22
N ARG D 164 -1.93 -45.56 1.92
CA ARG D 164 -1.16 -46.23 0.86
C ARG D 164 0.21 -45.56 0.76
N LEU D 165 0.24 -44.22 0.85
CA LEU D 165 1.45 -43.43 0.77
C LEU D 165 2.37 -43.66 1.95
N LYS D 166 1.81 -43.77 3.18
CA LYS D 166 2.60 -44.01 4.38
C LYS D 166 3.22 -45.39 4.31
N GLU D 167 2.54 -46.31 3.61
CA GLU D 167 3.05 -47.66 3.42
C GLU D 167 4.35 -47.63 2.60
N LYS D 168 4.42 -46.75 1.58
CA LYS D 168 5.60 -46.65 0.73
C LYS D 168 6.66 -45.76 1.35
N PHE D 169 6.26 -44.54 1.77
CA PHE D 169 7.14 -43.49 2.24
C PHE D 169 7.34 -43.26 3.72
N GLY D 170 6.65 -43.98 4.55
CA GLY D 170 6.77 -43.85 6.00
C GLY D 170 5.76 -42.89 6.56
N ASP D 171 5.72 -42.75 7.88
CA ASP D 171 4.79 -41.82 8.49
C ASP D 171 5.30 -40.39 8.36
N PHE D 172 4.69 -39.64 7.44
CA PHE D 172 5.01 -38.24 7.18
C PHE D 172 4.03 -37.33 7.88
N GLY D 173 3.27 -37.88 8.84
CA GLY D 173 2.28 -37.11 9.57
C GLY D 173 1.01 -36.92 8.79
N SER D 174 0.33 -35.82 9.08
CA SER D 174 -0.95 -35.53 8.44
C SER D 174 -0.86 -35.15 6.97
N GLY D 175 0.21 -34.45 6.59
CA GLY D 175 0.39 -33.99 5.23
C GLY D 175 0.10 -32.51 5.14
N TYR D 176 -0.19 -31.87 6.29
CA TYR D 176 -0.46 -30.44 6.40
C TYR D 176 0.77 -29.73 6.92
N ALA D 177 1.10 -28.56 6.34
CA ALA D 177 2.28 -27.78 6.74
C ALA D 177 2.27 -27.41 8.23
N SER D 178 1.07 -27.39 8.87
CA SER D 178 0.92 -27.11 10.30
C SER D 178 1.45 -28.28 11.18
N ASP D 179 1.46 -29.54 10.66
CA ASP D 179 1.93 -30.70 11.42
C ASP D 179 3.47 -30.67 11.47
N PRO D 180 4.05 -30.59 12.68
CA PRO D 180 5.52 -30.59 12.81
C PRO D 180 6.19 -31.81 12.19
N ARG D 181 5.53 -32.99 12.28
CA ARG D 181 6.02 -34.23 11.70
C ARG D 181 6.15 -34.06 10.18
N THR D 182 5.13 -33.40 9.56
CA THR D 182 5.15 -33.15 8.12
C THR D 182 6.31 -32.26 7.72
N ARG D 183 6.52 -31.15 8.45
CA ARG D 183 7.62 -30.24 8.16
C ARG D 183 8.96 -30.94 8.26
N GLU D 184 9.17 -31.78 9.31
CA GLU D 184 10.42 -32.52 9.53
C GLU D 184 10.71 -33.38 8.34
N VAL D 185 9.75 -34.27 8.02
CA VAL D 185 9.86 -35.23 6.94
C VAL D 185 10.08 -34.51 5.63
N LEU D 186 9.30 -33.47 5.34
CA LEU D 186 9.49 -32.71 4.11
C LEU D 186 10.87 -32.12 4.02
N LYS D 187 11.37 -31.58 5.13
CA LYS D 187 12.68 -30.96 5.19
C LYS D 187 13.74 -31.98 4.77
N GLU D 188 13.72 -33.20 5.39
CA GLU D 188 14.68 -34.24 5.04
C GLU D 188 14.55 -34.76 3.65
N TRP D 189 13.31 -34.90 3.13
CA TRP D 189 13.11 -35.36 1.76
C TRP D 189 13.72 -34.35 0.78
N ILE D 190 13.49 -33.04 1.04
CA ILE D 190 14.02 -31.98 0.22
C ILE D 190 15.56 -32.04 0.22
N ALA D 191 16.16 -32.15 1.44
CA ALA D 191 17.59 -32.21 1.65
C ALA D 191 18.21 -33.40 0.93
N SER D 192 17.51 -34.56 0.92
CA SER D 192 17.96 -35.80 0.30
C SER D 192 18.00 -35.72 -1.21
N GLY D 193 17.24 -34.79 -1.77
CA GLY D 193 17.15 -34.62 -3.21
C GLY D 193 16.22 -35.64 -3.84
N ARG D 194 15.65 -36.51 -2.99
CA ARG D 194 14.72 -37.56 -3.40
C ARG D 194 13.37 -37.22 -2.86
N ILE D 195 12.61 -36.43 -3.62
CA ILE D 195 11.28 -36.02 -3.19
C ILE D 195 10.23 -36.91 -3.85
N PRO D 196 9.43 -37.62 -3.04
CA PRO D 196 8.40 -38.50 -3.61
C PRO D 196 7.40 -37.72 -4.45
N SER D 197 6.79 -38.39 -5.42
CA SER D 197 5.81 -37.79 -6.34
C SER D 197 4.59 -37.21 -5.63
N CYS D 198 4.25 -37.70 -4.42
CA CYS D 198 3.13 -37.24 -3.60
C CYS D 198 3.32 -35.84 -2.99
N VAL D 199 4.47 -35.19 -3.19
CA VAL D 199 4.66 -33.84 -2.66
C VAL D 199 4.20 -32.83 -3.71
N ARG D 200 3.44 -31.81 -3.26
CA ARG D 200 2.99 -30.72 -4.10
C ARG D 200 4.17 -29.77 -4.14
N MET D 201 5.01 -29.91 -5.19
CA MET D 201 6.26 -29.20 -5.41
C MET D 201 6.11 -27.70 -5.44
N ARG D 202 5.07 -27.23 -6.11
CA ARG D 202 4.78 -25.79 -6.22
C ARG D 202 4.36 -25.12 -4.90
N TRP D 203 3.81 -25.87 -3.92
CA TRP D 203 3.40 -25.35 -2.61
C TRP D 203 4.47 -24.47 -1.91
N LYS D 204 4.05 -23.37 -1.26
CA LYS D 204 5.00 -22.47 -0.60
C LYS D 204 5.86 -23.14 0.44
N THR D 205 5.30 -24.10 1.19
CA THR D 205 6.00 -24.80 2.26
C THR D 205 7.30 -25.38 1.71
N VAL D 206 7.15 -26.03 0.54
CA VAL D 206 8.25 -26.62 -0.20
C VAL D 206 9.29 -25.56 -0.56
N SER D 207 8.88 -24.40 -1.06
CA SER D 207 9.84 -23.36 -1.32
C SER D 207 10.57 -22.96 -0.06
N ASN D 208 9.87 -22.54 1.00
CA ASN D 208 10.53 -22.14 2.23
C ASN D 208 11.55 -23.19 2.75
N LEU D 209 11.20 -24.45 2.70
CA LEU D 209 12.10 -25.49 3.18
C LEU D 209 13.36 -25.73 2.34
N ARG D 210 13.38 -25.29 1.03
CA ARG D 210 14.58 -25.42 0.16
C ARG D 210 15.70 -24.50 0.63
N GLN D 211 15.35 -23.39 1.35
CA GLN D 211 16.36 -22.47 1.86
C GLN D 211 17.25 -23.03 2.98
N LYS D 212 18.54 -23.18 2.67
CA LYS D 212 19.52 -23.59 3.68
C LYS D 212 19.97 -22.36 4.49
N THR D 213 20.56 -22.56 5.69
CA THR D 213 21.10 -21.49 6.55
C THR D 213 22.62 -21.58 6.60
N LEU D 214 23.28 -20.49 7.03
CA LEU D 214 24.73 -20.45 7.16
C LEU D 214 25.31 -21.50 8.12
N ASP D 215 24.48 -22.06 9.03
CA ASP D 215 24.87 -23.09 10.00
C ASP D 215 25.13 -24.44 9.37
N ASP D 216 24.56 -24.67 8.18
CA ASP D 216 24.74 -25.91 7.45
C ASP D 216 26.14 -26.01 6.77
N PHE D 217 27.02 -24.99 7.00
CA PHE D 217 28.35 -24.87 6.38
C PHE D 217 29.46 -24.51 7.37
N LEU E 12 5.48 -0.39 17.85
CA LEU E 12 4.42 0.55 17.45
C LEU E 12 3.44 -0.06 16.42
N MET E 13 2.36 -0.72 16.91
CA MET E 13 1.27 -1.41 16.17
C MET E 13 0.62 -0.43 15.12
N LYS E 14 1.00 -0.52 13.82
CA LYS E 14 0.55 0.42 12.78
C LYS E 14 -0.65 -0.13 12.00
N ALA E 15 -1.41 0.75 11.35
CA ALA E 15 -2.55 0.33 10.54
C ALA E 15 -2.64 1.11 9.23
N GLY E 16 -3.20 0.45 8.22
CA GLY E 16 -3.39 1.02 6.89
C GLY E 16 -4.87 1.10 6.57
N ILE E 17 -5.32 2.26 6.02
CA ILE E 17 -6.73 2.49 5.69
C ILE E 17 -6.88 2.93 4.24
N ASP E 18 -7.87 2.37 3.55
CA ASP E 18 -8.17 2.74 2.16
C ASP E 18 -9.65 2.50 1.86
N GLU E 19 -10.07 2.81 0.63
CA GLU E 19 -11.45 2.65 0.21
C GLU E 19 -11.57 1.96 -1.17
N ALA E 20 -12.81 1.62 -1.54
CA ALA E 20 -13.18 1.07 -2.83
C ALA E 20 -14.58 1.48 -3.12
N GLY E 21 -14.80 1.94 -4.33
CA GLY E 21 -16.13 2.34 -4.76
C GLY E 21 -16.52 3.78 -4.53
N LYS E 22 -15.57 4.68 -4.23
CA LYS E 22 -15.91 6.10 -4.06
C LYS E 22 -16.44 6.69 -5.39
N GLY E 23 -15.88 6.23 -6.53
CA GLY E 23 -16.25 6.69 -7.88
C GLY E 23 -17.31 5.91 -8.65
N CYS E 24 -17.99 5.00 -7.96
CA CYS E 24 -19.03 4.14 -8.48
C CYS E 24 -20.32 4.86 -8.78
N VAL E 25 -21.16 4.26 -9.64
CA VAL E 25 -22.51 4.75 -9.96
C VAL E 25 -23.47 3.83 -9.20
N ILE E 26 -23.15 2.54 -9.17
CA ILE E 26 -23.95 1.52 -8.51
C ILE E 26 -23.14 0.95 -7.37
N GLY E 27 -23.79 0.58 -6.29
CA GLY E 27 -23.09 -0.10 -5.21
C GLY E 27 -22.56 0.77 -4.09
N PRO E 28 -22.01 0.11 -3.03
CA PRO E 28 -21.61 0.85 -1.86
C PRO E 28 -20.21 1.42 -1.90
N LEU E 29 -19.91 2.24 -0.87
CA LEU E 29 -18.58 2.77 -0.59
C LEU E 29 -18.05 1.83 0.49
N VAL E 30 -16.89 1.23 0.24
CA VAL E 30 -16.27 0.29 1.19
C VAL E 30 -14.99 0.89 1.71
N VAL E 31 -14.88 0.96 3.04
CA VAL E 31 -13.69 1.47 3.71
C VAL E 31 -13.15 0.33 4.56
N ALA E 32 -11.86 0.01 4.40
CA ALA E 32 -11.24 -1.08 5.17
C ALA E 32 -9.93 -0.65 5.82
N GLY E 33 -9.66 -1.22 6.99
CA GLY E 33 -8.45 -1.02 7.75
C GLY E 33 -7.75 -2.33 8.07
N VAL E 34 -6.43 -2.33 8.01
CA VAL E 34 -5.60 -3.51 8.27
C VAL E 34 -4.50 -3.13 9.27
N ALA E 35 -4.34 -3.94 10.31
CA ALA E 35 -3.32 -3.78 11.32
C ALA E 35 -2.61 -5.11 11.52
N CYS E 36 -1.27 -5.12 11.40
CA CYS E 36 -0.47 -6.35 11.51
C CYS E 36 0.58 -6.25 12.55
N SER E 37 0.86 -7.38 13.19
CA SER E 37 1.93 -7.51 14.19
C SER E 37 3.27 -7.68 13.45
N ASP E 38 3.21 -8.33 12.27
CA ASP E 38 4.38 -8.62 11.43
C ASP E 38 4.21 -8.02 10.03
N GLU E 39 4.77 -6.82 9.86
CA GLU E 39 4.72 -6.07 8.61
C GLU E 39 5.58 -6.73 7.54
N ASP E 40 6.75 -7.26 7.93
CA ASP E 40 7.68 -7.91 7.01
C ASP E 40 7.00 -9.10 6.32
N ARG E 41 6.20 -9.88 7.09
CA ARG E 41 5.45 -11.02 6.58
C ARG E 41 4.41 -10.55 5.59
N LEU E 42 3.86 -9.35 5.80
CA LEU E 42 2.86 -8.79 4.92
C LEU E 42 3.47 -8.37 3.59
N ARG E 43 4.65 -7.70 3.62
CA ARG E 43 5.37 -7.27 2.40
C ARG E 43 5.63 -8.50 1.54
N LYS E 44 6.13 -9.59 2.19
CA LYS E 44 6.44 -10.90 1.61
C LYS E 44 5.30 -11.44 0.70
N LEU E 45 4.01 -11.15 1.04
CA LEU E 45 2.83 -11.60 0.30
C LEU E 45 2.71 -10.96 -1.09
N GLY E 46 3.36 -9.82 -1.29
CA GLY E 46 3.35 -9.11 -2.56
C GLY E 46 2.17 -8.18 -2.76
N VAL E 47 1.75 -7.54 -1.67
CA VAL E 47 0.63 -6.60 -1.63
C VAL E 47 0.89 -5.35 -2.47
N LYS E 48 2.16 -4.89 -2.50
CA LYS E 48 2.61 -3.70 -3.21
C LYS E 48 2.14 -3.65 -4.65
N ASP E 49 2.41 -4.72 -5.43
CA ASP E 49 1.95 -4.74 -6.81
C ASP E 49 0.83 -5.75 -7.06
N SER E 50 -0.30 -5.54 -6.39
CA SER E 50 -1.47 -6.41 -6.46
C SER E 50 -2.52 -6.03 -7.51
N LYS E 51 -2.45 -4.80 -8.06
CA LYS E 51 -3.41 -4.33 -9.06
C LYS E 51 -3.44 -5.21 -10.31
N LYS E 52 -2.26 -5.68 -10.74
CA LYS E 52 -2.07 -6.54 -11.92
C LYS E 52 -2.65 -7.96 -11.78
N LEU E 53 -2.91 -8.38 -10.53
CA LEU E 53 -3.44 -9.72 -10.22
C LEU E 53 -4.84 -9.95 -10.74
N SER E 54 -5.15 -11.23 -11.00
CA SER E 54 -6.47 -11.65 -11.44
C SER E 54 -7.44 -11.56 -10.26
N GLN E 55 -8.74 -11.67 -10.56
CA GLN E 55 -9.82 -11.65 -9.58
C GLN E 55 -9.61 -12.81 -8.60
N GLY E 56 -9.21 -13.96 -9.16
CA GLY E 56 -8.95 -15.18 -8.42
C GLY E 56 -7.78 -15.05 -7.46
N ARG E 57 -6.66 -14.47 -7.96
CA ARG E 57 -5.44 -14.26 -7.16
C ARG E 57 -5.69 -13.17 -6.10
N ARG E 58 -6.50 -12.13 -6.39
CA ARG E 58 -6.80 -11.07 -5.42
C ARG E 58 -7.57 -11.64 -4.22
N GLU E 59 -8.49 -12.56 -4.49
CA GLU E 59 -9.31 -13.18 -3.46
C GLU E 59 -8.45 -13.98 -2.52
N GLU E 60 -7.48 -14.75 -3.09
CA GLU E 60 -6.52 -15.58 -2.34
C GLU E 60 -5.69 -14.69 -1.45
N LEU E 61 -5.17 -13.59 -2.03
CA LEU E 61 -4.33 -12.63 -1.32
C LEU E 61 -5.06 -12.03 -0.14
N ALA E 62 -6.37 -11.69 -0.30
CA ALA E 62 -7.19 -11.13 0.78
C ALA E 62 -7.29 -12.13 1.93
N GLU E 63 -7.49 -13.43 1.62
CA GLU E 63 -7.56 -14.48 2.65
C GLU E 63 -6.23 -14.57 3.40
N GLU E 64 -5.08 -14.41 2.70
CA GLU E 64 -3.75 -14.44 3.32
C GLU E 64 -3.59 -13.26 4.26
N ILE E 65 -4.07 -12.08 3.85
CA ILE E 65 -4.03 -10.86 4.66
C ILE E 65 -4.81 -11.14 5.96
N ARG E 66 -6.06 -11.63 5.82
CA ARG E 66 -6.97 -11.89 6.95
C ARG E 66 -6.38 -12.87 7.98
N LYS E 67 -5.54 -13.83 7.54
CA LYS E 67 -4.88 -14.84 8.38
C LYS E 67 -3.87 -14.23 9.34
N ILE E 68 -3.12 -13.23 8.88
CA ILE E 68 -2.03 -12.62 9.65
C ILE E 68 -2.30 -11.23 10.19
N CYS E 69 -3.43 -10.61 9.80
CA CYS E 69 -3.78 -9.24 10.23
C CYS E 69 -5.17 -9.15 10.76
N ARG E 70 -5.40 -8.10 11.56
CA ARG E 70 -6.75 -7.79 12.00
C ARG E 70 -7.30 -6.90 10.89
N THR E 71 -8.53 -7.17 10.46
CA THR E 71 -9.16 -6.39 9.40
C THR E 71 -10.50 -5.86 9.86
N GLU E 72 -10.82 -4.62 9.47
CA GLU E 72 -12.07 -3.97 9.82
C GLU E 72 -12.66 -3.35 8.59
N VAL E 73 -13.92 -3.72 8.28
CA VAL E 73 -14.60 -3.25 7.07
C VAL E 73 -15.87 -2.49 7.40
N LEU E 74 -16.10 -1.43 6.66
CA LEU E 74 -17.26 -0.56 6.81
C LEU E 74 -17.85 -0.36 5.42
N LYS E 75 -19.18 -0.51 5.31
CA LYS E 75 -19.85 -0.35 4.03
C LYS E 75 -20.95 0.70 4.14
N VAL E 76 -20.95 1.67 3.21
CA VAL E 76 -21.99 2.71 3.16
C VAL E 76 -22.81 2.46 1.93
N SER E 77 -24.08 2.09 2.13
CA SER E 77 -25.01 1.79 1.05
C SER E 77 -25.27 3.01 0.14
N PRO E 78 -25.65 2.79 -1.14
CA PRO E 78 -25.95 3.93 -2.03
C PRO E 78 -27.01 4.87 -1.44
N GLU E 79 -28.04 4.29 -0.79
CA GLU E 79 -29.15 5.00 -0.17
C GLU E 79 -28.64 5.91 0.94
N ASN E 80 -27.72 5.39 1.78
CA ASN E 80 -27.11 6.12 2.87
C ASN E 80 -26.12 7.16 2.39
N LEU E 81 -25.45 6.91 1.25
CA LEU E 81 -24.52 7.87 0.68
C LEU E 81 -25.30 9.07 0.20
N ASP E 82 -26.39 8.83 -0.54
CA ASP E 82 -27.29 9.85 -1.09
C ASP E 82 -27.86 10.71 0.01
N GLU E 83 -28.21 10.09 1.15
CA GLU E 83 -28.74 10.75 2.33
C GLU E 83 -27.69 11.68 2.92
N ARG E 84 -26.49 11.15 3.19
CA ARG E 84 -25.37 11.87 3.79
C ARG E 84 -24.78 12.97 2.91
N MET E 85 -24.80 12.78 1.58
CA MET E 85 -24.26 13.73 0.61
C MET E 85 -25.08 15.02 0.42
N ALA E 86 -26.24 15.10 1.09
CA ALA E 86 -27.08 16.28 1.05
C ALA E 86 -26.35 17.39 1.77
N ALA E 87 -25.72 17.07 2.93
CA ALA E 87 -25.01 18.03 3.75
C ALA E 87 -23.50 17.92 3.66
N LYS E 88 -23.00 16.77 3.20
CA LYS E 88 -21.55 16.55 3.12
C LYS E 88 -21.02 16.13 1.72
N THR E 89 -19.72 16.38 1.48
CA THR E 89 -19.06 16.00 0.23
C THR E 89 -18.65 14.54 0.38
N ILE E 90 -18.33 13.86 -0.72
CA ILE E 90 -17.89 12.47 -0.65
C ILE E 90 -16.66 12.34 0.27
N ASN E 91 -15.69 13.28 0.13
CA ASN E 91 -14.46 13.28 0.90
C ASN E 91 -14.68 13.47 2.39
N GLU E 92 -15.70 14.27 2.78
CA GLU E 92 -16.03 14.46 4.20
C GLU E 92 -16.57 13.17 4.76
N ILE E 93 -17.48 12.49 4.00
CA ILE E 93 -18.06 11.20 4.37
C ILE E 93 -16.91 10.20 4.49
N LEU E 94 -16.01 10.21 3.51
CA LEU E 94 -14.86 9.34 3.52
C LEU E 94 -13.98 9.57 4.78
N LYS E 95 -13.79 10.84 5.20
CA LYS E 95 -13.03 11.23 6.39
C LYS E 95 -13.70 10.66 7.64
N GLU E 96 -15.05 10.72 7.70
CA GLU E 96 -15.85 10.17 8.80
C GLU E 96 -15.63 8.67 8.93
N CYS E 97 -15.62 7.98 7.77
CA CYS E 97 -15.42 6.53 7.68
C CYS E 97 -14.05 6.16 8.11
N TYR E 98 -13.04 6.94 7.68
CA TYR E 98 -11.63 6.74 8.04
C TYR E 98 -11.46 6.75 9.55
N ALA E 99 -12.07 7.75 10.22
CA ALA E 99 -12.00 7.89 11.66
C ALA E 99 -12.65 6.70 12.36
N GLU E 100 -13.82 6.25 11.88
CA GLU E 100 -14.54 5.10 12.44
C GLU E 100 -13.68 3.85 12.44
N ILE E 101 -13.03 3.57 11.32
CA ILE E 101 -12.14 2.41 11.15
C ILE E 101 -10.90 2.52 12.05
N ILE E 102 -10.30 3.72 12.13
CA ILE E 102 -9.14 3.96 12.97
C ILE E 102 -9.49 3.69 14.43
N LEU E 103 -10.66 4.16 14.85
CA LEU E 103 -11.12 3.98 16.22
C LEU E 103 -11.46 2.54 16.55
N ARG E 104 -11.81 1.74 15.54
CA ARG E 104 -12.10 0.32 15.76
C ARG E 104 -10.82 -0.45 16.00
N LEU E 105 -9.78 -0.12 15.24
CA LEU E 105 -8.48 -0.76 15.31
C LEU E 105 -7.55 -0.27 16.41
N LYS E 106 -7.73 1.00 16.85
CA LYS E 106 -6.89 1.75 17.79
C LYS E 106 -5.37 1.47 17.61
N PRO E 107 -4.82 1.77 16.41
CA PRO E 107 -3.38 1.55 16.21
C PRO E 107 -2.57 2.67 16.84
N GLU E 108 -1.25 2.52 16.87
CA GLU E 108 -0.37 3.54 17.42
C GLU E 108 -0.23 4.67 16.41
N ILE E 109 -0.22 4.31 15.11
CA ILE E 109 -0.15 5.25 13.99
C ILE E 109 -0.96 4.64 12.83
N ALA E 110 -1.74 5.49 12.13
CA ALA E 110 -2.56 5.03 11.00
C ALA E 110 -2.17 5.71 9.69
N TYR E 111 -1.95 4.91 8.63
CA TYR E 111 -1.60 5.40 7.31
C TYR E 111 -2.83 5.33 6.45
N VAL E 112 -3.22 6.46 5.88
CA VAL E 112 -4.44 6.61 5.09
C VAL E 112 -4.08 7.07 3.68
N ASP E 113 -4.85 6.60 2.67
CA ASP E 113 -4.71 7.05 1.29
C ASP E 113 -5.65 8.22 1.14
N SER E 114 -5.12 9.34 0.73
CA SER E 114 -5.97 10.50 0.61
C SER E 114 -6.32 10.81 -0.83
N PRO E 115 -7.60 11.18 -1.06
CA PRO E 115 -7.99 11.61 -2.43
C PRO E 115 -7.58 13.08 -2.65
N ASP E 116 -7.83 13.95 -1.62
CA ASP E 116 -7.62 15.40 -1.53
C ASP E 116 -6.27 15.96 -1.86
N VAL E 117 -6.33 17.20 -2.33
CA VAL E 117 -5.22 18.04 -2.75
C VAL E 117 -4.17 18.23 -1.63
N ILE E 118 -4.61 18.49 -0.36
CA ILE E 118 -3.69 18.64 0.77
C ILE E 118 -3.87 17.57 1.83
N PRO E 119 -3.22 16.38 1.63
CA PRO E 119 -3.36 15.28 2.59
C PRO E 119 -2.96 15.67 4.00
N GLU E 120 -1.96 16.57 4.14
CA GLU E 120 -1.45 17.02 5.43
C GLU E 120 -2.55 17.61 6.33
N ARG E 121 -3.53 18.31 5.77
CA ARG E 121 -4.66 18.84 6.53
C ARG E 121 -5.58 17.69 6.99
N LEU E 122 -5.77 16.63 6.16
CA LEU E 122 -6.58 15.46 6.50
C LEU E 122 -5.95 14.75 7.70
N SER E 123 -4.61 14.62 7.71
CA SER E 123 -3.87 14.01 8.81
C SER E 123 -4.23 14.73 10.11
N ARG E 124 -4.06 16.04 10.11
CA ARG E 124 -4.34 16.87 11.24
C ARG E 124 -5.80 16.77 11.77
N GLU E 125 -6.86 16.78 10.87
CA GLU E 125 -8.29 16.63 11.21
C GLU E 125 -8.57 15.24 11.82
N LEU E 126 -7.98 14.19 11.21
CA LEU E 126 -8.15 12.82 11.69
C LEU E 126 -7.49 12.58 13.05
N GLU E 127 -6.29 13.16 13.26
CA GLU E 127 -5.55 13.06 14.53
C GLU E 127 -6.36 13.72 15.65
N GLU E 128 -7.14 14.76 15.30
CA GLU E 128 -7.97 15.47 16.24
C GLU E 128 -9.18 14.64 16.62
N ILE E 129 -9.83 14.01 15.62
CA ILE E 129 -11.02 13.20 15.82
C ILE E 129 -10.71 11.95 16.63
N THR E 130 -9.64 11.25 16.24
CA THR E 130 -9.24 9.97 16.83
C THR E 130 -8.43 10.10 18.09
N GLY E 131 -7.51 11.05 18.12
CA GLY E 131 -6.58 11.22 19.23
C GLY E 131 -5.38 10.31 19.05
N LEU E 132 -5.23 9.78 17.84
CA LEU E 132 -4.15 8.88 17.46
C LEU E 132 -3.36 9.56 16.35
N ARG E 133 -2.12 9.15 16.16
CA ARG E 133 -1.25 9.70 15.13
C ARG E 133 -1.73 9.20 13.78
N VAL E 134 -1.92 10.11 12.81
CA VAL E 134 -2.41 9.73 11.46
C VAL E 134 -1.52 10.30 10.37
N VAL E 135 -1.21 9.49 9.34
CA VAL E 135 -0.39 9.89 8.19
C VAL E 135 -1.18 9.67 6.89
N ALA E 136 -1.67 10.74 6.29
CA ALA E 136 -2.44 10.64 5.05
C ALA E 136 -1.55 11.09 3.93
N GLU E 137 -1.45 10.27 2.87
CA GLU E 137 -0.61 10.58 1.71
C GLU E 137 -1.28 10.22 0.42
N HIS E 138 -0.92 10.95 -0.66
CA HIS E 138 -1.43 10.73 -1.99
C HIS E 138 -0.79 9.43 -2.49
N LYS E 139 -1.61 8.53 -3.06
CA LYS E 139 -1.19 7.21 -3.53
C LYS E 139 -0.46 6.42 -2.45
N ALA E 140 -0.97 6.44 -1.21
CA ALA E 140 -0.35 5.68 -0.11
C ALA E 140 -0.38 4.17 -0.29
N ASP E 141 -1.30 3.66 -1.14
CA ASP E 141 -1.47 2.25 -1.44
C ASP E 141 -0.22 1.66 -2.14
N GLU E 142 0.61 2.52 -2.75
CA GLU E 142 1.82 2.06 -3.42
C GLU E 142 3.10 2.52 -2.74
N LYS E 143 3.05 2.72 -1.42
CA LYS E 143 4.17 3.16 -0.61
C LYS E 143 4.19 2.37 0.68
N TYR E 144 3.00 2.11 1.26
CA TYR E 144 2.86 1.38 2.51
C TYR E 144 2.15 0.08 2.28
N PRO E 145 2.81 -1.05 2.61
CA PRO E 145 2.18 -2.36 2.42
C PRO E 145 0.82 -2.46 3.14
N LEU E 146 0.72 -1.84 4.34
CA LEU E 146 -0.49 -1.80 5.15
C LEU E 146 -1.66 -1.18 4.39
N VAL E 147 -1.42 -0.09 3.66
CA VAL E 147 -2.47 0.59 2.89
C VAL E 147 -2.84 -0.24 1.66
N ALA E 148 -1.83 -0.82 0.98
CA ALA E 148 -2.04 -1.67 -0.18
C ALA E 148 -2.95 -2.85 0.23
N ALA E 149 -2.69 -3.43 1.43
CA ALA E 149 -3.45 -4.54 1.98
C ALA E 149 -4.89 -4.08 2.21
N ALA E 150 -5.06 -2.86 2.79
CA ALA E 150 -6.37 -2.28 3.05
C ALA E 150 -7.14 -2.15 1.74
N SER E 151 -6.48 -1.70 0.66
CA SER E 151 -7.04 -1.56 -0.67
C SER E 151 -7.57 -2.90 -1.18
N ILE E 152 -6.77 -4.00 -1.02
CA ILE E 152 -7.15 -5.35 -1.45
C ILE E 152 -8.42 -5.78 -0.76
N ILE E 153 -8.47 -5.62 0.57
CA ILE E 153 -9.64 -5.96 1.37
C ILE E 153 -10.88 -5.20 0.93
N ALA E 154 -10.78 -3.85 0.78
CA ALA E 154 -11.91 -3.03 0.35
C ALA E 154 -12.43 -3.45 -1.01
N LYS E 155 -11.55 -3.65 -2.04
CA LYS E 155 -11.94 -4.10 -3.37
C LYS E 155 -12.70 -5.47 -3.31
N VAL E 156 -12.12 -6.44 -2.58
CA VAL E 156 -12.71 -7.79 -2.44
C VAL E 156 -14.11 -7.73 -1.77
N GLU E 157 -14.27 -6.88 -0.74
CA GLU E 157 -15.56 -6.72 -0.05
C GLU E 157 -16.59 -6.08 -0.92
N ARG E 158 -16.19 -5.06 -1.68
CA ARG E 158 -17.08 -4.38 -2.59
C ARG E 158 -17.53 -5.36 -3.67
N GLU E 159 -16.58 -6.10 -4.30
CA GLU E 159 -16.90 -7.09 -5.31
C GLU E 159 -17.94 -8.09 -4.76
N ARG E 160 -17.82 -8.40 -3.44
CA ARG E 160 -18.75 -9.27 -2.76
C ARG E 160 -20.13 -8.61 -2.72
N GLU E 161 -20.17 -7.33 -2.36
CA GLU E 161 -21.42 -6.59 -2.27
C GLU E 161 -22.16 -6.44 -3.61
N ILE E 162 -21.36 -6.33 -4.64
CA ILE E 162 -21.81 -6.27 -6.02
C ILE E 162 -22.40 -7.62 -6.37
N GLU E 163 -21.80 -8.72 -5.90
CA GLU E 163 -22.28 -10.07 -6.18
C GLU E 163 -23.69 -10.33 -5.62
N ARG E 164 -23.94 -9.78 -4.42
CA ARG E 164 -25.24 -9.88 -3.75
C ARG E 164 -26.30 -9.12 -4.58
N LEU E 165 -25.89 -7.97 -5.13
CA LEU E 165 -26.74 -7.13 -5.96
C LEU E 165 -27.05 -7.77 -7.29
N LYS E 166 -26.07 -8.47 -7.89
CA LYS E 166 -26.25 -9.17 -9.16
C LYS E 166 -27.23 -10.32 -8.98
N GLU E 167 -27.31 -10.86 -7.75
CA GLU E 167 -28.25 -11.92 -7.42
C GLU E 167 -29.70 -11.41 -7.51
N LYS E 168 -29.93 -10.16 -7.08
CA LYS E 168 -31.25 -9.54 -7.12
C LYS E 168 -31.55 -8.93 -8.50
N PHE E 169 -30.62 -8.08 -9.01
CA PHE E 169 -30.77 -7.29 -10.25
C PHE E 169 -29.88 -7.61 -11.46
N GLY E 170 -29.57 -8.89 -11.65
CA GLY E 170 -28.77 -9.38 -12.77
C GLY E 170 -27.39 -8.79 -12.97
N ASP E 171 -26.72 -9.21 -14.05
CA ASP E 171 -25.37 -8.71 -14.31
C ASP E 171 -25.36 -7.31 -14.90
N PHE E 172 -25.05 -6.32 -14.05
CA PHE E 172 -24.95 -4.90 -14.45
C PHE E 172 -23.47 -4.49 -14.59
N GLY E 173 -22.57 -5.48 -14.65
CA GLY E 173 -21.14 -5.21 -14.76
C GLY E 173 -20.52 -4.76 -13.46
N SER E 174 -19.44 -3.97 -13.53
CA SER E 174 -18.68 -3.52 -12.36
C SER E 174 -19.37 -2.51 -11.49
N GLY E 175 -20.17 -1.63 -12.08
CA GLY E 175 -20.83 -0.57 -11.34
C GLY E 175 -20.16 0.76 -11.56
N TYR E 176 -19.14 0.78 -12.43
CA TYR E 176 -18.43 1.99 -12.79
C TYR E 176 -18.88 2.46 -14.15
N ALA E 177 -19.03 3.80 -14.31
CA ALA E 177 -19.43 4.40 -15.58
C ALA E 177 -18.50 4.04 -16.75
N SER E 178 -17.24 3.67 -16.44
CA SER E 178 -16.25 3.24 -17.43
C SER E 178 -16.57 1.85 -18.02
N ASP E 179 -17.30 0.98 -17.28
CA ASP E 179 -17.69 -0.35 -17.76
C ASP E 179 -18.84 -0.22 -18.77
N PRO E 180 -18.61 -0.66 -20.03
CA PRO E 180 -19.70 -0.59 -21.04
C PRO E 180 -20.96 -1.33 -20.64
N ARG E 181 -20.80 -2.47 -19.94
CA ARG E 181 -21.93 -3.27 -19.45
C ARG E 181 -22.76 -2.43 -18.48
N THR E 182 -22.10 -1.65 -17.60
CA THR E 182 -22.78 -0.79 -16.64
C THR E 182 -23.59 0.27 -17.34
N ARG E 183 -22.99 0.95 -18.33
CA ARG E 183 -23.67 1.99 -19.10
C ARG E 183 -24.92 1.43 -19.78
N GLU E 184 -24.82 0.24 -20.42
CA GLU E 184 -25.93 -0.42 -21.13
C GLU E 184 -27.09 -0.63 -20.19
N VAL E 185 -26.82 -1.35 -19.09
CA VAL E 185 -27.79 -1.72 -18.07
C VAL E 185 -28.39 -0.47 -17.45
N LEU E 186 -27.57 0.50 -17.06
CA LEU E 186 -28.09 1.75 -16.52
C LEU E 186 -29.02 2.45 -17.49
N LYS E 187 -28.63 2.50 -18.78
CA LYS E 187 -29.41 3.13 -19.82
C LYS E 187 -30.81 2.52 -19.86
N GLU E 188 -30.90 1.16 -19.91
CA GLU E 188 -32.19 0.47 -19.94
C GLU E 188 -33.00 0.62 -18.66
N TRP E 189 -32.34 0.62 -17.48
CA TRP E 189 -33.02 0.83 -16.19
C TRP E 189 -33.66 2.20 -16.17
N ILE E 190 -32.90 3.23 -16.62
CA ILE E 190 -33.38 4.62 -16.69
C ILE E 190 -34.59 4.70 -17.62
N ALA E 191 -34.48 4.10 -18.82
CA ALA E 191 -35.51 4.05 -19.85
C ALA E 191 -36.78 3.38 -19.35
N SER E 192 -36.64 2.31 -18.52
CA SER E 192 -37.75 1.56 -17.96
C SER E 192 -38.50 2.35 -16.88
N GLY E 193 -37.84 3.37 -16.31
CA GLY E 193 -38.40 4.19 -15.25
C GLY E 193 -38.35 3.50 -13.91
N ARG E 194 -37.81 2.26 -13.89
CA ARG E 194 -37.69 1.42 -12.72
C ARG E 194 -36.22 1.30 -12.39
N ILE E 195 -35.72 2.24 -11.57
CA ILE E 195 -34.33 2.25 -11.17
C ILE E 195 -34.17 1.64 -9.77
N PRO E 196 -33.40 0.53 -9.65
CA PRO E 196 -33.19 -0.08 -8.31
C PRO E 196 -32.50 0.87 -7.34
N SER E 197 -32.71 0.65 -6.04
CA SER E 197 -32.15 1.46 -4.95
C SER E 197 -30.63 1.53 -4.93
N CYS E 198 -29.94 0.49 -5.46
CA CYS E 198 -28.47 0.40 -5.54
C CYS E 198 -27.82 1.44 -6.45
N VAL E 199 -28.61 2.12 -7.27
CA VAL E 199 -28.10 3.17 -8.13
C VAL E 199 -28.09 4.43 -7.30
N ARG E 200 -26.92 5.06 -7.22
CA ARG E 200 -26.74 6.30 -6.46
C ARG E 200 -27.31 7.46 -7.25
N MET E 201 -27.69 8.56 -6.56
CA MET E 201 -28.14 9.80 -7.18
C MET E 201 -26.92 10.52 -7.81
N ARG E 202 -27.16 11.46 -8.74
CA ARG E 202 -26.14 12.14 -9.55
C ARG E 202 -25.58 11.14 -10.58
N TRP E 203 -26.48 10.75 -11.50
CA TRP E 203 -26.28 9.85 -12.64
C TRP E 203 -26.59 10.63 -13.95
N LYS E 204 -25.99 11.82 -14.08
CA LYS E 204 -26.12 12.73 -15.22
C LYS E 204 -24.79 12.84 -15.98
N LEU E 209 -24.37 11.73 -21.57
CA LEU E 209 -23.77 11.40 -22.86
C LEU E 209 -23.60 9.89 -23.06
N ARG E 210 -23.78 9.44 -24.32
CA ARG E 210 -23.69 8.04 -24.73
C ARG E 210 -22.34 7.66 -25.36
N GLN E 211 -21.58 6.74 -24.71
CA GLN E 211 -20.30 6.29 -25.25
C GLN E 211 -20.54 5.24 -26.33
N LYS E 212 -20.15 5.57 -27.57
CA LYS E 212 -20.29 4.73 -28.76
C LYS E 212 -19.05 3.85 -28.95
N THR E 213 -19.14 2.79 -29.79
CA THR E 213 -18.02 1.90 -30.11
C THR E 213 -17.56 2.12 -31.55
N LEU E 214 -16.35 1.67 -31.89
CA LEU E 214 -15.80 1.79 -33.24
C LEU E 214 -16.65 1.10 -34.34
N ASP E 215 -17.52 0.12 -33.93
CA ASP E 215 -18.39 -0.63 -34.83
C ASP E 215 -19.52 0.22 -35.39
N ASP E 216 -19.88 1.30 -34.69
CA ASP E 216 -20.94 2.22 -35.10
C ASP E 216 -20.49 3.13 -36.29
N PHE E 217 -19.26 2.93 -36.82
CA PHE E 217 -18.66 3.75 -37.88
C PHE E 217 -17.99 2.94 -39.00
N MET F 13 -17.14 -27.55 33.11
CA MET F 13 -17.69 -26.32 32.53
C MET F 13 -16.74 -25.57 31.61
N LYS F 14 -17.33 -24.77 30.72
CA LYS F 14 -16.57 -23.86 29.86
C LYS F 14 -16.59 -22.46 30.50
N ALA F 15 -15.64 -21.61 30.12
CA ALA F 15 -15.59 -20.24 30.62
C ALA F 15 -15.26 -19.24 29.54
N GLY F 16 -15.76 -18.02 29.70
CA GLY F 16 -15.54 -16.90 28.80
C GLY F 16 -14.78 -15.79 29.49
N ILE F 17 -13.73 -15.26 28.85
CA ILE F 17 -12.90 -14.20 29.42
C ILE F 17 -12.82 -12.99 28.48
N ASP F 18 -12.95 -11.79 29.03
CA ASP F 18 -12.84 -10.54 28.26
C ASP F 18 -12.35 -9.41 29.16
N GLU F 19 -12.18 -8.22 28.57
CA GLU F 19 -11.70 -7.04 29.27
C GLU F 19 -12.53 -5.79 28.96
N ALA F 20 -12.25 -4.71 29.70
CA ALA F 20 -12.83 -3.39 29.52
C ALA F 20 -11.81 -2.39 29.98
N GLY F 21 -11.56 -1.37 29.17
CA GLY F 21 -10.65 -0.29 29.50
C GLY F 21 -9.20 -0.47 29.10
N LYS F 22 -8.88 -1.40 28.22
CA LYS F 22 -7.50 -1.57 27.77
C LYS F 22 -6.98 -0.27 27.09
N GLY F 23 -7.83 0.39 26.30
CA GLY F 23 -7.49 1.60 25.55
C GLY F 23 -7.81 2.94 26.18
N CYS F 24 -8.13 2.95 27.47
CA CYS F 24 -8.48 4.12 28.27
C CYS F 24 -7.31 5.03 28.55
N VAL F 25 -7.60 6.32 28.88
CA VAL F 25 -6.62 7.32 29.33
C VAL F 25 -6.82 7.42 30.83
N ILE F 26 -8.08 7.40 31.26
CA ILE F 26 -8.47 7.50 32.66
C ILE F 26 -9.09 6.19 33.10
N GLY F 27 -8.83 5.75 34.32
CA GLY F 27 -9.46 4.55 34.87
C GLY F 27 -8.71 3.23 34.73
N PRO F 28 -9.26 2.15 35.31
CA PRO F 28 -8.55 0.86 35.33
C PRO F 28 -8.76 -0.04 34.14
N LEU F 29 -7.99 -1.15 34.09
CA LEU F 29 -8.14 -2.24 33.15
C LEU F 29 -8.92 -3.29 33.94
N VAL F 30 -10.07 -3.69 33.43
CA VAL F 30 -10.91 -4.68 34.10
C VAL F 30 -10.95 -5.95 33.27
N VAL F 31 -10.62 -7.08 33.88
CA VAL F 31 -10.65 -8.39 33.23
C VAL F 31 -11.65 -9.24 34.02
N ALA F 32 -12.61 -9.84 33.32
CA ALA F 32 -13.61 -10.67 33.95
C ALA F 32 -13.78 -12.02 33.26
N GLY F 33 -14.09 -13.05 34.06
CA GLY F 33 -14.36 -14.40 33.60
C GLY F 33 -15.71 -14.90 34.05
N VAL F 34 -16.41 -15.63 33.19
CA VAL F 34 -17.74 -16.18 33.47
C VAL F 34 -17.77 -17.66 33.10
N ALA F 35 -18.24 -18.50 34.03
CA ALA F 35 -18.38 -19.95 33.84
C ALA F 35 -19.78 -20.33 34.25
N CYS F 36 -20.52 -21.03 33.38
CA CYS F 36 -21.90 -21.40 33.66
C CYS F 36 -22.10 -22.89 33.53
N SER F 37 -23.02 -23.41 34.34
CA SER F 37 -23.41 -24.81 34.28
C SER F 37 -24.45 -24.97 33.16
N ASP F 38 -25.24 -23.91 32.93
CA ASP F 38 -26.29 -23.87 31.92
C ASP F 38 -26.07 -22.74 30.93
N GLU F 39 -25.43 -23.07 29.81
CA GLU F 39 -25.12 -22.14 28.73
C GLU F 39 -26.38 -21.68 28.00
N ASP F 40 -27.33 -22.61 27.79
CA ASP F 40 -28.59 -22.31 27.10
C ASP F 40 -29.37 -21.23 27.83
N ARG F 41 -29.37 -21.28 29.18
CA ARG F 41 -30.03 -20.30 30.02
C ARG F 41 -29.36 -18.94 29.89
N LEU F 42 -28.04 -18.95 29.65
CA LEU F 42 -27.29 -17.73 29.46
C LEU F 42 -27.66 -17.05 28.13
N ARG F 43 -27.92 -17.88 27.08
CA ARG F 43 -28.34 -17.44 25.75
C ARG F 43 -29.68 -16.72 25.87
N LYS F 44 -30.61 -17.33 26.65
CA LYS F 44 -31.96 -16.86 26.98
C LYS F 44 -31.96 -15.41 27.52
N LEU F 45 -30.82 -14.95 28.04
CA LEU F 45 -30.71 -13.60 28.59
C LEU F 45 -30.49 -12.51 27.54
N GLY F 46 -29.96 -12.88 26.38
CA GLY F 46 -29.70 -11.91 25.32
C GLY F 46 -28.38 -11.16 25.41
N VAL F 47 -27.35 -11.89 25.88
CA VAL F 47 -26.00 -11.40 26.05
C VAL F 47 -25.33 -11.03 24.72
N LYS F 48 -25.65 -11.79 23.64
CA LYS F 48 -25.10 -11.62 22.29
C LYS F 48 -25.18 -10.19 21.81
N ASP F 49 -26.38 -9.58 21.86
CA ASP F 49 -26.56 -8.20 21.40
C ASP F 49 -26.78 -7.20 22.53
N SER F 50 -25.83 -7.15 23.46
CA SER F 50 -25.89 -6.28 24.64
C SER F 50 -25.24 -4.90 24.50
N LYS F 51 -24.40 -4.69 23.46
CA LYS F 51 -23.71 -3.42 23.23
C LYS F 51 -24.66 -2.23 23.10
N LYS F 52 -25.80 -2.45 22.42
CA LYS F 52 -26.83 -1.43 22.18
C LYS F 52 -27.57 -0.99 23.44
N LEU F 53 -27.52 -1.81 24.49
CA LEU F 53 -28.23 -1.55 25.75
C LEU F 53 -27.74 -0.31 26.48
N SER F 54 -28.63 0.29 27.27
CA SER F 54 -28.31 1.45 28.09
C SER F 54 -27.45 1.01 29.27
N GLN F 55 -26.85 1.98 29.98
CA GLN F 55 -26.03 1.72 31.17
C GLN F 55 -26.89 1.02 32.24
N GLY F 56 -28.14 1.46 32.35
CA GLY F 56 -29.13 0.92 33.28
C GLY F 56 -29.50 -0.51 32.98
N ARG F 57 -29.75 -0.82 31.69
CA ARG F 57 -30.10 -2.17 31.23
C ARG F 57 -28.91 -3.11 31.32
N ARG F 58 -27.69 -2.62 31.06
CA ARG F 58 -26.46 -3.42 31.17
C ARG F 58 -26.25 -3.87 32.61
N GLU F 59 -26.53 -2.98 33.57
CA GLU F 59 -26.38 -3.28 35.00
C GLU F 59 -27.30 -4.40 35.41
N GLU F 60 -28.56 -4.36 34.94
CA GLU F 60 -29.58 -5.38 35.22
C GLU F 60 -29.14 -6.72 34.66
N LEU F 61 -28.65 -6.71 33.41
CA LEU F 61 -28.18 -7.91 32.73
C LEU F 61 -27.01 -8.55 33.46
N ALA F 62 -26.06 -7.73 33.96
CA ALA F 62 -24.91 -8.20 34.72
C ALA F 62 -25.37 -8.93 36.00
N GLU F 63 -26.40 -8.39 36.71
CA GLU F 63 -26.95 -9.03 37.90
C GLU F 63 -27.55 -10.38 37.55
N GLU F 64 -28.19 -10.51 36.38
CA GLU F 64 -28.77 -11.76 35.92
C GLU F 64 -27.69 -12.78 35.64
N ILE F 65 -26.58 -12.33 35.03
CA ILE F 65 -25.42 -13.20 34.75
C ILE F 65 -24.90 -13.75 36.09
N ARG F 66 -24.65 -12.86 37.08
CA ARG F 66 -24.11 -13.21 38.39
C ARG F 66 -24.94 -14.24 39.16
N LYS F 67 -26.28 -14.21 38.95
CA LYS F 67 -27.24 -15.12 39.58
C LYS F 67 -27.08 -16.57 39.13
N ILE F 68 -26.79 -16.78 37.84
CA ILE F 68 -26.71 -18.11 37.24
C ILE F 68 -25.29 -18.62 36.89
N CYS F 69 -24.27 -17.75 37.01
CA CYS F 69 -22.90 -18.10 36.66
C CYS F 69 -21.93 -17.72 37.74
N ARG F 70 -20.77 -18.38 37.72
CA ARG F 70 -19.69 -17.99 38.59
C ARG F 70 -18.95 -16.89 37.85
N THR F 71 -18.66 -15.79 38.55
CA THR F 71 -17.94 -14.67 37.94
C THR F 71 -16.72 -14.34 38.74
N GLU F 72 -15.64 -13.98 38.04
CA GLU F 72 -14.38 -13.59 38.64
C GLU F 72 -13.90 -12.31 37.99
N VAL F 73 -13.63 -11.26 38.81
CA VAL F 73 -13.20 -9.96 38.31
C VAL F 73 -11.84 -9.58 38.85
N LEU F 74 -11.04 -8.96 38.00
CA LEU F 74 -9.71 -8.49 38.31
C LEU F 74 -9.60 -7.05 37.80
N LYS F 75 -9.07 -6.14 38.63
CA LYS F 75 -8.90 -4.75 38.23
C LYS F 75 -7.47 -4.32 38.39
N VAL F 76 -6.92 -3.69 37.35
CA VAL F 76 -5.56 -3.16 37.39
C VAL F 76 -5.67 -1.64 37.35
N SER F 77 -5.30 -0.97 38.43
CA SER F 77 -5.36 0.48 38.54
C SER F 77 -4.44 1.19 37.53
N PRO F 78 -4.75 2.46 37.16
CA PRO F 78 -3.86 3.21 36.24
C PRO F 78 -2.40 3.23 36.72
N GLU F 79 -2.22 3.46 38.03
CA GLU F 79 -0.93 3.49 38.70
C GLU F 79 -0.18 2.17 38.47
N ASN F 80 -0.85 1.04 38.72
CA ASN F 80 -0.28 -0.30 38.55
C ASN F 80 -0.02 -0.68 37.10
N LEU F 81 -0.84 -0.13 36.17
CA LEU F 81 -0.63 -0.38 34.75
C LEU F 81 0.64 0.30 34.31
N ASP F 82 0.82 1.58 34.73
CA ASP F 82 2.00 2.39 34.42
C ASP F 82 3.26 1.72 34.91
N GLU F 83 3.19 1.13 36.12
CA GLU F 83 4.28 0.42 36.76
C GLU F 83 4.66 -0.80 35.93
N ARG F 84 3.67 -1.65 35.61
CA ARG F 84 3.84 -2.90 34.86
C ARG F 84 4.25 -2.71 33.41
N MET F 85 3.80 -1.62 32.78
CA MET F 85 4.09 -1.31 31.38
C MET F 85 5.52 -0.90 31.08
N ALA F 86 6.33 -0.72 32.14
CA ALA F 86 7.73 -0.38 31.99
C ALA F 86 8.46 -1.55 31.33
N ALA F 87 8.15 -2.77 31.80
CA ALA F 87 8.77 -3.99 31.30
C ALA F 87 7.88 -4.85 30.41
N LYS F 88 6.55 -4.62 30.43
CA LYS F 88 5.58 -5.42 29.68
C LYS F 88 4.68 -4.58 28.79
N THR F 89 4.22 -5.13 27.65
CA THR F 89 3.30 -4.44 26.74
C THR F 89 1.90 -4.59 27.33
N ILE F 90 0.92 -3.80 26.87
CA ILE F 90 -0.45 -3.93 27.38
C ILE F 90 -0.98 -5.35 27.18
N ASN F 91 -0.73 -5.94 26.01
CA ASN F 91 -1.18 -7.28 25.64
C ASN F 91 -0.56 -8.34 26.51
N GLU F 92 0.71 -8.18 26.94
CA GLU F 92 1.36 -9.14 27.83
C GLU F 92 0.70 -9.09 29.19
N ILE F 93 0.43 -7.85 29.71
CA ILE F 93 -0.27 -7.62 30.98
C ILE F 93 -1.64 -8.26 30.87
N LEU F 94 -2.33 -8.00 29.75
CA LEU F 94 -3.64 -8.58 29.51
C LEU F 94 -3.61 -10.12 29.53
N LYS F 95 -2.57 -10.72 28.93
CA LYS F 95 -2.35 -12.18 28.88
C LYS F 95 -2.17 -12.71 30.30
N GLU F 96 -1.41 -12.00 31.16
CA GLU F 96 -1.16 -12.35 32.55
C GLU F 96 -2.48 -12.37 33.31
N CYS F 97 -3.32 -11.36 33.08
CA CYS F 97 -4.64 -11.21 33.69
C CYS F 97 -5.56 -12.33 33.27
N TYR F 98 -5.54 -12.67 31.98
CA TYR F 98 -6.35 -13.73 31.41
C TYR F 98 -6.04 -15.05 32.10
N ALA F 99 -4.74 -15.37 32.27
CA ALA F 99 -4.29 -16.59 32.93
C ALA F 99 -4.75 -16.63 34.39
N GLU F 100 -4.62 -15.50 35.13
CA GLU F 100 -5.04 -15.38 36.53
C GLU F 100 -6.50 -15.74 36.70
N ILE F 101 -7.36 -15.18 35.83
CA ILE F 101 -8.80 -15.43 35.82
C ILE F 101 -9.12 -16.89 35.47
N ILE F 102 -8.43 -17.44 34.46
CA ILE F 102 -8.62 -18.83 34.05
C ILE F 102 -8.29 -19.77 35.20
N LEU F 103 -7.19 -19.47 35.90
CA LEU F 103 -6.75 -20.28 37.03
C LEU F 103 -7.66 -20.18 38.24
N ARG F 104 -8.40 -19.07 38.37
CA ARG F 104 -9.35 -18.89 39.47
C ARG F 104 -10.57 -19.77 39.22
N LEU F 105 -11.03 -19.80 37.96
CA LEU F 105 -12.22 -20.53 37.54
C LEU F 105 -12.04 -22.03 37.28
N LYS F 106 -10.81 -22.46 36.94
CA LYS F 106 -10.50 -23.86 36.62
C LYS F 106 -11.52 -24.47 35.62
N PRO F 107 -11.77 -23.87 34.43
CA PRO F 107 -12.72 -24.50 33.50
C PRO F 107 -12.08 -25.63 32.70
N GLU F 108 -12.91 -26.39 31.98
CA GLU F 108 -12.46 -27.48 31.12
C GLU F 108 -11.81 -26.86 29.87
N ILE F 109 -12.42 -25.78 29.37
CA ILE F 109 -11.96 -25.03 28.21
C ILE F 109 -12.33 -23.55 28.42
N ALA F 110 -11.41 -22.63 28.06
CA ALA F 110 -11.64 -21.20 28.22
C ALA F 110 -11.62 -20.45 26.90
N TYR F 111 -12.65 -19.64 26.65
CA TYR F 111 -12.76 -18.84 25.44
C TYR F 111 -12.41 -17.41 25.79
N VAL F 112 -11.40 -16.88 25.09
CA VAL F 112 -10.86 -15.55 25.34
C VAL F 112 -10.99 -14.68 24.10
N ASP F 113 -11.25 -13.38 24.30
CA ASP F 113 -11.29 -12.40 23.21
C ASP F 113 -9.86 -11.89 23.07
N SER F 114 -9.21 -12.19 21.93
CA SER F 114 -7.81 -11.83 21.69
C SER F 114 -7.61 -10.40 21.23
N PRO F 115 -6.78 -9.64 21.97
CA PRO F 115 -6.48 -8.26 21.55
C PRO F 115 -5.52 -8.22 20.34
N ASP F 116 -4.52 -9.13 20.32
CA ASP F 116 -3.51 -9.21 19.26
C ASP F 116 -4.12 -9.73 17.96
N VAL F 117 -3.46 -9.41 16.83
CA VAL F 117 -3.91 -9.76 15.47
C VAL F 117 -3.98 -11.28 15.14
N ILE F 118 -3.01 -12.09 15.64
CA ILE F 118 -3.00 -13.55 15.50
C ILE F 118 -3.20 -14.28 16.86
N PRO F 119 -4.47 -14.64 17.06
CA PRO F 119 -4.96 -15.25 18.32
C PRO F 119 -4.43 -16.63 18.64
N GLU F 120 -4.11 -17.42 17.60
CA GLU F 120 -3.60 -18.78 17.73
C GLU F 120 -2.38 -18.86 18.65
N ARG F 121 -1.47 -17.86 18.59
CA ARG F 121 -0.28 -17.80 19.44
C ARG F 121 -0.69 -17.56 20.89
N LEU F 122 -1.71 -16.69 21.12
CA LEU F 122 -2.20 -16.38 22.47
C LEU F 122 -2.77 -17.64 23.11
N SER F 123 -3.52 -18.45 22.34
CA SER F 123 -4.10 -19.71 22.79
C SER F 123 -2.98 -20.60 23.32
N ARG F 124 -1.91 -20.78 22.51
CA ARG F 124 -0.71 -21.61 22.80
C ARG F 124 0.03 -21.17 24.07
N GLU F 125 0.22 -19.85 24.27
CA GLU F 125 0.89 -19.28 25.44
C GLU F 125 0.04 -19.44 26.71
N LEU F 126 -1.30 -19.22 26.59
CA LEU F 126 -2.22 -19.36 27.70
C LEU F 126 -2.38 -20.79 28.16
N GLU F 127 -2.47 -21.75 27.20
CA GLU F 127 -2.57 -23.17 27.48
C GLU F 127 -1.32 -23.64 28.22
N GLU F 128 -0.16 -23.02 27.94
CA GLU F 128 1.10 -23.34 28.58
C GLU F 128 1.13 -22.82 30.01
N ILE F 129 0.65 -21.58 30.23
CA ILE F 129 0.63 -20.93 31.53
C ILE F 129 -0.36 -21.62 32.47
N THR F 130 -1.58 -21.90 31.98
CA THR F 130 -2.65 -22.49 32.76
C THR F 130 -2.62 -24.00 32.85
N GLY F 131 -2.29 -24.65 31.75
CA GLY F 131 -2.30 -26.12 31.68
C GLY F 131 -3.69 -26.59 31.31
N LEU F 132 -4.57 -25.65 30.93
CA LEU F 132 -5.94 -25.90 30.52
C LEU F 132 -6.09 -25.57 29.04
N ARG F 133 -7.15 -26.10 28.41
CA ARG F 133 -7.43 -25.84 27.00
C ARG F 133 -7.94 -24.39 26.86
N VAL F 134 -7.33 -23.60 25.95
CA VAL F 134 -7.72 -22.21 25.73
C VAL F 134 -7.97 -21.91 24.27
N VAL F 135 -9.07 -21.19 23.97
CA VAL F 135 -9.47 -20.80 22.62
C VAL F 135 -9.57 -19.27 22.55
N ALA F 136 -8.57 -18.62 21.94
CA ALA F 136 -8.59 -17.18 21.80
C ALA F 136 -8.96 -16.85 20.38
N GLU F 137 -9.95 -15.98 20.20
CA GLU F 137 -10.41 -15.58 18.87
C GLU F 137 -10.68 -14.07 18.80
N HIS F 138 -10.45 -13.47 17.64
CA HIS F 138 -10.74 -12.05 17.44
C HIS F 138 -12.24 -11.87 17.48
N LYS F 139 -12.71 -10.82 18.14
CA LYS F 139 -14.13 -10.54 18.33
C LYS F 139 -14.91 -11.76 18.89
N ALA F 140 -14.33 -12.48 19.88
CA ALA F 140 -14.99 -13.64 20.49
C ALA F 140 -16.27 -13.28 21.26
N ASP F 141 -16.43 -12.01 21.65
CA ASP F 141 -17.60 -11.49 22.37
C ASP F 141 -18.88 -11.58 21.55
N GLU F 142 -18.75 -11.68 20.21
CA GLU F 142 -19.90 -11.79 19.33
C GLU F 142 -20.00 -13.15 18.63
N LYS F 143 -19.47 -14.20 19.28
CA LYS F 143 -19.48 -15.56 18.78
C LYS F 143 -19.84 -16.52 19.92
N TYR F 144 -19.31 -16.24 21.14
CA TYR F 144 -19.53 -17.06 22.31
C TYR F 144 -20.31 -16.30 23.36
N PRO F 145 -21.51 -16.80 23.75
CA PRO F 145 -22.29 -16.11 24.79
C PRO F 145 -21.51 -15.89 26.09
N LEU F 146 -20.66 -16.87 26.45
CA LEU F 146 -19.79 -16.84 27.63
C LEU F 146 -18.87 -15.63 27.61
N VAL F 147 -18.27 -15.31 26.44
CA VAL F 147 -17.36 -14.17 26.29
C VAL F 147 -18.15 -12.87 26.33
N ALA F 148 -19.32 -12.84 25.66
CA ALA F 148 -20.21 -11.67 25.65
C ALA F 148 -20.59 -11.32 27.09
N ALA F 149 -20.89 -12.35 27.90
CA ALA F 149 -21.25 -12.22 29.31
C ALA F 149 -20.08 -11.63 30.08
N ALA F 150 -18.86 -12.13 29.81
CA ALA F 150 -17.64 -11.65 30.43
C ALA F 150 -17.45 -10.17 30.13
N SER F 151 -17.70 -9.78 28.88
CA SER F 151 -17.62 -8.40 28.41
C SER F 151 -18.57 -7.50 29.22
N ILE F 152 -19.83 -7.94 29.43
CA ILE F 152 -20.84 -7.21 30.19
C ILE F 152 -20.36 -6.94 31.60
N ILE F 153 -19.88 -8.01 32.28
CA ILE F 153 -19.34 -7.93 33.63
C ILE F 153 -18.20 -6.92 33.72
N ALA F 154 -17.19 -7.03 32.82
CA ALA F 154 -16.04 -6.15 32.81
C ALA F 154 -16.46 -4.68 32.61
N LYS F 155 -17.32 -4.38 31.62
CA LYS F 155 -17.81 -3.02 31.35
C LYS F 155 -18.54 -2.45 32.58
N VAL F 156 -19.45 -3.22 33.22
CA VAL F 156 -20.20 -2.78 34.39
C VAL F 156 -19.27 -2.43 35.57
N GLU F 157 -18.24 -3.26 35.81
CA GLU F 157 -17.28 -3.04 36.88
C GLU F 157 -16.45 -1.80 36.64
N ARG F 158 -16.01 -1.61 35.38
CA ARG F 158 -15.23 -0.45 34.99
C ARG F 158 -16.08 0.79 35.16
N GLU F 159 -17.31 0.78 34.62
CA GLU F 159 -18.24 1.89 34.69
C GLU F 159 -18.49 2.29 36.18
N ARG F 160 -18.56 1.31 37.11
CA ARG F 160 -18.75 1.65 38.51
C ARG F 160 -17.50 2.29 39.13
N GLU F 161 -16.29 1.87 38.70
CA GLU F 161 -15.05 2.49 39.19
C GLU F 161 -14.94 3.94 38.66
N ILE F 162 -15.39 4.16 37.37
CA ILE F 162 -15.46 5.47 36.71
C ILE F 162 -16.42 6.35 37.49
N GLU F 163 -17.54 5.79 37.96
CA GLU F 163 -18.52 6.53 38.75
C GLU F 163 -17.96 7.03 40.07
N ARG F 164 -17.13 6.21 40.71
CA ARG F 164 -16.47 6.56 41.97
C ARG F 164 -15.51 7.75 41.72
N LEU F 165 -14.82 7.70 40.57
CA LEU F 165 -13.89 8.73 40.14
C LEU F 165 -14.58 10.04 39.81
N LYS F 166 -15.77 9.98 39.18
CA LYS F 166 -16.55 11.17 38.82
C LYS F 166 -17.01 11.85 40.08
N GLU F 167 -17.19 11.04 41.15
CA GLU F 167 -17.62 11.56 42.44
C GLU F 167 -16.55 12.48 43.03
N LYS F 168 -15.28 12.11 42.83
CA LYS F 168 -14.14 12.88 43.35
C LYS F 168 -13.76 14.03 42.40
N PHE F 169 -13.55 13.70 41.11
CA PHE F 169 -13.06 14.62 40.10
C PHE F 169 -14.04 15.33 39.13
N GLY F 170 -15.32 15.01 39.16
CA GLY F 170 -16.30 15.60 38.26
C GLY F 170 -16.55 14.76 37.03
N ASP F 171 -17.51 15.19 36.17
CA ASP F 171 -17.80 14.38 34.97
C ASP F 171 -16.79 14.61 33.89
N PHE F 172 -15.87 13.66 33.74
CA PHE F 172 -14.81 13.71 32.73
C PHE F 172 -15.16 12.85 31.51
N GLY F 173 -16.43 12.47 31.37
CA GLY F 173 -16.86 11.63 30.25
C GLY F 173 -16.49 10.18 30.44
N SER F 174 -16.29 9.46 29.32
CA SER F 174 -16.00 8.03 29.34
C SER F 174 -14.64 7.64 29.84
N GLY F 175 -13.64 8.47 29.59
CA GLY F 175 -12.27 8.18 29.96
C GLY F 175 -11.45 7.76 28.76
N TYR F 176 -12.05 7.81 27.57
CA TYR F 176 -11.40 7.47 26.31
C TYR F 176 -11.04 8.73 25.56
N ALA F 177 -9.84 8.79 24.96
CA ALA F 177 -9.36 9.96 24.19
C ALA F 177 -10.29 10.33 23.03
N SER F 178 -11.09 9.35 22.55
CA SER F 178 -12.08 9.56 21.49
C SER F 178 -13.29 10.40 21.97
N ASP F 179 -13.61 10.38 23.30
CA ASP F 179 -14.73 11.15 23.86
C ASP F 179 -14.32 12.63 23.94
N PRO F 180 -15.06 13.51 23.23
CA PRO F 180 -14.74 14.95 23.29
C PRO F 180 -14.83 15.53 24.71
N ARG F 181 -15.76 15.02 25.57
CA ARG F 181 -15.88 15.45 26.96
C ARG F 181 -14.58 15.14 27.70
N THR F 182 -14.00 13.95 27.44
CA THR F 182 -12.75 13.53 28.05
C THR F 182 -11.63 14.44 27.65
N ARG F 183 -11.50 14.75 26.35
CA ARG F 183 -10.48 15.64 25.85
C ARG F 183 -10.61 17.02 26.50
N GLU F 184 -11.83 17.59 26.61
CA GLU F 184 -12.06 18.92 27.22
C GLU F 184 -11.53 18.96 28.63
N VAL F 185 -12.04 18.02 29.47
CA VAL F 185 -11.68 17.91 30.87
C VAL F 185 -10.19 17.64 31.01
N LEU F 186 -9.65 16.68 30.25
CA LEU F 186 -8.21 16.42 30.31
C LEU F 186 -7.42 17.65 29.93
N LYS F 187 -7.84 18.39 28.90
CA LYS F 187 -7.15 19.58 28.45
C LYS F 187 -7.04 20.57 29.62
N GLU F 188 -8.17 20.85 30.32
CA GLU F 188 -8.16 21.77 31.47
C GLU F 188 -7.37 21.26 32.65
N TRP F 189 -7.42 19.93 32.93
CA TRP F 189 -6.63 19.33 34.00
C TRP F 189 -5.14 19.50 33.70
N ILE F 190 -4.72 19.27 32.44
CA ILE F 190 -3.34 19.41 32.00
C ILE F 190 -2.90 20.86 32.19
N ALA F 191 -3.74 21.83 31.73
CA ALA F 191 -3.50 23.25 31.82
C ALA F 191 -3.38 23.71 33.27
N SER F 192 -4.15 23.09 34.19
CA SER F 192 -4.15 23.42 35.61
C SER F 192 -2.87 22.94 36.29
N GLY F 193 -2.22 21.95 35.69
CA GLY F 193 -0.99 21.36 36.24
C GLY F 193 -1.30 20.34 37.31
N ARG F 194 -2.60 20.16 37.61
CA ARG F 194 -3.10 19.25 38.64
C ARG F 194 -3.82 18.11 37.94
N ILE F 195 -3.06 17.07 37.60
CA ILE F 195 -3.61 15.89 36.93
C ILE F 195 -3.80 14.76 37.94
N PRO F 196 -5.08 14.30 38.11
CA PRO F 196 -5.38 13.23 39.07
C PRO F 196 -4.64 11.94 38.76
N SER F 197 -4.42 11.13 39.81
CA SER F 197 -3.71 9.83 39.74
C SER F 197 -4.39 8.79 38.81
N CYS F 198 -5.73 8.91 38.63
CA CYS F 198 -6.51 8.02 37.76
C CYS F 198 -6.17 8.18 36.29
N VAL F 199 -5.36 9.18 35.93
CA VAL F 199 -4.99 9.47 34.54
C VAL F 199 -3.68 8.76 34.18
N ARG F 200 -3.76 7.83 33.22
CA ARG F 200 -2.63 7.05 32.71
C ARG F 200 -1.55 7.85 32.01
N MET F 201 -0.29 7.43 32.19
CA MET F 201 0.94 7.96 31.61
C MET F 201 0.76 8.38 30.14
N ARG F 202 -0.03 7.60 29.35
CA ARG F 202 -0.34 7.79 27.93
C ARG F 202 -1.00 9.11 27.58
N TRP F 203 -1.59 9.83 28.56
CA TRP F 203 -2.21 11.14 28.30
C TRP F 203 -1.15 12.07 27.66
N LYS F 204 0.10 11.83 28.01
CA LYS F 204 1.27 12.58 27.58
C LYS F 204 1.47 12.41 26.07
N THR F 205 1.12 11.22 25.57
CA THR F 205 1.21 10.78 24.19
C THR F 205 0.13 11.39 23.30
N VAL F 206 -1.09 11.66 23.85
CA VAL F 206 -2.15 12.30 23.03
C VAL F 206 -1.86 13.80 22.89
N SER F 207 -1.44 14.15 21.68
CA SER F 207 -0.92 15.45 21.31
C SER F 207 -1.87 16.60 21.45
N ASN F 208 -3.09 16.49 20.91
CA ASN F 208 -4.08 17.57 20.95
C ASN F 208 -4.34 18.16 22.37
N LEU F 209 -4.34 17.27 23.41
CA LEU F 209 -4.47 17.53 24.86
C LEU F 209 -3.53 18.63 25.41
N ARG F 210 -2.42 18.88 24.73
CA ARG F 210 -1.48 19.93 25.13
C ARG F 210 -1.40 21.05 24.11
N GLN F 211 -1.85 20.83 22.88
CA GLN F 211 -1.78 21.87 21.87
C GLN F 211 -2.79 22.94 22.24
N LYS F 212 -2.28 24.16 22.51
CA LYS F 212 -3.08 25.34 22.85
C LYS F 212 -3.55 25.97 21.54
N THR F 213 -4.56 26.85 21.58
CA THR F 213 -5.05 27.60 20.40
C THR F 213 -4.66 29.07 20.52
N LEU F 214 -4.68 29.79 19.39
CA LEU F 214 -4.34 31.22 19.34
C LEU F 214 -5.28 32.10 20.22
N ASP F 215 -6.48 31.57 20.57
CA ASP F 215 -7.47 32.26 21.41
C ASP F 215 -7.05 32.36 22.86
N ASP F 216 -6.16 31.48 23.31
CA ASP F 216 -5.66 31.46 24.68
C ASP F 216 -4.64 32.61 24.93
N PHE F 217 -4.42 33.50 23.92
CA PHE F 217 -3.43 34.60 23.98
C PHE F 217 -3.97 35.95 23.48
#